data_2JJW
# 
_entry.id   2JJW 
# 
_audit_conform.dict_name       mmcif_pdbx.dic 
_audit_conform.dict_version    5.398 
_audit_conform.dict_location   http://mmcif.pdb.org/dictionaries/ascii/mmcif_pdbx.dic 
# 
loop_
_database_2.database_id 
_database_2.database_code 
_database_2.pdbx_database_accession 
_database_2.pdbx_DOI 
PDB   2JJW         pdb_00002jjw 10.2210/pdb2jjw/pdb 
PDBE  EBI-36012    ?            ?                   
WWPDB D_1290036012 ?            ?                   
# 
loop_
_pdbx_audit_revision_history.ordinal 
_pdbx_audit_revision_history.data_content_type 
_pdbx_audit_revision_history.major_revision 
_pdbx_audit_revision_history.minor_revision 
_pdbx_audit_revision_history.revision_date 
1 'Structure model' 1 0 2008-08-05 
2 'Structure model' 1 1 2011-05-07 
3 'Structure model' 1 2 2011-07-13 
4 'Structure model' 1 3 2019-04-03 
5 'Structure model' 1 4 2023-12-13 
6 'Structure model' 1 5 2024-11-06 
# 
_pdbx_audit_revision_details.ordinal             1 
_pdbx_audit_revision_details.revision_ordinal    1 
_pdbx_audit_revision_details.data_content_type   'Structure model' 
_pdbx_audit_revision_details.provider            repository 
_pdbx_audit_revision_details.type                'Initial release' 
_pdbx_audit_revision_details.description         ? 
_pdbx_audit_revision_details.details             ? 
# 
loop_
_pdbx_audit_revision_group.ordinal 
_pdbx_audit_revision_group.revision_ordinal 
_pdbx_audit_revision_group.data_content_type 
_pdbx_audit_revision_group.group 
1  2 'Structure model' 'Version format compliance' 
2  3 'Structure model' 'Version format compliance' 
3  4 'Structure model' 'Data collection'           
4  4 'Structure model' Other                       
5  4 'Structure model' 'Source and taxonomy'       
6  5 'Structure model' 'Data collection'           
7  5 'Structure model' 'Database references'       
8  5 'Structure model' Other                       
9  5 'Structure model' 'Refinement description'    
10 6 'Structure model' 'Structure summary'         
# 
loop_
_pdbx_audit_revision_category.ordinal 
_pdbx_audit_revision_category.revision_ordinal 
_pdbx_audit_revision_category.data_content_type 
_pdbx_audit_revision_category.category 
1  4 'Structure model' entity_src_gen                
2  4 'Structure model' pdbx_database_proc            
3  4 'Structure model' pdbx_database_status          
4  5 'Structure model' chem_comp_atom                
5  5 'Structure model' chem_comp_bond                
6  5 'Structure model' database_2                    
7  5 'Structure model' pdbx_database_status          
8  5 'Structure model' pdbx_initial_refinement_model 
9  6 'Structure model' pdbx_entry_details            
10 6 'Structure model' pdbx_modification_feature     
# 
loop_
_pdbx_audit_revision_item.ordinal 
_pdbx_audit_revision_item.revision_ordinal 
_pdbx_audit_revision_item.data_content_type 
_pdbx_audit_revision_item.item 
1 4 'Structure model' '_entity_src_gen.pdbx_host_org_cell_line'      
2 4 'Structure model' '_pdbx_database_status.recvd_author_approval'  
3 5 'Structure model' '_database_2.pdbx_DOI'                         
4 5 'Structure model' '_database_2.pdbx_database_accession'          
5 5 'Structure model' '_pdbx_database_status.status_code_sf'         
6 6 'Structure model' '_pdbx_entry_details.has_protein_modification' 
# 
_pdbx_database_status.status_code                     REL 
_pdbx_database_status.entry_id                        2JJW 
_pdbx_database_status.deposit_site                    PDBE 
_pdbx_database_status.process_site                    PDBE 
_pdbx_database_status.SG_entry                        . 
_pdbx_database_status.recvd_initial_deposition_date   2008-04-22 
_pdbx_database_status.pdb_format_compatible           Y 
_pdbx_database_status.status_code_sf                  REL 
_pdbx_database_status.status_code_mr                  ? 
_pdbx_database_status.status_code_cs                  ? 
_pdbx_database_status.methods_development_category    ? 
_pdbx_database_status.status_code_nmr_data            ? 
# 
loop_
_pdbx_database_related.db_name 
_pdbx_database_related.db_id 
_pdbx_database_related.content_type 
_pdbx_database_related.details 
PDB 2JJU unspecified 'STRUCTURE OF HUMAN SIGNAL REGULATORY PROTEIN (SIRP) BETA'                         
PDB 2JJV unspecified 'STRUCTURE OF HUMAN SIGNAL REGULATORY PROTEIN (SIRP) BETA(2)'                      
PDB 2UV3 unspecified 'STRUCTURE OF THE SIGNAL-REGULATORY PROTEIN ( SIRP) ALPHA DOMAIN THAT BINDS CD47.' 
# 
loop_
_audit_author.name 
_audit_author.pdbx_ordinal 
'Hatherley, D.' 1 
'Graham, S.C.'  2 
'Turner, J.'    3 
'Harlos, K.'    4 
'Stuart, D.I.'  5 
'Barclay, A.N.' 6 
# 
_citation.id                        primary 
_citation.title                     
'Paired Receptor Specificity Explained by Structures of Signal Regulatory Proteins Alone and Complexed with Cd47.' 
_citation.journal_abbrev            Mol.Cell 
_citation.journal_volume            31 
_citation.page_first                266 
_citation.page_last                 ? 
_citation.year                      2008 
_citation.journal_id_ASTM           MOCEFL 
_citation.country                   US 
_citation.journal_id_ISSN           1097-2765 
_citation.journal_id_CSD            2168 
_citation.book_publisher            ? 
_citation.pdbx_database_id_PubMed   18657508 
_citation.pdbx_database_id_DOI      10.1016/J.MOLCEL.2008.05.026 
# 
loop_
_citation_author.citation_id 
_citation_author.name 
_citation_author.ordinal 
_citation_author.identifier_ORCID 
primary 'Hatherley, D.' 1 ? 
primary 'Graham, S.C.'  2 ? 
primary 'Turner, J.'    3 ? 
primary 'Harlos, K.'    4 ? 
primary 'Stuart, D.I.'  5 ? 
primary 'Barclay, A.N.' 6 ? 
# 
loop_
_entity.id 
_entity.type 
_entity.src_method 
_entity.pdbx_description 
_entity.formula_weight 
_entity.pdbx_number_of_molecules 
_entity.pdbx_ec 
_entity.pdbx_mutation 
_entity.pdbx_fragment 
_entity.details 
1 polymer man 'SIGNAL REGULATORY PROTEIN GAMMA' 14213.292 1  ? ? 'N-TERMINAL ECTODOMAIN, RESIDUES 29-147' 'ISOFORM 4' 
2 water   nat water                             18.015    74 ? ? ?                                        ?           
# 
_entity_name_com.entity_id   1 
_entity_name_com.name        'SIRP GAMMA, SIGNAL-REGULATORY PROTEIN BETA-2, SIRP-BETA-2, SIRP-B2, CD172G ANTIGEN' 
# 
_entity_poly.entity_id                      1 
_entity_poly.type                           'polypeptide(L)' 
_entity_poly.nstd_linkage                   no 
_entity_poly.nstd_monomer                   no 
_entity_poly.pdbx_seq_one_letter_code       
;EEELQMIQPEKLLLVTVGKTATLHCTVTSLLPVGPVLWFRGVGPGRELIYNQKEGHFPRVTTVSDLTKRNNMDFSIRISS
ITPADVGTYYCVKFRKGSPENVEFKSGPGTEMALGAKPSTRHHHHHH
;
_entity_poly.pdbx_seq_one_letter_code_can   
;EEELQMIQPEKLLLVTVGKTATLHCTVTSLLPVGPVLWFRGVGPGRELIYNQKEGHFPRVTTVSDLTKRNNMDFSIRISS
ITPADVGTYYCVKFRKGSPENVEFKSGPGTEMALGAKPSTRHHHHHH
;
_entity_poly.pdbx_strand_id                 A 
_entity_poly.pdbx_target_identifier         ? 
# 
_pdbx_entity_nonpoly.entity_id   2 
_pdbx_entity_nonpoly.name        water 
_pdbx_entity_nonpoly.comp_id     HOH 
# 
loop_
_entity_poly_seq.entity_id 
_entity_poly_seq.num 
_entity_poly_seq.mon_id 
_entity_poly_seq.hetero 
1 1   GLU n 
1 2   GLU n 
1 3   GLU n 
1 4   LEU n 
1 5   GLN n 
1 6   MET n 
1 7   ILE n 
1 8   GLN n 
1 9   PRO n 
1 10  GLU n 
1 11  LYS n 
1 12  LEU n 
1 13  LEU n 
1 14  LEU n 
1 15  VAL n 
1 16  THR n 
1 17  VAL n 
1 18  GLY n 
1 19  LYS n 
1 20  THR n 
1 21  ALA n 
1 22  THR n 
1 23  LEU n 
1 24  HIS n 
1 25  CYS n 
1 26  THR n 
1 27  VAL n 
1 28  THR n 
1 29  SER n 
1 30  LEU n 
1 31  LEU n 
1 32  PRO n 
1 33  VAL n 
1 34  GLY n 
1 35  PRO n 
1 36  VAL n 
1 37  LEU n 
1 38  TRP n 
1 39  PHE n 
1 40  ARG n 
1 41  GLY n 
1 42  VAL n 
1 43  GLY n 
1 44  PRO n 
1 45  GLY n 
1 46  ARG n 
1 47  GLU n 
1 48  LEU n 
1 49  ILE n 
1 50  TYR n 
1 51  ASN n 
1 52  GLN n 
1 53  LYS n 
1 54  GLU n 
1 55  GLY n 
1 56  HIS n 
1 57  PHE n 
1 58  PRO n 
1 59  ARG n 
1 60  VAL n 
1 61  THR n 
1 62  THR n 
1 63  VAL n 
1 64  SER n 
1 65  ASP n 
1 66  LEU n 
1 67  THR n 
1 68  LYS n 
1 69  ARG n 
1 70  ASN n 
1 71  ASN n 
1 72  MET n 
1 73  ASP n 
1 74  PHE n 
1 75  SER n 
1 76  ILE n 
1 77  ARG n 
1 78  ILE n 
1 79  SER n 
1 80  SER n 
1 81  ILE n 
1 82  THR n 
1 83  PRO n 
1 84  ALA n 
1 85  ASP n 
1 86  VAL n 
1 87  GLY n 
1 88  THR n 
1 89  TYR n 
1 90  TYR n 
1 91  CYS n 
1 92  VAL n 
1 93  LYS n 
1 94  PHE n 
1 95  ARG n 
1 96  LYS n 
1 97  GLY n 
1 98  SER n 
1 99  PRO n 
1 100 GLU n 
1 101 ASN n 
1 102 VAL n 
1 103 GLU n 
1 104 PHE n 
1 105 LYS n 
1 106 SER n 
1 107 GLY n 
1 108 PRO n 
1 109 GLY n 
1 110 THR n 
1 111 GLU n 
1 112 MET n 
1 113 ALA n 
1 114 LEU n 
1 115 GLY n 
1 116 ALA n 
1 117 LYS n 
1 118 PRO n 
1 119 SER n 
1 120 THR n 
1 121 ARG n 
1 122 HIS n 
1 123 HIS n 
1 124 HIS n 
1 125 HIS n 
1 126 HIS n 
1 127 HIS n 
# 
_entity_src_gen.entity_id                          1 
_entity_src_gen.pdbx_src_id                        1 
_entity_src_gen.pdbx_alt_source_flag               sample 
_entity_src_gen.pdbx_seq_type                      ? 
_entity_src_gen.pdbx_beg_seq_num                   ? 
_entity_src_gen.pdbx_end_seq_num                   ? 
_entity_src_gen.gene_src_common_name               HUMAN 
_entity_src_gen.gene_src_genus                     ? 
_entity_src_gen.pdbx_gene_src_gene                 ? 
_entity_src_gen.gene_src_species                   ? 
_entity_src_gen.gene_src_strain                    ? 
_entity_src_gen.gene_src_tissue                    ? 
_entity_src_gen.gene_src_tissue_fraction           ? 
_entity_src_gen.gene_src_details                   ? 
_entity_src_gen.pdbx_gene_src_fragment             ? 
_entity_src_gen.pdbx_gene_src_scientific_name      'HOMO SAPIENS' 
_entity_src_gen.pdbx_gene_src_ncbi_taxonomy_id     9606 
_entity_src_gen.pdbx_gene_src_variant              ? 
_entity_src_gen.pdbx_gene_src_cell_line            ? 
_entity_src_gen.pdbx_gene_src_atcc                 ? 
_entity_src_gen.pdbx_gene_src_organ                ? 
_entity_src_gen.pdbx_gene_src_organelle            ? 
_entity_src_gen.pdbx_gene_src_cell                 ? 
_entity_src_gen.pdbx_gene_src_cellular_location    ? 
_entity_src_gen.host_org_common_name               ? 
_entity_src_gen.pdbx_host_org_scientific_name      'CRICETULUS GRISEUS' 
_entity_src_gen.pdbx_host_org_ncbi_taxonomy_id     10029 
_entity_src_gen.host_org_genus                     ? 
_entity_src_gen.pdbx_host_org_gene                 ? 
_entity_src_gen.pdbx_host_org_organ                ? 
_entity_src_gen.host_org_species                   ? 
_entity_src_gen.pdbx_host_org_tissue               ? 
_entity_src_gen.pdbx_host_org_tissue_fraction      ? 
_entity_src_gen.pdbx_host_org_strain               ? 
_entity_src_gen.pdbx_host_org_variant              LEC3.2.8.1 
_entity_src_gen.pdbx_host_org_cell_line            CHO 
_entity_src_gen.pdbx_host_org_atcc                 ? 
_entity_src_gen.pdbx_host_org_culture_collection   ? 
_entity_src_gen.pdbx_host_org_cell                 ? 
_entity_src_gen.pdbx_host_org_organelle            ? 
_entity_src_gen.pdbx_host_org_cellular_location    ? 
_entity_src_gen.pdbx_host_org_vector_type          PLASMID 
_entity_src_gen.pdbx_host_org_vector               ? 
_entity_src_gen.host_org_details                   ? 
_entity_src_gen.expression_system_id               ? 
_entity_src_gen.plasmid_name                       PEE14 
_entity_src_gen.plasmid_details                    ? 
_entity_src_gen.pdbx_description                   ? 
# 
loop_
_chem_comp.id 
_chem_comp.type 
_chem_comp.mon_nstd_flag 
_chem_comp.name 
_chem_comp.pdbx_synonyms 
_chem_comp.formula 
_chem_comp.formula_weight 
ALA 'L-peptide linking' y ALANINE         ? 'C3 H7 N O2'     89.093  
ARG 'L-peptide linking' y ARGININE        ? 'C6 H15 N4 O2 1' 175.209 
ASN 'L-peptide linking' y ASPARAGINE      ? 'C4 H8 N2 O3'    132.118 
ASP 'L-peptide linking' y 'ASPARTIC ACID' ? 'C4 H7 N O4'     133.103 
CYS 'L-peptide linking' y CYSTEINE        ? 'C3 H7 N O2 S'   121.158 
GLN 'L-peptide linking' y GLUTAMINE       ? 'C5 H10 N2 O3'   146.144 
GLU 'L-peptide linking' y 'GLUTAMIC ACID' ? 'C5 H9 N O4'     147.129 
GLY 'peptide linking'   y GLYCINE         ? 'C2 H5 N O2'     75.067  
HIS 'L-peptide linking' y HISTIDINE       ? 'C6 H10 N3 O2 1' 156.162 
HOH non-polymer         . WATER           ? 'H2 O'           18.015  
ILE 'L-peptide linking' y ISOLEUCINE      ? 'C6 H13 N O2'    131.173 
LEU 'L-peptide linking' y LEUCINE         ? 'C6 H13 N O2'    131.173 
LYS 'L-peptide linking' y LYSINE          ? 'C6 H15 N2 O2 1' 147.195 
MET 'L-peptide linking' y METHIONINE      ? 'C5 H11 N O2 S'  149.211 
PHE 'L-peptide linking' y PHENYLALANINE   ? 'C9 H11 N O2'    165.189 
PRO 'L-peptide linking' y PROLINE         ? 'C5 H9 N O2'     115.130 
SER 'L-peptide linking' y SERINE          ? 'C3 H7 N O3'     105.093 
THR 'L-peptide linking' y THREONINE       ? 'C4 H9 N O3'     119.119 
TRP 'L-peptide linking' y TRYPTOPHAN      ? 'C11 H12 N2 O2'  204.225 
TYR 'L-peptide linking' y TYROSINE        ? 'C9 H11 N O3'    181.189 
VAL 'L-peptide linking' y VALINE          ? 'C5 H11 N O2'    117.146 
# 
loop_
_pdbx_poly_seq_scheme.asym_id 
_pdbx_poly_seq_scheme.entity_id 
_pdbx_poly_seq_scheme.seq_id 
_pdbx_poly_seq_scheme.mon_id 
_pdbx_poly_seq_scheme.ndb_seq_num 
_pdbx_poly_seq_scheme.pdb_seq_num 
_pdbx_poly_seq_scheme.auth_seq_num 
_pdbx_poly_seq_scheme.pdb_mon_id 
_pdbx_poly_seq_scheme.auth_mon_id 
_pdbx_poly_seq_scheme.pdb_strand_id 
_pdbx_poly_seq_scheme.pdb_ins_code 
_pdbx_poly_seq_scheme.hetero 
A 1 1   GLU 1   1   ?   ?   ?   A . n 
A 1 2   GLU 2   2   ?   ?   ?   A . n 
A 1 3   GLU 3   3   ?   ?   ?   A . n 
A 1 4   LEU 4   4   4   LEU LEU A . n 
A 1 5   GLN 5   5   5   GLN GLN A . n 
A 1 6   MET 6   6   6   MET MET A . n 
A 1 7   ILE 7   7   7   ILE ILE A . n 
A 1 8   GLN 8   8   8   GLN GLN A . n 
A 1 9   PRO 9   9   9   PRO PRO A . n 
A 1 10  GLU 10  10  10  GLU GLU A . n 
A 1 11  LYS 11  11  11  LYS LYS A . n 
A 1 12  LEU 12  12  12  LEU LEU A . n 
A 1 13  LEU 13  13  13  LEU LEU A . n 
A 1 14  LEU 14  14  14  LEU LEU A . n 
A 1 15  VAL 15  15  15  VAL VAL A . n 
A 1 16  THR 16  16  16  THR THR A . n 
A 1 17  VAL 17  17  17  VAL VAL A . n 
A 1 18  GLY 18  18  18  GLY GLY A . n 
A 1 19  LYS 19  19  19  LYS LYS A . n 
A 1 20  THR 20  20  20  THR THR A . n 
A 1 21  ALA 21  21  21  ALA ALA A . n 
A 1 22  THR 22  22  22  THR THR A . n 
A 1 23  LEU 23  23  23  LEU LEU A . n 
A 1 24  HIS 24  24  24  HIS HIS A . n 
A 1 25  CYS 25  25  25  CYS CYS A . n 
A 1 26  THR 26  26  26  THR THR A . n 
A 1 27  VAL 27  27  27  VAL VAL A . n 
A 1 28  THR 28  28  28  THR THR A . n 
A 1 29  SER 29  29  29  SER SER A . n 
A 1 30  LEU 30  30  30  LEU LEU A . n 
A 1 31  LEU 31  31  31  LEU LEU A . n 
A 1 32  PRO 32  32  32  PRO PRO A . n 
A 1 33  VAL 33  33  33  VAL VAL A . n 
A 1 34  GLY 34  34  34  GLY GLY A . n 
A 1 35  PRO 35  35  35  PRO PRO A . n 
A 1 36  VAL 36  36  36  VAL VAL A . n 
A 1 37  LEU 37  37  37  LEU LEU A . n 
A 1 38  TRP 38  38  38  TRP TRP A . n 
A 1 39  PHE 39  39  39  PHE PHE A . n 
A 1 40  ARG 40  40  40  ARG ARG A . n 
A 1 41  GLY 41  41  41  GLY GLY A . n 
A 1 42  VAL 42  42  42  VAL VAL A . n 
A 1 43  GLY 43  43  43  GLY GLY A . n 
A 1 44  PRO 44  44  44  PRO PRO A . n 
A 1 45  GLY 45  45  45  GLY GLY A . n 
A 1 46  ARG 46  46  46  ARG ARG A . n 
A 1 47  GLU 47  47  47  GLU GLU A . n 
A 1 48  LEU 48  48  48  LEU LEU A . n 
A 1 49  ILE 49  49  49  ILE ILE A . n 
A 1 50  TYR 50  50  50  TYR TYR A . n 
A 1 51  ASN 51  51  51  ASN ASN A . n 
A 1 52  GLN 52  52  52  GLN GLN A . n 
A 1 53  LYS 53  53  53  LYS LYS A . n 
A 1 54  GLU 54  54  54  GLU GLU A . n 
A 1 55  GLY 55  55  55  GLY GLY A . n 
A 1 56  HIS 56  56  56  HIS HIS A . n 
A 1 57  PHE 57  57  57  PHE PHE A . n 
A 1 58  PRO 58  58  58  PRO PRO A . n 
A 1 59  ARG 59  59  59  ARG ARG A . n 
A 1 60  VAL 60  60  60  VAL VAL A . n 
A 1 61  THR 61  61  61  THR THR A . n 
A 1 62  THR 62  62  62  THR THR A . n 
A 1 63  VAL 63  63  63  VAL VAL A . n 
A 1 64  SER 64  64  64  SER SER A . n 
A 1 65  ASP 65  65  65  ASP ASP A . n 
A 1 66  LEU 66  66  66  LEU LEU A . n 
A 1 67  THR 67  67  67  THR THR A . n 
A 1 68  LYS 68  68  68  LYS LYS A . n 
A 1 69  ARG 69  69  69  ARG ARG A . n 
A 1 70  ASN 70  70  70  ASN ASN A . n 
A 1 71  ASN 71  71  71  ASN ASN A . n 
A 1 72  MET 72  72  72  MET MET A . n 
A 1 73  ASP 73  73  73  ASP ASP A . n 
A 1 74  PHE 74  74  74  PHE PHE A . n 
A 1 75  SER 75  75  75  SER SER A . n 
A 1 76  ILE 76  76  76  ILE ILE A . n 
A 1 77  ARG 77  77  77  ARG ARG A . n 
A 1 78  ILE 78  78  78  ILE ILE A . n 
A 1 79  SER 79  79  79  SER SER A . n 
A 1 80  SER 80  80  80  SER SER A . n 
A 1 81  ILE 81  81  81  ILE ILE A . n 
A 1 82  THR 82  82  82  THR THR A . n 
A 1 83  PRO 83  83  83  PRO PRO A . n 
A 1 84  ALA 84  84  84  ALA ALA A . n 
A 1 85  ASP 85  85  85  ASP ASP A . n 
A 1 86  VAL 86  86  86  VAL VAL A . n 
A 1 87  GLY 87  87  87  GLY GLY A . n 
A 1 88  THR 88  88  88  THR THR A . n 
A 1 89  TYR 89  89  89  TYR TYR A . n 
A 1 90  TYR 90  90  90  TYR TYR A . n 
A 1 91  CYS 91  91  91  CYS CYS A . n 
A 1 92  VAL 92  92  92  VAL VAL A . n 
A 1 93  LYS 93  93  93  LYS LYS A . n 
A 1 94  PHE 94  94  94  PHE PHE A . n 
A 1 95  ARG 95  95  95  ARG ARG A . n 
A 1 96  LYS 96  96  96  LYS LYS A . n 
A 1 97  GLY 97  97  ?   ?   ?   A . n 
A 1 98  SER 98  98  ?   ?   ?   A . n 
A 1 99  PRO 99  99  ?   ?   ?   A . n 
A 1 100 GLU 100 100 ?   ?   ?   A . n 
A 1 101 ASN 101 101 101 ASN ASN A . n 
A 1 102 VAL 102 102 102 VAL VAL A . n 
A 1 103 GLU 103 103 103 GLU GLU A . n 
A 1 104 PHE 104 104 104 PHE PHE A . n 
A 1 105 LYS 105 105 105 LYS LYS A . n 
A 1 106 SER 106 106 106 SER SER A . n 
A 1 107 GLY 107 107 107 GLY GLY A . n 
A 1 108 PRO 108 108 108 PRO PRO A . n 
A 1 109 GLY 109 109 109 GLY GLY A . n 
A 1 110 THR 110 110 110 THR THR A . n 
A 1 111 GLU 111 111 111 GLU GLU A . n 
A 1 112 MET 112 112 112 MET MET A . n 
A 1 113 ALA 113 113 113 ALA ALA A . n 
A 1 114 LEU 114 114 114 LEU LEU A . n 
A 1 115 GLY 115 115 115 GLY GLY A . n 
A 1 116 ALA 116 116 116 ALA ALA A . n 
A 1 117 LYS 117 117 117 LYS LYS A . n 
A 1 118 PRO 118 118 118 PRO PRO A . n 
A 1 119 SER 119 119 ?   ?   ?   A . n 
A 1 120 THR 120 120 ?   ?   ?   A . n 
A 1 121 ARG 121 121 ?   ?   ?   A . n 
A 1 122 HIS 122 122 ?   ?   ?   A . n 
A 1 123 HIS 123 123 ?   ?   ?   A . n 
A 1 124 HIS 124 124 ?   ?   ?   A . n 
A 1 125 HIS 125 125 ?   ?   ?   A . n 
A 1 126 HIS 126 126 ?   ?   ?   A . n 
A 1 127 HIS 127 127 ?   ?   ?   A . n 
# 
loop_
_pdbx_nonpoly_scheme.asym_id 
_pdbx_nonpoly_scheme.entity_id 
_pdbx_nonpoly_scheme.mon_id 
_pdbx_nonpoly_scheme.ndb_seq_num 
_pdbx_nonpoly_scheme.pdb_seq_num 
_pdbx_nonpoly_scheme.auth_seq_num 
_pdbx_nonpoly_scheme.pdb_mon_id 
_pdbx_nonpoly_scheme.auth_mon_id 
_pdbx_nonpoly_scheme.pdb_strand_id 
_pdbx_nonpoly_scheme.pdb_ins_code 
B 2 HOH 1  2001 2001 HOH HOH A . 
B 2 HOH 2  2002 2002 HOH HOH A . 
B 2 HOH 3  2003 2003 HOH HOH A . 
B 2 HOH 4  2004 2004 HOH HOH A . 
B 2 HOH 5  2005 2005 HOH HOH A . 
B 2 HOH 6  2006 2006 HOH HOH A . 
B 2 HOH 7  2007 2007 HOH HOH A . 
B 2 HOH 8  2008 2008 HOH HOH A . 
B 2 HOH 9  2009 2009 HOH HOH A . 
B 2 HOH 10 2010 2010 HOH HOH A . 
B 2 HOH 11 2011 2011 HOH HOH A . 
B 2 HOH 12 2012 2012 HOH HOH A . 
B 2 HOH 13 2013 2013 HOH HOH A . 
B 2 HOH 14 2014 2014 HOH HOH A . 
B 2 HOH 15 2015 2015 HOH HOH A . 
B 2 HOH 16 2016 2016 HOH HOH A . 
B 2 HOH 17 2017 2017 HOH HOH A . 
B 2 HOH 18 2018 2018 HOH HOH A . 
B 2 HOH 19 2019 2019 HOH HOH A . 
B 2 HOH 20 2020 2020 HOH HOH A . 
B 2 HOH 21 2021 2021 HOH HOH A . 
B 2 HOH 22 2022 2022 HOH HOH A . 
B 2 HOH 23 2023 2023 HOH HOH A . 
B 2 HOH 24 2024 2024 HOH HOH A . 
B 2 HOH 25 2025 2025 HOH HOH A . 
B 2 HOH 26 2026 2026 HOH HOH A . 
B 2 HOH 27 2027 2027 HOH HOH A . 
B 2 HOH 28 2028 2028 HOH HOH A . 
B 2 HOH 29 2029 2029 HOH HOH A . 
B 2 HOH 30 2030 2030 HOH HOH A . 
B 2 HOH 31 2031 2031 HOH HOH A . 
B 2 HOH 32 2032 2032 HOH HOH A . 
B 2 HOH 33 2033 2033 HOH HOH A . 
B 2 HOH 34 2034 2034 HOH HOH A . 
B 2 HOH 35 2035 2035 HOH HOH A . 
B 2 HOH 36 2036 2036 HOH HOH A . 
B 2 HOH 37 2037 2037 HOH HOH A . 
B 2 HOH 38 2038 2038 HOH HOH A . 
B 2 HOH 39 2039 2039 HOH HOH A . 
B 2 HOH 40 2040 2040 HOH HOH A . 
B 2 HOH 41 2041 2041 HOH HOH A . 
B 2 HOH 42 2042 2042 HOH HOH A . 
B 2 HOH 43 2043 2043 HOH HOH A . 
B 2 HOH 44 2044 2044 HOH HOH A . 
B 2 HOH 45 2045 2045 HOH HOH A . 
B 2 HOH 46 2046 2046 HOH HOH A . 
B 2 HOH 47 2047 2047 HOH HOH A . 
B 2 HOH 48 2048 2048 HOH HOH A . 
B 2 HOH 49 2049 2049 HOH HOH A . 
B 2 HOH 50 2050 2050 HOH HOH A . 
B 2 HOH 51 2051 2051 HOH HOH A . 
B 2 HOH 52 2052 2052 HOH HOH A . 
B 2 HOH 53 2053 2053 HOH HOH A . 
B 2 HOH 54 2054 2054 HOH HOH A . 
B 2 HOH 55 2055 2055 HOH HOH A . 
B 2 HOH 56 2056 2056 HOH HOH A . 
B 2 HOH 57 2057 2057 HOH HOH A . 
B 2 HOH 58 2058 2058 HOH HOH A . 
B 2 HOH 59 2059 2059 HOH HOH A . 
B 2 HOH 60 2060 2060 HOH HOH A . 
B 2 HOH 61 2061 2061 HOH HOH A . 
B 2 HOH 62 2062 2062 HOH HOH A . 
B 2 HOH 63 2063 2063 HOH HOH A . 
B 2 HOH 64 2064 2064 HOH HOH A . 
B 2 HOH 65 2065 2065 HOH HOH A . 
B 2 HOH 66 2066 2066 HOH HOH A . 
B 2 HOH 67 2067 2067 HOH HOH A . 
B 2 HOH 68 2068 2068 HOH HOH A . 
B 2 HOH 69 2069 2069 HOH HOH A . 
B 2 HOH 70 2070 2070 HOH HOH A . 
B 2 HOH 71 2071 2071 HOH HOH A . 
B 2 HOH 72 2072 2072 HOH HOH A . 
B 2 HOH 73 2073 2073 HOH HOH A . 
B 2 HOH 74 2074 2074 HOH HOH A . 
# 
loop_
_pdbx_unobs_or_zero_occ_atoms.id 
_pdbx_unobs_or_zero_occ_atoms.PDB_model_num 
_pdbx_unobs_or_zero_occ_atoms.polymer_flag 
_pdbx_unobs_or_zero_occ_atoms.occupancy_flag 
_pdbx_unobs_or_zero_occ_atoms.auth_asym_id 
_pdbx_unobs_or_zero_occ_atoms.auth_comp_id 
_pdbx_unobs_or_zero_occ_atoms.auth_seq_id 
_pdbx_unobs_or_zero_occ_atoms.PDB_ins_code 
_pdbx_unobs_or_zero_occ_atoms.auth_atom_id 
_pdbx_unobs_or_zero_occ_atoms.label_alt_id 
_pdbx_unobs_or_zero_occ_atoms.label_asym_id 
_pdbx_unobs_or_zero_occ_atoms.label_comp_id 
_pdbx_unobs_or_zero_occ_atoms.label_seq_id 
_pdbx_unobs_or_zero_occ_atoms.label_atom_id 
1  1 Y 1 A ARG 95 ? CG  ? A ARG 95 CG  
2  1 Y 1 A ARG 95 ? CD  ? A ARG 95 CD  
3  1 Y 1 A ARG 95 ? NE  ? A ARG 95 NE  
4  1 Y 1 A ARG 95 ? CZ  ? A ARG 95 CZ  
5  1 Y 1 A ARG 95 ? NH1 ? A ARG 95 NH1 
6  1 Y 1 A ARG 95 ? NH2 ? A ARG 95 NH2 
7  1 Y 1 A LYS 96 ? CG  ? A LYS 96 CG  
8  1 Y 1 A LYS 96 ? CD  ? A LYS 96 CD  
9  1 Y 1 A LYS 96 ? CE  ? A LYS 96 CE  
10 1 Y 1 A LYS 96 ? NZ  ? A LYS 96 NZ  
# 
loop_
_software.name 
_software.classification 
_software.version 
_software.citation_id 
_software.pdbx_ordinal 
REFMAC refinement       5.2.0019 ? 1 
XDS    'data reduction' .        ? 2 
XSCALE 'data scaling'   .        ? 3 
PHASER phasing          .        ? 4 
# 
_cell.entry_id           2JJW 
_cell.length_a           76.390 
_cell.length_b           76.390 
_cell.length_c           78.240 
_cell.angle_alpha        90.00 
_cell.angle_beta         90.00 
_cell.angle_gamma        120.00 
_cell.Z_PDB              12 
_cell.pdbx_unique_axis   ? 
# 
_symmetry.entry_id                         2JJW 
_symmetry.space_group_name_H-M             'P 64 2 2' 
_symmetry.pdbx_full_space_group_name_H-M   ? 
_symmetry.cell_setting                     ? 
_symmetry.Int_Tables_number                181 
# 
_exptl.entry_id          2JJW 
_exptl.method            'X-RAY DIFFRACTION' 
_exptl.crystals_number   1 
# 
_exptl_crystal.id                    1 
_exptl_crystal.density_meas          ? 
_exptl_crystal.density_Matthews      2.32 
_exptl_crystal.density_percent_sol   47.1 
_exptl_crystal.description           NONE 
# 
_exptl_crystal_grow.crystal_id      1 
_exptl_crystal_grow.method          ? 
_exptl_crystal_grow.temp            ? 
_exptl_crystal_grow.temp_details    ? 
_exptl_crystal_grow.pH              6.5 
_exptl_crystal_grow.pdbx_pH_range   ? 
_exptl_crystal_grow.pdbx_details    
;300 NL 11.5 MG/ML SIRP GAMMA PLUS 50 NL RESERVOIR (2.0 M AMMONIUM SULPHATE, 0.1 M BIS-TRIS PH 6.5) EQUILIBRATED AGAINST 95 UL OF RESERVOIR AT 20.5 C.
;
# 
_diffrn.id                     1 
_diffrn.ambient_temp           100 
_diffrn.ambient_temp_details   ? 
_diffrn.crystal_id             1 
# 
_diffrn_detector.diffrn_id              1 
_diffrn_detector.detector               CCD 
_diffrn_detector.type                   MARRESEARCH 
_diffrn_detector.pdbx_collection_date   2007-06-16 
_diffrn_detector.details                MIRRORS 
# 
_diffrn_radiation.diffrn_id                        1 
_diffrn_radiation.wavelength_id                    1 
_diffrn_radiation.pdbx_monochromatic_or_laue_m_l   M 
_diffrn_radiation.monochromator                    'SI(111) MONOCHROMATOR' 
_diffrn_radiation.pdbx_diffrn_protocol             'SINGLE WAVELENGTH' 
_diffrn_radiation.pdbx_scattering_type             x-ray 
# 
_diffrn_radiation_wavelength.id           1 
_diffrn_radiation_wavelength.wavelength   0.933 
_diffrn_radiation_wavelength.wt           1.0 
# 
_diffrn_source.diffrn_id                   1 
_diffrn_source.source                      SYNCHROTRON 
_diffrn_source.type                        'ESRF BEAMLINE BM14' 
_diffrn_source.pdbx_synchrotron_site       ESRF 
_diffrn_source.pdbx_synchrotron_beamline   BM14 
_diffrn_source.pdbx_wavelength             0.933 
_diffrn_source.pdbx_wavelength_list        ? 
# 
_reflns.pdbx_diffrn_id               1 
_reflns.pdbx_ordinal                 1 
_reflns.entry_id                     2JJW 
_reflns.observed_criterion_sigma_I   -3.0 
_reflns.observed_criterion_sigma_F   ? 
_reflns.d_resolution_low             38.20 
_reflns.d_resolution_high            1.70 
_reflns.number_obs                   14652 
_reflns.number_all                   ? 
_reflns.percent_possible_obs         95.2 
_reflns.pdbx_Rmerge_I_obs            0.05 
_reflns.pdbx_Rsym_value              ? 
_reflns.pdbx_netI_over_sigmaI        43.90 
_reflns.B_iso_Wilson_estimate        29.30 
_reflns.pdbx_redundancy              32.3 
# 
_reflns_shell.pdbx_diffrn_id         1 
_reflns_shell.pdbx_ordinal           1 
_reflns_shell.d_res_high             1.70 
_reflns_shell.d_res_low              1.80 
_reflns_shell.percent_possible_all   99.8 
_reflns_shell.Rmerge_I_obs           0.73 
_reflns_shell.pdbx_Rsym_value        ? 
_reflns_shell.meanI_over_sigI_obs    7.00 
_reflns_shell.pdbx_redundancy        33.4 
# 
_refine.pdbx_refine_id                           'X-RAY DIFFRACTION' 
_refine.entry_id                                 2JJW 
_refine.pdbx_diffrn_id                           1 
_refine.pdbx_TLS_residual_ADP_flag               ? 
_refine.ls_number_reflns_obs                     13927 
_refine.ls_number_reflns_all                     ? 
_refine.pdbx_ls_sigma_I                          ? 
_refine.pdbx_ls_sigma_F                          ? 
_refine.pdbx_data_cutoff_high_absF               ? 
_refine.pdbx_data_cutoff_low_absF                ? 
_refine.pdbx_data_cutoff_high_rms_absF           ? 
_refine.ls_d_res_low                             38.21 
_refine.ls_d_res_high                            1.70 
_refine.ls_percent_reflns_obs                    95.2 
_refine.ls_R_factor_obs                          0.230 
_refine.ls_R_factor_all                          ? 
_refine.ls_R_factor_R_work                       0.228 
_refine.ls_R_factor_R_free                       0.267 
_refine.ls_R_factor_R_free_error                 ? 
_refine.ls_R_factor_R_free_error_details         ? 
_refine.ls_percent_reflns_R_free                 4.900 
_refine.ls_number_reflns_R_free                  724 
_refine.ls_number_parameters                     ? 
_refine.ls_number_restraints                     ? 
_refine.occupancy_min                            ? 
_refine.occupancy_max                            ? 
_refine.correlation_coeff_Fo_to_Fc               0.950 
_refine.correlation_coeff_Fo_to_Fc_free          0.940 
_refine.B_iso_mean                               30.98 
_refine.aniso_B[1][1]                            0.17000 
_refine.aniso_B[2][2]                            0.17000 
_refine.aniso_B[3][3]                            -0.25000 
_refine.aniso_B[1][2]                            0.08000 
_refine.aniso_B[1][3]                            0.00000 
_refine.aniso_B[2][3]                            0.00000 
_refine.solvent_model_details                    MASK 
_refine.solvent_model_param_ksol                 ? 
_refine.solvent_model_param_bsol                 ? 
_refine.pdbx_solvent_vdw_probe_radii             1.20 
_refine.pdbx_solvent_ion_probe_radii             0.80 
_refine.pdbx_solvent_shrinkage_radii             0.80 
_refine.pdbx_ls_cross_valid_method               THROUGHOUT 
_refine.details                                  
'HYDROGENS HAVE BEEN ADDED IN THE RIDING POSITIONS. B VALUES INCLUDE TLS CONTRIBUTIONS.' 
_refine.pdbx_starting_model                      'PDB ENTRY 2UV3 CHAIN A' 
_refine.pdbx_method_to_determine_struct          'MOLECULAR REPLACEMENT' 
_refine.pdbx_isotropic_thermal_model             ? 
_refine.pdbx_stereochemistry_target_values       'MAXIMUM LIKELIHOOD' 
_refine.pdbx_stereochem_target_val_spec_case     ? 
_refine.pdbx_R_Free_selection_details            RANDOM 
_refine.pdbx_overall_ESU_R                       0.122 
_refine.pdbx_overall_ESU_R_Free                  0.122 
_refine.overall_SU_ML                            0.106 
_refine.pdbx_overall_phase_error                 ? 
_refine.overall_SU_B                             6.453 
_refine.overall_SU_R_Cruickshank_DPI             ? 
_refine.pdbx_overall_SU_R_free_Cruickshank_DPI   ? 
_refine.pdbx_overall_SU_R_Blow_DPI               ? 
_refine.pdbx_overall_SU_R_free_Blow_DPI          ? 
# 
_refine_hist.pdbx_refine_id                   'X-RAY DIFFRACTION' 
_refine_hist.cycle_id                         LAST 
_refine_hist.pdbx_number_atoms_protein        851 
_refine_hist.pdbx_number_atoms_nucleic_acid   0 
_refine_hist.pdbx_number_atoms_ligand         0 
_refine_hist.number_atoms_solvent             74 
_refine_hist.number_atoms_total               925 
_refine_hist.d_res_high                       1.70 
_refine_hist.d_res_low                        38.21 
# 
loop_
_refine_ls_restr.type 
_refine_ls_restr.dev_ideal 
_refine_ls_restr.dev_ideal_target 
_refine_ls_restr.weight 
_refine_ls_restr.number 
_refine_ls_restr.pdbx_refine_id 
_refine_ls_restr.pdbx_restraint_function 
r_bond_refined_d             0.011  0.022  ? 887  'X-RAY DIFFRACTION' ? 
r_bond_other_d               0.003  0.020  ? 608  'X-RAY DIFFRACTION' ? 
r_angle_refined_deg          1.362  1.979  ? 1210 'X-RAY DIFFRACTION' ? 
r_angle_other_deg            0.834  3.004  ? 1492 'X-RAY DIFFRACTION' ? 
r_dihedral_angle_1_deg       5.469  5.000  ? 115  'X-RAY DIFFRACTION' ? 
r_dihedral_angle_2_deg       30.864 23.438 ? 32   'X-RAY DIFFRACTION' ? 
r_dihedral_angle_3_deg       14.308 15.000 ? 152  'X-RAY DIFFRACTION' ? 
r_dihedral_angle_4_deg       18.296 15.000 ? 5    'X-RAY DIFFRACTION' ? 
r_chiral_restr               0.071  0.200  ? 143  'X-RAY DIFFRACTION' ? 
r_gen_planes_refined         0.005  0.020  ? 962  'X-RAY DIFFRACTION' ? 
r_gen_planes_other           0.001  0.020  ? 170  'X-RAY DIFFRACTION' ? 
r_nbd_refined                0.198  0.200  ? 128  'X-RAY DIFFRACTION' ? 
r_nbd_other                  0.200  0.200  ? 582  'X-RAY DIFFRACTION' ? 
r_nbtor_refined              0.176  0.200  ? 410  'X-RAY DIFFRACTION' ? 
r_nbtor_other                0.084  0.200  ? 501  'X-RAY DIFFRACTION' ? 
r_xyhbond_nbd_refined        0.135  0.200  ? 57   'X-RAY DIFFRACTION' ? 
r_xyhbond_nbd_other          ?      ?      ? ?    'X-RAY DIFFRACTION' ? 
r_metal_ion_refined          ?      ?      ? ?    'X-RAY DIFFRACTION' ? 
r_metal_ion_other            ?      ?      ? ?    'X-RAY DIFFRACTION' ? 
r_symmetry_vdw_refined       0.090  0.200  ? 7    'X-RAY DIFFRACTION' ? 
r_symmetry_vdw_other         0.197  0.200  ? 24   'X-RAY DIFFRACTION' ? 
r_symmetry_hbond_refined     0.233  0.200  ? 10   'X-RAY DIFFRACTION' ? 
r_symmetry_hbond_other       ?      ?      ? ?    'X-RAY DIFFRACTION' ? 
r_symmetry_metal_ion_refined ?      ?      ? ?    'X-RAY DIFFRACTION' ? 
r_symmetry_metal_ion_other   ?      ?      ? ?    'X-RAY DIFFRACTION' ? 
r_mcbond_it                  2.226  2.000  ? 598  'X-RAY DIFFRACTION' ? 
r_mcbond_other               ?      ?      ? ?    'X-RAY DIFFRACTION' ? 
r_mcangle_it                 2.836  3.000  ? 916  'X-RAY DIFFRACTION' ? 
r_mcangle_other              ?      ?      ? ?    'X-RAY DIFFRACTION' ? 
r_scbond_it                  3.904  4.000  ? 355  'X-RAY DIFFRACTION' ? 
r_scbond_other               ?      ?      ? ?    'X-RAY DIFFRACTION' ? 
r_scangle_it                 4.686  6.000  ? 291  'X-RAY DIFFRACTION' ? 
r_scangle_other              ?      ?      ? ?    'X-RAY DIFFRACTION' ? 
r_long_range_B_refined       ?      ?      ? ?    'X-RAY DIFFRACTION' ? 
r_long_range_B_other         ?      ?      ? ?    'X-RAY DIFFRACTION' ? 
r_rigid_bond_restr           ?      ?      ? ?    'X-RAY DIFFRACTION' ? 
r_sphericity_free            ?      ?      ? ?    'X-RAY DIFFRACTION' ? 
r_sphericity_bonded          ?      ?      ? ?    'X-RAY DIFFRACTION' ? 
# 
_refine_ls_shell.pdbx_refine_id                   'X-RAY DIFFRACTION' 
_refine_ls_shell.pdbx_total_number_of_bins_used   20 
_refine_ls_shell.d_res_high                       1.70 
_refine_ls_shell.d_res_low                        1.74 
_refine_ls_shell.number_reflns_R_work             1058 
_refine_ls_shell.R_factor_R_work                  0.2830 
_refine_ls_shell.percent_reflns_obs               ? 
_refine_ls_shell.R_factor_R_free                  0.3550 
_refine_ls_shell.R_factor_R_free_error            ? 
_refine_ls_shell.percent_reflns_R_free            ? 
_refine_ls_shell.number_reflns_R_free             49 
_refine_ls_shell.number_reflns_all                ? 
_refine_ls_shell.R_factor_all                     ? 
# 
_struct.entry_id                  2JJW 
_struct.title                     'Structure of human signal regulatory protein (sirp) gamma' 
_struct.pdbx_model_details        ? 
_struct.pdbx_CASP_flag            ? 
_struct.pdbx_model_type_details   ? 
# 
_struct_keywords.entry_id        2JJW 
_struct_keywords.pdbx_keywords   'CELL ADHESION' 
_struct_keywords.text            
;IMMUNOGLOBULIN DOMAIN, IMMUNOGLOBULIN SUPERFAMILY, SIRP, SIRPG, MEMBRANE, GLYCOPROTEIN, CELL ADHESION, SIGNAL REGULATORY PROTEIN GAMMA, TRANSMEMBRANE, PAIRED RECEPTOR, ALTERNATIVE SPLICING
;
# 
loop_
_struct_asym.id 
_struct_asym.pdbx_blank_PDB_chainid_flag 
_struct_asym.pdbx_modified 
_struct_asym.entity_id 
_struct_asym.details 
A N N 1 ? 
B N N 2 ? 
# 
loop_
_struct_ref.id 
_struct_ref.db_name 
_struct_ref.db_code 
_struct_ref.entity_id 
_struct_ref.pdbx_seq_one_letter_code 
_struct_ref.pdbx_align_begin 
_struct_ref.pdbx_db_accession 
_struct_ref.pdbx_db_isoform 
1 UNP SIRPG_HUMAN 1 ? ? Q9P1W8 ? 
2 PDB 2JJW        1 ? ? 2JJW   ? 
# 
loop_
_struct_ref_seq.align_id 
_struct_ref_seq.ref_id 
_struct_ref_seq.pdbx_PDB_id_code 
_struct_ref_seq.pdbx_strand_id 
_struct_ref_seq.seq_align_beg 
_struct_ref_seq.pdbx_seq_align_beg_ins_code 
_struct_ref_seq.seq_align_end 
_struct_ref_seq.pdbx_seq_align_end_ins_code 
_struct_ref_seq.pdbx_db_accession 
_struct_ref_seq.db_align_beg 
_struct_ref_seq.pdbx_db_align_beg_ins_code 
_struct_ref_seq.db_align_end 
_struct_ref_seq.pdbx_db_align_end_ins_code 
_struct_ref_seq.pdbx_auth_seq_align_beg 
_struct_ref_seq.pdbx_auth_seq_align_end 
1 1 2JJW A 1   ? 119 ? Q9P1W8 29  ? 147 ? 1   119 
2 2 2JJW A 120 ? 127 ? 2JJW   120 ? 127 ? 120 127 
# 
loop_
_pdbx_struct_assembly.id 
_pdbx_struct_assembly.details 
_pdbx_struct_assembly.method_details 
_pdbx_struct_assembly.oligomeric_details 
_pdbx_struct_assembly.oligomeric_count 
1 software_defined_assembly PQS dimeric   2 
2 author_defined_assembly   ?   monomeric 1 
# 
loop_
_pdbx_struct_assembly_prop.biol_id 
_pdbx_struct_assembly_prop.type 
_pdbx_struct_assembly_prop.value 
_pdbx_struct_assembly_prop.details 
1 'ABSA (A^2)' 1610  ? 
1 MORE         -12.5 ? 
1 'SSA (A^2)'  13400 ? 
# 
loop_
_pdbx_struct_assembly_gen.assembly_id 
_pdbx_struct_assembly_gen.oper_expression 
_pdbx_struct_assembly_gen.asym_id_list 
1 1,2 A,B 
2 1   A,B 
# 
loop_
_pdbx_struct_oper_list.id 
_pdbx_struct_oper_list.type 
_pdbx_struct_oper_list.name 
_pdbx_struct_oper_list.symmetry_operation 
_pdbx_struct_oper_list.matrix[1][1] 
_pdbx_struct_oper_list.matrix[1][2] 
_pdbx_struct_oper_list.matrix[1][3] 
_pdbx_struct_oper_list.vector[1] 
_pdbx_struct_oper_list.matrix[2][1] 
_pdbx_struct_oper_list.matrix[2][2] 
_pdbx_struct_oper_list.matrix[2][3] 
_pdbx_struct_oper_list.vector[2] 
_pdbx_struct_oper_list.matrix[3][1] 
_pdbx_struct_oper_list.matrix[3][2] 
_pdbx_struct_oper_list.matrix[3][3] 
_pdbx_struct_oper_list.vector[3] 
1 'identity operation'         1_555  x,y,z            1.0000000000  0.0000000000 0.0000000000 0.0000000000  0.0000000000 1.0000000000  0.0000000000 0.0000000000  0.0000000000 0.0000000000 1.0000000000 0.0000000000   
2 'crystal symmetry operation' 10_665 -y+1,-x+1,-z+1/3 -0.9550071229 0.1233673847 0.2697070329 11.6827878242 0.1233673847 -0.6617350880 0.7395181957 17.6749863092 0.2697070329 0.7395181957 0.6167422109 -10.0336985786 
# 
_struct_biol.id   1 
# 
_struct_conf.conf_type_id            HELX_P 
_struct_conf.id                      HELX_P1 
_struct_conf.pdbx_PDB_helix_id       1 
_struct_conf.beg_label_comp_id       PRO 
_struct_conf.beg_label_asym_id       A 
_struct_conf.beg_label_seq_id        83 
_struct_conf.pdbx_beg_PDB_ins_code   ? 
_struct_conf.end_label_comp_id       ASP 
_struct_conf.end_label_asym_id       A 
_struct_conf.end_label_seq_id        85 
_struct_conf.pdbx_end_PDB_ins_code   ? 
_struct_conf.beg_auth_comp_id        PRO 
_struct_conf.beg_auth_asym_id        A 
_struct_conf.beg_auth_seq_id         83 
_struct_conf.end_auth_comp_id        ASP 
_struct_conf.end_auth_asym_id        A 
_struct_conf.end_auth_seq_id         85 
_struct_conf.pdbx_PDB_helix_class    5 
_struct_conf.details                 ? 
_struct_conf.pdbx_PDB_helix_length   3 
# 
_struct_conf_type.id          HELX_P 
_struct_conf_type.criteria    ? 
_struct_conf_type.reference   ? 
# 
loop_
_struct_conn.id 
_struct_conn.conn_type_id 
_struct_conn.pdbx_leaving_atom_flag 
_struct_conn.pdbx_PDB_id 
_struct_conn.ptnr1_label_asym_id 
_struct_conn.ptnr1_label_comp_id 
_struct_conn.ptnr1_label_seq_id 
_struct_conn.ptnr1_label_atom_id 
_struct_conn.pdbx_ptnr1_label_alt_id 
_struct_conn.pdbx_ptnr1_PDB_ins_code 
_struct_conn.pdbx_ptnr1_standard_comp_id 
_struct_conn.ptnr1_symmetry 
_struct_conn.ptnr2_label_asym_id 
_struct_conn.ptnr2_label_comp_id 
_struct_conn.ptnr2_label_seq_id 
_struct_conn.ptnr2_label_atom_id 
_struct_conn.pdbx_ptnr2_label_alt_id 
_struct_conn.pdbx_ptnr2_PDB_ins_code 
_struct_conn.ptnr1_auth_asym_id 
_struct_conn.ptnr1_auth_comp_id 
_struct_conn.ptnr1_auth_seq_id 
_struct_conn.ptnr2_auth_asym_id 
_struct_conn.ptnr2_auth_comp_id 
_struct_conn.ptnr2_auth_seq_id 
_struct_conn.ptnr2_symmetry 
_struct_conn.pdbx_ptnr3_label_atom_id 
_struct_conn.pdbx_ptnr3_label_seq_id 
_struct_conn.pdbx_ptnr3_label_comp_id 
_struct_conn.pdbx_ptnr3_label_asym_id 
_struct_conn.pdbx_ptnr3_label_alt_id 
_struct_conn.pdbx_ptnr3_PDB_ins_code 
_struct_conn.details 
_struct_conn.pdbx_dist_value 
_struct_conn.pdbx_value_order 
_struct_conn.pdbx_role 
disulf1 disulf ? ? A CYS 25 SG ? ? ? 1_555 A CYS 91 SG A ? A CYS 25 A CYS 91 1_555 ? ? ? ? ? ? ? 2.054 ? ? 
disulf2 disulf ? ? A CYS 25 SG ? ? ? 1_555 A CYS 91 SG B ? A CYS 25 A CYS 91 1_555 ? ? ? ? ? ? ? 2.065 ? ? 
# 
_struct_conn_type.id          disulf 
_struct_conn_type.criteria    ? 
_struct_conn_type.reference   ? 
# 
loop_
_pdbx_modification_feature.ordinal 
_pdbx_modification_feature.label_comp_id 
_pdbx_modification_feature.label_asym_id 
_pdbx_modification_feature.label_seq_id 
_pdbx_modification_feature.label_alt_id 
_pdbx_modification_feature.modified_residue_label_comp_id 
_pdbx_modification_feature.modified_residue_label_asym_id 
_pdbx_modification_feature.modified_residue_label_seq_id 
_pdbx_modification_feature.modified_residue_label_alt_id 
_pdbx_modification_feature.auth_comp_id 
_pdbx_modification_feature.auth_asym_id 
_pdbx_modification_feature.auth_seq_id 
_pdbx_modification_feature.PDB_ins_code 
_pdbx_modification_feature.symmetry 
_pdbx_modification_feature.modified_residue_auth_comp_id 
_pdbx_modification_feature.modified_residue_auth_asym_id 
_pdbx_modification_feature.modified_residue_auth_seq_id 
_pdbx_modification_feature.modified_residue_PDB_ins_code 
_pdbx_modification_feature.modified_residue_symmetry 
_pdbx_modification_feature.comp_id_linking_atom 
_pdbx_modification_feature.modified_residue_id_linking_atom 
_pdbx_modification_feature.modified_residue_id 
_pdbx_modification_feature.ref_pcm_id 
_pdbx_modification_feature.ref_comp_id 
_pdbx_modification_feature.type 
_pdbx_modification_feature.category 
1 CYS A 25 ? CYS A 91 A CYS A 25 ? 1_555 CYS A 91 ? 1_555 SG SG . . . None 'Disulfide bridge' 
2 CYS A 25 ? CYS A 91 B CYS A 25 ? 1_555 CYS A 91 ? 1_555 SG SG . . . None 'Disulfide bridge' 
# 
_struct_mon_prot_cis.pdbx_id                1 
_struct_mon_prot_cis.label_comp_id          LEU 
_struct_mon_prot_cis.label_seq_id           31 
_struct_mon_prot_cis.label_asym_id          A 
_struct_mon_prot_cis.label_alt_id           . 
_struct_mon_prot_cis.pdbx_PDB_ins_code      ? 
_struct_mon_prot_cis.auth_comp_id           LEU 
_struct_mon_prot_cis.auth_seq_id            31 
_struct_mon_prot_cis.auth_asym_id           A 
_struct_mon_prot_cis.pdbx_label_comp_id_2   PRO 
_struct_mon_prot_cis.pdbx_label_seq_id_2    32 
_struct_mon_prot_cis.pdbx_label_asym_id_2   A 
_struct_mon_prot_cis.pdbx_PDB_ins_code_2    ? 
_struct_mon_prot_cis.pdbx_auth_comp_id_2    PRO 
_struct_mon_prot_cis.pdbx_auth_seq_id_2     32 
_struct_mon_prot_cis.pdbx_auth_asym_id_2    A 
_struct_mon_prot_cis.pdbx_PDB_model_num     1 
_struct_mon_prot_cis.pdbx_omega_angle       9.76 
# 
loop_
_struct_sheet.id 
_struct_sheet.type 
_struct_sheet.number_strands 
_struct_sheet.details 
AA ? 2 ? 
AB ? 5 ? 
AC ? 4 ? 
AD ? 3 ? 
# 
loop_
_struct_sheet_order.sheet_id 
_struct_sheet_order.range_id_1 
_struct_sheet_order.range_id_2 
_struct_sheet_order.offset 
_struct_sheet_order.sense 
AA 1 2 ? anti-parallel 
AB 1 2 ? parallel      
AB 2 3 ? anti-parallel 
AB 3 4 ? anti-parallel 
AB 4 5 ? anti-parallel 
AC 1 2 ? parallel      
AC 2 3 ? anti-parallel 
AC 3 4 ? anti-parallel 
AD 1 2 ? anti-parallel 
AD 2 3 ? anti-parallel 
# 
loop_
_struct_sheet_range.sheet_id 
_struct_sheet_range.id 
_struct_sheet_range.beg_label_comp_id 
_struct_sheet_range.beg_label_asym_id 
_struct_sheet_range.beg_label_seq_id 
_struct_sheet_range.pdbx_beg_PDB_ins_code 
_struct_sheet_range.end_label_comp_id 
_struct_sheet_range.end_label_asym_id 
_struct_sheet_range.end_label_seq_id 
_struct_sheet_range.pdbx_end_PDB_ins_code 
_struct_sheet_range.beg_auth_comp_id 
_struct_sheet_range.beg_auth_asym_id 
_struct_sheet_range.beg_auth_seq_id 
_struct_sheet_range.end_auth_comp_id 
_struct_sheet_range.end_auth_asym_id 
_struct_sheet_range.end_auth_seq_id 
AA 1 MET A 6   ? ILE A 7   ? MET A 6   ILE A 7   
AA 2 THR A 26  ? VAL A 27  ? THR A 26  VAL A 27  
AB 1 LEU A 12  ? VAL A 15  ? LEU A 12  VAL A 15  
AB 2 THR A 110 ? LEU A 114 ? THR A 110 LEU A 114 
AB 3 GLY A 87  ? ARG A 95  ? GLY A 87  ARG A 95  
AB 4 VAL A 36  ? ARG A 40  ? VAL A 36  ARG A 40  
AB 5 GLU A 47  ? ASN A 51  ? GLU A 47  ASN A 51  
AC 1 LEU A 12  ? VAL A 15  ? LEU A 12  VAL A 15  
AC 2 THR A 110 ? LEU A 114 ? THR A 110 LEU A 114 
AC 3 GLY A 87  ? ARG A 95  ? GLY A 87  ARG A 95  
AC 4 VAL A 102 ? SER A 106 ? VAL A 102 SER A 106 
AD 1 ALA A 21  ? LEU A 23  ? ALA A 21  LEU A 23  
AD 2 ILE A 76  ? ILE A 78  ? ILE A 76  ILE A 78  
AD 3 VAL A 60  ? THR A 62  ? VAL A 60  THR A 62  
# 
loop_
_pdbx_struct_sheet_hbond.sheet_id 
_pdbx_struct_sheet_hbond.range_id_1 
_pdbx_struct_sheet_hbond.range_id_2 
_pdbx_struct_sheet_hbond.range_1_label_atom_id 
_pdbx_struct_sheet_hbond.range_1_label_comp_id 
_pdbx_struct_sheet_hbond.range_1_label_asym_id 
_pdbx_struct_sheet_hbond.range_1_label_seq_id 
_pdbx_struct_sheet_hbond.range_1_PDB_ins_code 
_pdbx_struct_sheet_hbond.range_1_auth_atom_id 
_pdbx_struct_sheet_hbond.range_1_auth_comp_id 
_pdbx_struct_sheet_hbond.range_1_auth_asym_id 
_pdbx_struct_sheet_hbond.range_1_auth_seq_id 
_pdbx_struct_sheet_hbond.range_2_label_atom_id 
_pdbx_struct_sheet_hbond.range_2_label_comp_id 
_pdbx_struct_sheet_hbond.range_2_label_asym_id 
_pdbx_struct_sheet_hbond.range_2_label_seq_id 
_pdbx_struct_sheet_hbond.range_2_PDB_ins_code 
_pdbx_struct_sheet_hbond.range_2_auth_atom_id 
_pdbx_struct_sheet_hbond.range_2_auth_comp_id 
_pdbx_struct_sheet_hbond.range_2_auth_asym_id 
_pdbx_struct_sheet_hbond.range_2_auth_seq_id 
AA 1 2 N ILE A 7   ? N ILE A 7   O THR A 26  ? O THR A 26  
AB 1 2 N LEU A 13  ? N LEU A 13  O GLU A 111 ? O GLU A 111 
AB 2 3 N MET A 112 ? N MET A 112 O GLY A 87  ? O GLY A 87  
AB 3 4 N VAL A 92  ? N VAL A 92  O LEU A 37  ? O LEU A 37  
AB 4 5 N ARG A 40  ? N ARG A 40  O GLU A 47  ? O GLU A 47  
AC 1 2 N LEU A 13  ? N LEU A 13  O GLU A 111 ? O GLU A 111 
AC 2 3 N MET A 112 ? N MET A 112 O GLY A 87  ? O GLY A 87  
AC 3 4 N ARG A 95  ? N ARG A 95  O VAL A 102 ? O VAL A 102 
AD 1 2 N LEU A 23  ? N LEU A 23  O ILE A 76  ? O ILE A 76  
AD 2 3 N ARG A 77  ? N ARG A 77  O THR A 61  ? O THR A 61  
# 
_pdbx_entry_details.entry_id                   2JJW 
_pdbx_entry_details.compound_details           ? 
_pdbx_entry_details.source_details             ? 
_pdbx_entry_details.nonpolymer_details         ? 
_pdbx_entry_details.sequence_details           
;RESIDUE NUMBERING IS FOR THE MATURE PROTEIN (LACKING N-
TERMINAL 28 AMINO ACID SIGNAL SEQUENCE).  C-TERMINAL
PURIFICATION TAG (TRHHHHHH) IS ADDED.
;
_pdbx_entry_details.has_ligand_of_interest     ? 
_pdbx_entry_details.has_protein_modification   Y 
# 
_pdbx_refine_tls.pdbx_refine_id   'X-RAY DIFFRACTION' 
_pdbx_refine_tls.id               1 
_pdbx_refine_tls.details          ? 
_pdbx_refine_tls.method           refined 
_pdbx_refine_tls.origin_x         -0.0715 
_pdbx_refine_tls.origin_y         -0.4022 
_pdbx_refine_tls.origin_z         -0.3710 
_pdbx_refine_tls.T[1][1]          -0.2093 
_pdbx_refine_tls.T[2][2]          -0.2086 
_pdbx_refine_tls.T[3][3]          -0.0713 
_pdbx_refine_tls.T[1][2]          -0.0340 
_pdbx_refine_tls.T[1][3]          0.0382 
_pdbx_refine_tls.T[2][3]          -0.0774 
_pdbx_refine_tls.L[1][1]          3.0072 
_pdbx_refine_tls.L[2][2]          7.4931 
_pdbx_refine_tls.L[3][3]          5.5353 
_pdbx_refine_tls.L[1][2]          0.6705 
_pdbx_refine_tls.L[1][3]          0.7656 
_pdbx_refine_tls.L[2][3]          1.1287 
_pdbx_refine_tls.S[1][1]          0.2778 
_pdbx_refine_tls.S[1][2]          0.2406 
_pdbx_refine_tls.S[1][3]          -0.3833 
_pdbx_refine_tls.S[2][1]          0.6549 
_pdbx_refine_tls.S[2][2]          -0.3475 
_pdbx_refine_tls.S[2][3]          0.6518 
_pdbx_refine_tls.S[3][1]          0.2855 
_pdbx_refine_tls.S[3][2]          0.0172 
_pdbx_refine_tls.S[3][3]          0.0697 
# 
_pdbx_refine_tls_group.pdbx_refine_id      'X-RAY DIFFRACTION' 
_pdbx_refine_tls_group.id                  1 
_pdbx_refine_tls_group.refine_tls_id       1 
_pdbx_refine_tls_group.beg_auth_asym_id    A 
_pdbx_refine_tls_group.beg_auth_seq_id     1 
_pdbx_refine_tls_group.beg_label_asym_id   ? 
_pdbx_refine_tls_group.beg_label_seq_id    ? 
_pdbx_refine_tls_group.end_auth_asym_id    A 
_pdbx_refine_tls_group.end_auth_seq_id     120 
_pdbx_refine_tls_group.end_label_asym_id   ? 
_pdbx_refine_tls_group.end_label_seq_id    ? 
_pdbx_refine_tls_group.selection           ? 
_pdbx_refine_tls_group.selection_details   ? 
# 
_pdbx_database_remark.id     700 
_pdbx_database_remark.text   
;
SHEET
THE SHEET STRUCTURE OF THIS MOLECULE IS BIFURCATED. IN
ORDER TO REPRESENT THIS FEATURE IN THE SHEET RECORDS BELOW,
TWO SHEETS ARE DEFINED.
;
# 
loop_
_pdbx_unobs_or_zero_occ_residues.id 
_pdbx_unobs_or_zero_occ_residues.PDB_model_num 
_pdbx_unobs_or_zero_occ_residues.polymer_flag 
_pdbx_unobs_or_zero_occ_residues.occupancy_flag 
_pdbx_unobs_or_zero_occ_residues.auth_asym_id 
_pdbx_unobs_or_zero_occ_residues.auth_comp_id 
_pdbx_unobs_or_zero_occ_residues.auth_seq_id 
_pdbx_unobs_or_zero_occ_residues.PDB_ins_code 
_pdbx_unobs_or_zero_occ_residues.label_asym_id 
_pdbx_unobs_or_zero_occ_residues.label_comp_id 
_pdbx_unobs_or_zero_occ_residues.label_seq_id 
1  1 Y 1 A GLU 1   ? A GLU 1   
2  1 Y 1 A GLU 2   ? A GLU 2   
3  1 Y 1 A GLU 3   ? A GLU 3   
4  1 Y 1 A GLY 97  ? A GLY 97  
5  1 Y 1 A SER 98  ? A SER 98  
6  1 Y 1 A PRO 99  ? A PRO 99  
7  1 Y 1 A GLU 100 ? A GLU 100 
8  1 Y 1 A SER 119 ? A SER 119 
9  1 Y 1 A THR 120 ? A THR 120 
10 1 Y 1 A ARG 121 ? A ARG 121 
11 1 Y 1 A HIS 122 ? A HIS 122 
12 1 Y 1 A HIS 123 ? A HIS 123 
13 1 Y 1 A HIS 124 ? A HIS 124 
14 1 Y 1 A HIS 125 ? A HIS 125 
15 1 Y 1 A HIS 126 ? A HIS 126 
16 1 Y 1 A HIS 127 ? A HIS 127 
# 
loop_
_chem_comp_atom.comp_id 
_chem_comp_atom.atom_id 
_chem_comp_atom.type_symbol 
_chem_comp_atom.pdbx_aromatic_flag 
_chem_comp_atom.pdbx_stereo_config 
_chem_comp_atom.pdbx_ordinal 
ALA N    N N N 1   
ALA CA   C N S 2   
ALA C    C N N 3   
ALA O    O N N 4   
ALA CB   C N N 5   
ALA OXT  O N N 6   
ALA H    H N N 7   
ALA H2   H N N 8   
ALA HA   H N N 9   
ALA HB1  H N N 10  
ALA HB2  H N N 11  
ALA HB3  H N N 12  
ALA HXT  H N N 13  
ARG N    N N N 14  
ARG CA   C N S 15  
ARG C    C N N 16  
ARG O    O N N 17  
ARG CB   C N N 18  
ARG CG   C N N 19  
ARG CD   C N N 20  
ARG NE   N N N 21  
ARG CZ   C N N 22  
ARG NH1  N N N 23  
ARG NH2  N N N 24  
ARG OXT  O N N 25  
ARG H    H N N 26  
ARG H2   H N N 27  
ARG HA   H N N 28  
ARG HB2  H N N 29  
ARG HB3  H N N 30  
ARG HG2  H N N 31  
ARG HG3  H N N 32  
ARG HD2  H N N 33  
ARG HD3  H N N 34  
ARG HE   H N N 35  
ARG HH11 H N N 36  
ARG HH12 H N N 37  
ARG HH21 H N N 38  
ARG HH22 H N N 39  
ARG HXT  H N N 40  
ASN N    N N N 41  
ASN CA   C N S 42  
ASN C    C N N 43  
ASN O    O N N 44  
ASN CB   C N N 45  
ASN CG   C N N 46  
ASN OD1  O N N 47  
ASN ND2  N N N 48  
ASN OXT  O N N 49  
ASN H    H N N 50  
ASN H2   H N N 51  
ASN HA   H N N 52  
ASN HB2  H N N 53  
ASN HB3  H N N 54  
ASN HD21 H N N 55  
ASN HD22 H N N 56  
ASN HXT  H N N 57  
ASP N    N N N 58  
ASP CA   C N S 59  
ASP C    C N N 60  
ASP O    O N N 61  
ASP CB   C N N 62  
ASP CG   C N N 63  
ASP OD1  O N N 64  
ASP OD2  O N N 65  
ASP OXT  O N N 66  
ASP H    H N N 67  
ASP H2   H N N 68  
ASP HA   H N N 69  
ASP HB2  H N N 70  
ASP HB3  H N N 71  
ASP HD2  H N N 72  
ASP HXT  H N N 73  
CYS N    N N N 74  
CYS CA   C N R 75  
CYS C    C N N 76  
CYS O    O N N 77  
CYS CB   C N N 78  
CYS SG   S N N 79  
CYS OXT  O N N 80  
CYS H    H N N 81  
CYS H2   H N N 82  
CYS HA   H N N 83  
CYS HB2  H N N 84  
CYS HB3  H N N 85  
CYS HG   H N N 86  
CYS HXT  H N N 87  
GLN N    N N N 88  
GLN CA   C N S 89  
GLN C    C N N 90  
GLN O    O N N 91  
GLN CB   C N N 92  
GLN CG   C N N 93  
GLN CD   C N N 94  
GLN OE1  O N N 95  
GLN NE2  N N N 96  
GLN OXT  O N N 97  
GLN H    H N N 98  
GLN H2   H N N 99  
GLN HA   H N N 100 
GLN HB2  H N N 101 
GLN HB3  H N N 102 
GLN HG2  H N N 103 
GLN HG3  H N N 104 
GLN HE21 H N N 105 
GLN HE22 H N N 106 
GLN HXT  H N N 107 
GLU N    N N N 108 
GLU CA   C N S 109 
GLU C    C N N 110 
GLU O    O N N 111 
GLU CB   C N N 112 
GLU CG   C N N 113 
GLU CD   C N N 114 
GLU OE1  O N N 115 
GLU OE2  O N N 116 
GLU OXT  O N N 117 
GLU H    H N N 118 
GLU H2   H N N 119 
GLU HA   H N N 120 
GLU HB2  H N N 121 
GLU HB3  H N N 122 
GLU HG2  H N N 123 
GLU HG3  H N N 124 
GLU HE2  H N N 125 
GLU HXT  H N N 126 
GLY N    N N N 127 
GLY CA   C N N 128 
GLY C    C N N 129 
GLY O    O N N 130 
GLY OXT  O N N 131 
GLY H    H N N 132 
GLY H2   H N N 133 
GLY HA2  H N N 134 
GLY HA3  H N N 135 
GLY HXT  H N N 136 
HIS N    N N N 137 
HIS CA   C N S 138 
HIS C    C N N 139 
HIS O    O N N 140 
HIS CB   C N N 141 
HIS CG   C Y N 142 
HIS ND1  N Y N 143 
HIS CD2  C Y N 144 
HIS CE1  C Y N 145 
HIS NE2  N Y N 146 
HIS OXT  O N N 147 
HIS H    H N N 148 
HIS H2   H N N 149 
HIS HA   H N N 150 
HIS HB2  H N N 151 
HIS HB3  H N N 152 
HIS HD1  H N N 153 
HIS HD2  H N N 154 
HIS HE1  H N N 155 
HIS HE2  H N N 156 
HIS HXT  H N N 157 
HOH O    O N N 158 
HOH H1   H N N 159 
HOH H2   H N N 160 
ILE N    N N N 161 
ILE CA   C N S 162 
ILE C    C N N 163 
ILE O    O N N 164 
ILE CB   C N S 165 
ILE CG1  C N N 166 
ILE CG2  C N N 167 
ILE CD1  C N N 168 
ILE OXT  O N N 169 
ILE H    H N N 170 
ILE H2   H N N 171 
ILE HA   H N N 172 
ILE HB   H N N 173 
ILE HG12 H N N 174 
ILE HG13 H N N 175 
ILE HG21 H N N 176 
ILE HG22 H N N 177 
ILE HG23 H N N 178 
ILE HD11 H N N 179 
ILE HD12 H N N 180 
ILE HD13 H N N 181 
ILE HXT  H N N 182 
LEU N    N N N 183 
LEU CA   C N S 184 
LEU C    C N N 185 
LEU O    O N N 186 
LEU CB   C N N 187 
LEU CG   C N N 188 
LEU CD1  C N N 189 
LEU CD2  C N N 190 
LEU OXT  O N N 191 
LEU H    H N N 192 
LEU H2   H N N 193 
LEU HA   H N N 194 
LEU HB2  H N N 195 
LEU HB3  H N N 196 
LEU HG   H N N 197 
LEU HD11 H N N 198 
LEU HD12 H N N 199 
LEU HD13 H N N 200 
LEU HD21 H N N 201 
LEU HD22 H N N 202 
LEU HD23 H N N 203 
LEU HXT  H N N 204 
LYS N    N N N 205 
LYS CA   C N S 206 
LYS C    C N N 207 
LYS O    O N N 208 
LYS CB   C N N 209 
LYS CG   C N N 210 
LYS CD   C N N 211 
LYS CE   C N N 212 
LYS NZ   N N N 213 
LYS OXT  O N N 214 
LYS H    H N N 215 
LYS H2   H N N 216 
LYS HA   H N N 217 
LYS HB2  H N N 218 
LYS HB3  H N N 219 
LYS HG2  H N N 220 
LYS HG3  H N N 221 
LYS HD2  H N N 222 
LYS HD3  H N N 223 
LYS HE2  H N N 224 
LYS HE3  H N N 225 
LYS HZ1  H N N 226 
LYS HZ2  H N N 227 
LYS HZ3  H N N 228 
LYS HXT  H N N 229 
MET N    N N N 230 
MET CA   C N S 231 
MET C    C N N 232 
MET O    O N N 233 
MET CB   C N N 234 
MET CG   C N N 235 
MET SD   S N N 236 
MET CE   C N N 237 
MET OXT  O N N 238 
MET H    H N N 239 
MET H2   H N N 240 
MET HA   H N N 241 
MET HB2  H N N 242 
MET HB3  H N N 243 
MET HG2  H N N 244 
MET HG3  H N N 245 
MET HE1  H N N 246 
MET HE2  H N N 247 
MET HE3  H N N 248 
MET HXT  H N N 249 
PHE N    N N N 250 
PHE CA   C N S 251 
PHE C    C N N 252 
PHE O    O N N 253 
PHE CB   C N N 254 
PHE CG   C Y N 255 
PHE CD1  C Y N 256 
PHE CD2  C Y N 257 
PHE CE1  C Y N 258 
PHE CE2  C Y N 259 
PHE CZ   C Y N 260 
PHE OXT  O N N 261 
PHE H    H N N 262 
PHE H2   H N N 263 
PHE HA   H N N 264 
PHE HB2  H N N 265 
PHE HB3  H N N 266 
PHE HD1  H N N 267 
PHE HD2  H N N 268 
PHE HE1  H N N 269 
PHE HE2  H N N 270 
PHE HZ   H N N 271 
PHE HXT  H N N 272 
PRO N    N N N 273 
PRO CA   C N S 274 
PRO C    C N N 275 
PRO O    O N N 276 
PRO CB   C N N 277 
PRO CG   C N N 278 
PRO CD   C N N 279 
PRO OXT  O N N 280 
PRO H    H N N 281 
PRO HA   H N N 282 
PRO HB2  H N N 283 
PRO HB3  H N N 284 
PRO HG2  H N N 285 
PRO HG3  H N N 286 
PRO HD2  H N N 287 
PRO HD3  H N N 288 
PRO HXT  H N N 289 
SER N    N N N 290 
SER CA   C N S 291 
SER C    C N N 292 
SER O    O N N 293 
SER CB   C N N 294 
SER OG   O N N 295 
SER OXT  O N N 296 
SER H    H N N 297 
SER H2   H N N 298 
SER HA   H N N 299 
SER HB2  H N N 300 
SER HB3  H N N 301 
SER HG   H N N 302 
SER HXT  H N N 303 
THR N    N N N 304 
THR CA   C N S 305 
THR C    C N N 306 
THR O    O N N 307 
THR CB   C N R 308 
THR OG1  O N N 309 
THR CG2  C N N 310 
THR OXT  O N N 311 
THR H    H N N 312 
THR H2   H N N 313 
THR HA   H N N 314 
THR HB   H N N 315 
THR HG1  H N N 316 
THR HG21 H N N 317 
THR HG22 H N N 318 
THR HG23 H N N 319 
THR HXT  H N N 320 
TRP N    N N N 321 
TRP CA   C N S 322 
TRP C    C N N 323 
TRP O    O N N 324 
TRP CB   C N N 325 
TRP CG   C Y N 326 
TRP CD1  C Y N 327 
TRP CD2  C Y N 328 
TRP NE1  N Y N 329 
TRP CE2  C Y N 330 
TRP CE3  C Y N 331 
TRP CZ2  C Y N 332 
TRP CZ3  C Y N 333 
TRP CH2  C Y N 334 
TRP OXT  O N N 335 
TRP H    H N N 336 
TRP H2   H N N 337 
TRP HA   H N N 338 
TRP HB2  H N N 339 
TRP HB3  H N N 340 
TRP HD1  H N N 341 
TRP HE1  H N N 342 
TRP HE3  H N N 343 
TRP HZ2  H N N 344 
TRP HZ3  H N N 345 
TRP HH2  H N N 346 
TRP HXT  H N N 347 
TYR N    N N N 348 
TYR CA   C N S 349 
TYR C    C N N 350 
TYR O    O N N 351 
TYR CB   C N N 352 
TYR CG   C Y N 353 
TYR CD1  C Y N 354 
TYR CD2  C Y N 355 
TYR CE1  C Y N 356 
TYR CE2  C Y N 357 
TYR CZ   C Y N 358 
TYR OH   O N N 359 
TYR OXT  O N N 360 
TYR H    H N N 361 
TYR H2   H N N 362 
TYR HA   H N N 363 
TYR HB2  H N N 364 
TYR HB3  H N N 365 
TYR HD1  H N N 366 
TYR HD2  H N N 367 
TYR HE1  H N N 368 
TYR HE2  H N N 369 
TYR HH   H N N 370 
TYR HXT  H N N 371 
VAL N    N N N 372 
VAL CA   C N S 373 
VAL C    C N N 374 
VAL O    O N N 375 
VAL CB   C N N 376 
VAL CG1  C N N 377 
VAL CG2  C N N 378 
VAL OXT  O N N 379 
VAL H    H N N 380 
VAL H2   H N N 381 
VAL HA   H N N 382 
VAL HB   H N N 383 
VAL HG11 H N N 384 
VAL HG12 H N N 385 
VAL HG13 H N N 386 
VAL HG21 H N N 387 
VAL HG22 H N N 388 
VAL HG23 H N N 389 
VAL HXT  H N N 390 
# 
loop_
_chem_comp_bond.comp_id 
_chem_comp_bond.atom_id_1 
_chem_comp_bond.atom_id_2 
_chem_comp_bond.value_order 
_chem_comp_bond.pdbx_aromatic_flag 
_chem_comp_bond.pdbx_stereo_config 
_chem_comp_bond.pdbx_ordinal 
ALA N   CA   sing N N 1   
ALA N   H    sing N N 2   
ALA N   H2   sing N N 3   
ALA CA  C    sing N N 4   
ALA CA  CB   sing N N 5   
ALA CA  HA   sing N N 6   
ALA C   O    doub N N 7   
ALA C   OXT  sing N N 8   
ALA CB  HB1  sing N N 9   
ALA CB  HB2  sing N N 10  
ALA CB  HB3  sing N N 11  
ALA OXT HXT  sing N N 12  
ARG N   CA   sing N N 13  
ARG N   H    sing N N 14  
ARG N   H2   sing N N 15  
ARG CA  C    sing N N 16  
ARG CA  CB   sing N N 17  
ARG CA  HA   sing N N 18  
ARG C   O    doub N N 19  
ARG C   OXT  sing N N 20  
ARG CB  CG   sing N N 21  
ARG CB  HB2  sing N N 22  
ARG CB  HB3  sing N N 23  
ARG CG  CD   sing N N 24  
ARG CG  HG2  sing N N 25  
ARG CG  HG3  sing N N 26  
ARG CD  NE   sing N N 27  
ARG CD  HD2  sing N N 28  
ARG CD  HD3  sing N N 29  
ARG NE  CZ   sing N N 30  
ARG NE  HE   sing N N 31  
ARG CZ  NH1  sing N N 32  
ARG CZ  NH2  doub N N 33  
ARG NH1 HH11 sing N N 34  
ARG NH1 HH12 sing N N 35  
ARG NH2 HH21 sing N N 36  
ARG NH2 HH22 sing N N 37  
ARG OXT HXT  sing N N 38  
ASN N   CA   sing N N 39  
ASN N   H    sing N N 40  
ASN N   H2   sing N N 41  
ASN CA  C    sing N N 42  
ASN CA  CB   sing N N 43  
ASN CA  HA   sing N N 44  
ASN C   O    doub N N 45  
ASN C   OXT  sing N N 46  
ASN CB  CG   sing N N 47  
ASN CB  HB2  sing N N 48  
ASN CB  HB3  sing N N 49  
ASN CG  OD1  doub N N 50  
ASN CG  ND2  sing N N 51  
ASN ND2 HD21 sing N N 52  
ASN ND2 HD22 sing N N 53  
ASN OXT HXT  sing N N 54  
ASP N   CA   sing N N 55  
ASP N   H    sing N N 56  
ASP N   H2   sing N N 57  
ASP CA  C    sing N N 58  
ASP CA  CB   sing N N 59  
ASP CA  HA   sing N N 60  
ASP C   O    doub N N 61  
ASP C   OXT  sing N N 62  
ASP CB  CG   sing N N 63  
ASP CB  HB2  sing N N 64  
ASP CB  HB3  sing N N 65  
ASP CG  OD1  doub N N 66  
ASP CG  OD2  sing N N 67  
ASP OD2 HD2  sing N N 68  
ASP OXT HXT  sing N N 69  
CYS N   CA   sing N N 70  
CYS N   H    sing N N 71  
CYS N   H2   sing N N 72  
CYS CA  C    sing N N 73  
CYS CA  CB   sing N N 74  
CYS CA  HA   sing N N 75  
CYS C   O    doub N N 76  
CYS C   OXT  sing N N 77  
CYS CB  SG   sing N N 78  
CYS CB  HB2  sing N N 79  
CYS CB  HB3  sing N N 80  
CYS SG  HG   sing N N 81  
CYS OXT HXT  sing N N 82  
GLN N   CA   sing N N 83  
GLN N   H    sing N N 84  
GLN N   H2   sing N N 85  
GLN CA  C    sing N N 86  
GLN CA  CB   sing N N 87  
GLN CA  HA   sing N N 88  
GLN C   O    doub N N 89  
GLN C   OXT  sing N N 90  
GLN CB  CG   sing N N 91  
GLN CB  HB2  sing N N 92  
GLN CB  HB3  sing N N 93  
GLN CG  CD   sing N N 94  
GLN CG  HG2  sing N N 95  
GLN CG  HG3  sing N N 96  
GLN CD  OE1  doub N N 97  
GLN CD  NE2  sing N N 98  
GLN NE2 HE21 sing N N 99  
GLN NE2 HE22 sing N N 100 
GLN OXT HXT  sing N N 101 
GLU N   CA   sing N N 102 
GLU N   H    sing N N 103 
GLU N   H2   sing N N 104 
GLU CA  C    sing N N 105 
GLU CA  CB   sing N N 106 
GLU CA  HA   sing N N 107 
GLU C   O    doub N N 108 
GLU C   OXT  sing N N 109 
GLU CB  CG   sing N N 110 
GLU CB  HB2  sing N N 111 
GLU CB  HB3  sing N N 112 
GLU CG  CD   sing N N 113 
GLU CG  HG2  sing N N 114 
GLU CG  HG3  sing N N 115 
GLU CD  OE1  doub N N 116 
GLU CD  OE2  sing N N 117 
GLU OE2 HE2  sing N N 118 
GLU OXT HXT  sing N N 119 
GLY N   CA   sing N N 120 
GLY N   H    sing N N 121 
GLY N   H2   sing N N 122 
GLY CA  C    sing N N 123 
GLY CA  HA2  sing N N 124 
GLY CA  HA3  sing N N 125 
GLY C   O    doub N N 126 
GLY C   OXT  sing N N 127 
GLY OXT HXT  sing N N 128 
HIS N   CA   sing N N 129 
HIS N   H    sing N N 130 
HIS N   H2   sing N N 131 
HIS CA  C    sing N N 132 
HIS CA  CB   sing N N 133 
HIS CA  HA   sing N N 134 
HIS C   O    doub N N 135 
HIS C   OXT  sing N N 136 
HIS CB  CG   sing N N 137 
HIS CB  HB2  sing N N 138 
HIS CB  HB3  sing N N 139 
HIS CG  ND1  sing Y N 140 
HIS CG  CD2  doub Y N 141 
HIS ND1 CE1  doub Y N 142 
HIS ND1 HD1  sing N N 143 
HIS CD2 NE2  sing Y N 144 
HIS CD2 HD2  sing N N 145 
HIS CE1 NE2  sing Y N 146 
HIS CE1 HE1  sing N N 147 
HIS NE2 HE2  sing N N 148 
HIS OXT HXT  sing N N 149 
HOH O   H1   sing N N 150 
HOH O   H2   sing N N 151 
ILE N   CA   sing N N 152 
ILE N   H    sing N N 153 
ILE N   H2   sing N N 154 
ILE CA  C    sing N N 155 
ILE CA  CB   sing N N 156 
ILE CA  HA   sing N N 157 
ILE C   O    doub N N 158 
ILE C   OXT  sing N N 159 
ILE CB  CG1  sing N N 160 
ILE CB  CG2  sing N N 161 
ILE CB  HB   sing N N 162 
ILE CG1 CD1  sing N N 163 
ILE CG1 HG12 sing N N 164 
ILE CG1 HG13 sing N N 165 
ILE CG2 HG21 sing N N 166 
ILE CG2 HG22 sing N N 167 
ILE CG2 HG23 sing N N 168 
ILE CD1 HD11 sing N N 169 
ILE CD1 HD12 sing N N 170 
ILE CD1 HD13 sing N N 171 
ILE OXT HXT  sing N N 172 
LEU N   CA   sing N N 173 
LEU N   H    sing N N 174 
LEU N   H2   sing N N 175 
LEU CA  C    sing N N 176 
LEU CA  CB   sing N N 177 
LEU CA  HA   sing N N 178 
LEU C   O    doub N N 179 
LEU C   OXT  sing N N 180 
LEU CB  CG   sing N N 181 
LEU CB  HB2  sing N N 182 
LEU CB  HB3  sing N N 183 
LEU CG  CD1  sing N N 184 
LEU CG  CD2  sing N N 185 
LEU CG  HG   sing N N 186 
LEU CD1 HD11 sing N N 187 
LEU CD1 HD12 sing N N 188 
LEU CD1 HD13 sing N N 189 
LEU CD2 HD21 sing N N 190 
LEU CD2 HD22 sing N N 191 
LEU CD2 HD23 sing N N 192 
LEU OXT HXT  sing N N 193 
LYS N   CA   sing N N 194 
LYS N   H    sing N N 195 
LYS N   H2   sing N N 196 
LYS CA  C    sing N N 197 
LYS CA  CB   sing N N 198 
LYS CA  HA   sing N N 199 
LYS C   O    doub N N 200 
LYS C   OXT  sing N N 201 
LYS CB  CG   sing N N 202 
LYS CB  HB2  sing N N 203 
LYS CB  HB3  sing N N 204 
LYS CG  CD   sing N N 205 
LYS CG  HG2  sing N N 206 
LYS CG  HG3  sing N N 207 
LYS CD  CE   sing N N 208 
LYS CD  HD2  sing N N 209 
LYS CD  HD3  sing N N 210 
LYS CE  NZ   sing N N 211 
LYS CE  HE2  sing N N 212 
LYS CE  HE3  sing N N 213 
LYS NZ  HZ1  sing N N 214 
LYS NZ  HZ2  sing N N 215 
LYS NZ  HZ3  sing N N 216 
LYS OXT HXT  sing N N 217 
MET N   CA   sing N N 218 
MET N   H    sing N N 219 
MET N   H2   sing N N 220 
MET CA  C    sing N N 221 
MET CA  CB   sing N N 222 
MET CA  HA   sing N N 223 
MET C   O    doub N N 224 
MET C   OXT  sing N N 225 
MET CB  CG   sing N N 226 
MET CB  HB2  sing N N 227 
MET CB  HB3  sing N N 228 
MET CG  SD   sing N N 229 
MET CG  HG2  sing N N 230 
MET CG  HG3  sing N N 231 
MET SD  CE   sing N N 232 
MET CE  HE1  sing N N 233 
MET CE  HE2  sing N N 234 
MET CE  HE3  sing N N 235 
MET OXT HXT  sing N N 236 
PHE N   CA   sing N N 237 
PHE N   H    sing N N 238 
PHE N   H2   sing N N 239 
PHE CA  C    sing N N 240 
PHE CA  CB   sing N N 241 
PHE CA  HA   sing N N 242 
PHE C   O    doub N N 243 
PHE C   OXT  sing N N 244 
PHE CB  CG   sing N N 245 
PHE CB  HB2  sing N N 246 
PHE CB  HB3  sing N N 247 
PHE CG  CD1  doub Y N 248 
PHE CG  CD2  sing Y N 249 
PHE CD1 CE1  sing Y N 250 
PHE CD1 HD1  sing N N 251 
PHE CD2 CE2  doub Y N 252 
PHE CD2 HD2  sing N N 253 
PHE CE1 CZ   doub Y N 254 
PHE CE1 HE1  sing N N 255 
PHE CE2 CZ   sing Y N 256 
PHE CE2 HE2  sing N N 257 
PHE CZ  HZ   sing N N 258 
PHE OXT HXT  sing N N 259 
PRO N   CA   sing N N 260 
PRO N   CD   sing N N 261 
PRO N   H    sing N N 262 
PRO CA  C    sing N N 263 
PRO CA  CB   sing N N 264 
PRO CA  HA   sing N N 265 
PRO C   O    doub N N 266 
PRO C   OXT  sing N N 267 
PRO CB  CG   sing N N 268 
PRO CB  HB2  sing N N 269 
PRO CB  HB3  sing N N 270 
PRO CG  CD   sing N N 271 
PRO CG  HG2  sing N N 272 
PRO CG  HG3  sing N N 273 
PRO CD  HD2  sing N N 274 
PRO CD  HD3  sing N N 275 
PRO OXT HXT  sing N N 276 
SER N   CA   sing N N 277 
SER N   H    sing N N 278 
SER N   H2   sing N N 279 
SER CA  C    sing N N 280 
SER CA  CB   sing N N 281 
SER CA  HA   sing N N 282 
SER C   O    doub N N 283 
SER C   OXT  sing N N 284 
SER CB  OG   sing N N 285 
SER CB  HB2  sing N N 286 
SER CB  HB3  sing N N 287 
SER OG  HG   sing N N 288 
SER OXT HXT  sing N N 289 
THR N   CA   sing N N 290 
THR N   H    sing N N 291 
THR N   H2   sing N N 292 
THR CA  C    sing N N 293 
THR CA  CB   sing N N 294 
THR CA  HA   sing N N 295 
THR C   O    doub N N 296 
THR C   OXT  sing N N 297 
THR CB  OG1  sing N N 298 
THR CB  CG2  sing N N 299 
THR CB  HB   sing N N 300 
THR OG1 HG1  sing N N 301 
THR CG2 HG21 sing N N 302 
THR CG2 HG22 sing N N 303 
THR CG2 HG23 sing N N 304 
THR OXT HXT  sing N N 305 
TRP N   CA   sing N N 306 
TRP N   H    sing N N 307 
TRP N   H2   sing N N 308 
TRP CA  C    sing N N 309 
TRP CA  CB   sing N N 310 
TRP CA  HA   sing N N 311 
TRP C   O    doub N N 312 
TRP C   OXT  sing N N 313 
TRP CB  CG   sing N N 314 
TRP CB  HB2  sing N N 315 
TRP CB  HB3  sing N N 316 
TRP CG  CD1  doub Y N 317 
TRP CG  CD2  sing Y N 318 
TRP CD1 NE1  sing Y N 319 
TRP CD1 HD1  sing N N 320 
TRP CD2 CE2  doub Y N 321 
TRP CD2 CE3  sing Y N 322 
TRP NE1 CE2  sing Y N 323 
TRP NE1 HE1  sing N N 324 
TRP CE2 CZ2  sing Y N 325 
TRP CE3 CZ3  doub Y N 326 
TRP CE3 HE3  sing N N 327 
TRP CZ2 CH2  doub Y N 328 
TRP CZ2 HZ2  sing N N 329 
TRP CZ3 CH2  sing Y N 330 
TRP CZ3 HZ3  sing N N 331 
TRP CH2 HH2  sing N N 332 
TRP OXT HXT  sing N N 333 
TYR N   CA   sing N N 334 
TYR N   H    sing N N 335 
TYR N   H2   sing N N 336 
TYR CA  C    sing N N 337 
TYR CA  CB   sing N N 338 
TYR CA  HA   sing N N 339 
TYR C   O    doub N N 340 
TYR C   OXT  sing N N 341 
TYR CB  CG   sing N N 342 
TYR CB  HB2  sing N N 343 
TYR CB  HB3  sing N N 344 
TYR CG  CD1  doub Y N 345 
TYR CG  CD2  sing Y N 346 
TYR CD1 CE1  sing Y N 347 
TYR CD1 HD1  sing N N 348 
TYR CD2 CE2  doub Y N 349 
TYR CD2 HD2  sing N N 350 
TYR CE1 CZ   doub Y N 351 
TYR CE1 HE1  sing N N 352 
TYR CE2 CZ   sing Y N 353 
TYR CE2 HE2  sing N N 354 
TYR CZ  OH   sing N N 355 
TYR OH  HH   sing N N 356 
TYR OXT HXT  sing N N 357 
VAL N   CA   sing N N 358 
VAL N   H    sing N N 359 
VAL N   H2   sing N N 360 
VAL CA  C    sing N N 361 
VAL CA  CB   sing N N 362 
VAL CA  HA   sing N N 363 
VAL C   O    doub N N 364 
VAL C   OXT  sing N N 365 
VAL CB  CG1  sing N N 366 
VAL CB  CG2  sing N N 367 
VAL CB  HB   sing N N 368 
VAL CG1 HG11 sing N N 369 
VAL CG1 HG12 sing N N 370 
VAL CG1 HG13 sing N N 371 
VAL CG2 HG21 sing N N 372 
VAL CG2 HG22 sing N N 373 
VAL CG2 HG23 sing N N 374 
VAL OXT HXT  sing N N 375 
# 
_pdbx_initial_refinement_model.id               1 
_pdbx_initial_refinement_model.entity_id_list   ? 
_pdbx_initial_refinement_model.type             'experimental model' 
_pdbx_initial_refinement_model.source_name      PDB 
_pdbx_initial_refinement_model.accession_code   2UV3 
_pdbx_initial_refinement_model.details          'PDB ENTRY 2UV3 CHAIN A' 
# 
_atom_sites.entry_id                    2JJW 
_atom_sites.fract_transf_matrix[1][1]   -0.00026097 
_atom_sites.fract_transf_matrix[1][2]   0.00871415 
_atom_sites.fract_transf_matrix[1][3]   -0.01234881 
_atom_sites.fract_transf_matrix[2][1]   0.00200626 
_atom_sites.fract_transf_matrix[2][2]   0.01493070 
_atom_sites.fract_transf_matrix[2][3]   0.00124206 
_atom_sites.fract_transf_matrix[3][1]   0.01260766 
_atom_sites.fract_transf_matrix[3][2]   -0.00157924 
_atom_sites.fract_transf_matrix[3][3]   -0.00138086 
_atom_sites.fract_transf_vector[1]      0.474755 
_atom_sites.fract_transf_vector[2]      0.250382 
_atom_sites.fract_transf_vector[3]      0.100047 
# 
loop_
_atom_type.symbol 
C 
N 
O 
S 
# 
loop_
_atom_site.group_PDB 
_atom_site.id 
_atom_site.type_symbol 
_atom_site.label_atom_id 
_atom_site.label_alt_id 
_atom_site.label_comp_id 
_atom_site.label_asym_id 
_atom_site.label_entity_id 
_atom_site.label_seq_id 
_atom_site.pdbx_PDB_ins_code 
_atom_site.Cartn_x 
_atom_site.Cartn_y 
_atom_site.Cartn_z 
_atom_site.occupancy 
_atom_site.B_iso_or_equiv 
_atom_site.pdbx_formal_charge 
_atom_site.auth_seq_id 
_atom_site.auth_comp_id 
_atom_site.auth_asym_id 
_atom_site.auth_atom_id 
_atom_site.pdbx_PDB_model_num 
ATOM   1   N N   . LEU A 1 4   ? 12.520  -12.990 0.252   1.00 57.51 ? 4    LEU A N   1 
ATOM   2   C CA  . LEU A 1 4   ? 11.526  -11.947 -0.173  1.00 54.48 ? 4    LEU A CA  1 
ATOM   3   C C   . LEU A 1 4   ? 11.513  -10.756 0.775   1.00 53.36 ? 4    LEU A C   1 
ATOM   4   O O   . LEU A 1 4   ? 11.327  -10.903 1.987   1.00 54.27 ? 4    LEU A O   1 
ATOM   5   C CB  . LEU A 1 4   ? 10.111  -12.536 -0.280  1.00 53.28 ? 4    LEU A CB  1 
ATOM   6   C CG  . LEU A 1 4   ? 8.985   -11.587 -0.754  1.00 49.51 ? 4    LEU A CG  1 
ATOM   7   C CD1 . LEU A 1 4   ? 7.917   -12.350 -1.527  1.00 47.43 ? 4    LEU A CD1 1 
ATOM   8   C CD2 . LEU A 1 4   ? 8.369   -10.857 0.420   1.00 51.74 ? 4    LEU A CD2 1 
ATOM   9   N N   . GLN A 1 5   ? 11.734  -9.575  0.206   1.00 52.00 ? 5    GLN A N   1 
ATOM   10  C CA  A GLN A 1 5   ? 11.631  -8.332  0.952   0.50 49.61 ? 5    GLN A CA  1 
ATOM   11  C CA  B GLN A 1 5   ? 11.647  -8.316  0.939   0.50 49.94 ? 5    GLN A CA  1 
ATOM   12  C C   . GLN A 1 5   ? 10.512  -7.486  0.359   1.00 43.93 ? 5    GLN A C   1 
ATOM   13  O O   . GLN A 1 5   ? 10.309  -7.491  -0.847  1.00 44.34 ? 5    GLN A O   1 
ATOM   14  C CB  A GLN A 1 5   ? 12.958  -7.573  0.906   0.50 51.56 ? 5    GLN A CB  1 
ATOM   15  C CB  B GLN A 1 5   ? 12.941  -7.515  0.805   0.50 51.44 ? 5    GLN A CB  1 
ATOM   16  C CG  A GLN A 1 5   ? 14.104  -8.278  1.623   0.50 57.28 ? 5    GLN A CG  1 
ATOM   17  C CG  B GLN A 1 5   ? 14.194  -8.190  1.325   0.50 57.03 ? 5    GLN A CG  1 
ATOM   18  C CD  A GLN A 1 5   ? 13.860  -8.433  3.114   0.50 60.41 ? 5    GLN A CD  1 
ATOM   19  C CD  B GLN A 1 5   ? 15.447  -7.406  0.972   0.50 59.20 ? 5    GLN A CD  1 
ATOM   20  O OE1 A GLN A 1 5   ? 13.338  -7.528  3.766   0.50 59.67 ? 5    GLN A OE1 1 
ATOM   21  O OE1 B GLN A 1 5   ? 16.365  -7.931  0.348   0.50 65.20 ? 5    GLN A OE1 1 
ATOM   22  N NE2 A GLN A 1 5   ? 14.237  -9.585  3.659   0.50 61.73 ? 5    GLN A NE2 1 
ATOM   23  N NE2 B GLN A 1 5   ? 15.479  -6.133  1.355   0.50 59.47 ? 5    GLN A NE2 1 
ATOM   24  N N   . MET A 1 6   ? 9.792   -6.783  1.226   1.00 38.40 ? 6    MET A N   1 
ATOM   25  C CA  . MET A 1 6   ? 8.741   -5.833  0.844   1.00 36.23 ? 6    MET A CA  1 
ATOM   26  C C   . MET A 1 6   ? 9.322   -4.449  1.083   1.00 34.90 ? 6    MET A C   1 
ATOM   27  O O   . MET A 1 6   ? 9.558   -4.069  2.239   1.00 38.55 ? 6    MET A O   1 
ATOM   28  C CB  . MET A 1 6   ? 7.494   -6.017  1.719   1.00 35.27 ? 6    MET A CB  1 
ATOM   29  C CG  . MET A 1 6   ? 6.835   -7.390  1.615   1.00 41.71 ? 6    MET A CG  1 
ATOM   30  S SD  . MET A 1 6   ? 6.219   -7.733  -0.031  1.00 39.59 ? 6    MET A SD  1 
ATOM   31  C CE  . MET A 1 6   ? 4.882   -6.552  -0.162  1.00 34.59 ? 6    MET A CE  1 
ATOM   32  N N   . ILE A 1 7   ? 9.626   -3.731  0.004   1.00 30.20 ? 7    ILE A N   1 
ATOM   33  C CA  . ILE A 1 7   ? 10.356  -2.465  0.106   1.00 31.62 ? 7    ILE A CA  1 
ATOM   34  C C   . ILE A 1 7   ? 9.391   -1.308  -0.012  1.00 28.27 ? 7    ILE A C   1 
ATOM   35  O O   . ILE A 1 7   ? 8.616   -1.228  -0.983  1.00 29.95 ? 7    ILE A O   1 
ATOM   36  C CB  . ILE A 1 7   ? 11.405  -2.302  -1.006  1.00 32.61 ? 7    ILE A CB  1 
ATOM   37  C CG1 . ILE A 1 7   ? 12.328  -3.529  -1.041  1.00 41.85 ? 7    ILE A CG1 1 
ATOM   38  C CG2 . ILE A 1 7   ? 12.179  -1.001  -0.813  1.00 32.94 ? 7    ILE A CG2 1 
ATOM   39  C CD1 . ILE A 1 7   ? 13.545  -3.372  -1.933  1.00 43.68 ? 7    ILE A CD1 1 
ATOM   40  N N   . GLN A 1 8   ? 9.424   -0.424  0.978   1.00 28.08 ? 8    GLN A N   1 
ATOM   41  C CA  . GLN A 1 8   ? 8.658   0.817   0.938   1.00 25.58 ? 8    GLN A CA  1 
ATOM   42  C C   . GLN A 1 8   ? 9.678   1.939   1.141   1.00 25.86 ? 8    GLN A C   1 
ATOM   43  O O   . GLN A 1 8   ? 10.088  2.252   2.276   1.00 27.88 ? 8    GLN A O   1 
ATOM   44  C CB  . GLN A 1 8   ? 7.568   0.825   1.994   1.00 26.48 ? 8    GLN A CB  1 
ATOM   45  C CG  . GLN A 1 8   ? 6.519   -0.245  1.761   1.00 22.73 ? 8    GLN A CG  1 
ATOM   46  C CD  . GLN A 1 8   ? 5.423   -0.245  2.782   1.00 27.05 ? 8    GLN A CD  1 
ATOM   47  O OE1 . GLN A 1 8   ? 5.330   -1.156  3.605   1.00 29.26 ? 8    GLN A OE1 1 
ATOM   48  N NE2 . GLN A 1 8   ? 4.579   0.768   2.747   1.00 28.46 ? 8    GLN A NE2 1 
ATOM   49  N N   . PRO A 1 9   ? 10.154  2.512   0.032   1.00 29.84 ? 9    PRO A N   1 
ATOM   50  C CA  . PRO A 1 9   ? 11.286  3.445   0.114   1.00 28.82 ? 9    PRO A CA  1 
ATOM   51  C C   . PRO A 1 9   ? 11.048  4.716   0.938   1.00 31.80 ? 9    PRO A C   1 
ATOM   52  O O   . PRO A 1 9   ? 12.002  5.287   1.491   1.00 32.75 ? 9    PRO A O   1 
ATOM   53  C CB  . PRO A 1 9   ? 11.542  3.793   -1.356  1.00 31.10 ? 9    PRO A CB  1 
ATOM   54  C CG  . PRO A 1 9   ? 10.259  3.550   -2.024  1.00 30.55 ? 9    PRO A CG  1 
ATOM   55  C CD  . PRO A 1 9   ? 9.719   2.335   -1.360  1.00 26.52 ? 9    PRO A CD  1 
ATOM   56  N N   . GLU A 1 10  ? 9.800   5.163   0.997   1.00 28.68 ? 10   GLU A N   1 
ATOM   57  C CA  . GLU A 1 10  ? 9.442   6.389   1.671   1.00 30.10 ? 10   GLU A CA  1 
ATOM   58  C C   . GLU A 1 10  ? 8.866   6.049   3.062   1.00 30.88 ? 10   GLU A C   1 
ATOM   59  O O   . GLU A 1 10  ? 7.854   5.354   3.163   1.00 31.70 ? 10   GLU A O   1 
ATOM   60  C CB  . GLU A 1 10  ? 8.447   7.183   0.798   1.00 31.49 ? 10   GLU A CB  1 
ATOM   61  C CG  . GLU A 1 10  ? 9.099   7.957   -0.414  1.00 33.17 ? 10   GLU A CG  1 
ATOM   62  C CD  . GLU A 1 10  ? 8.862   7.369   -1.816  1.00 47.89 ? 10   GLU A CD  1 
ATOM   63  O OE1 . GLU A 1 10  ? 7.876   6.611   -1.993  1.00 41.76 ? 10   GLU A OE1 1 
ATOM   64  O OE2 . GLU A 1 10  ? 9.658   7.702   -2.758  1.00 40.98 ? 10   GLU A OE2 1 
ATOM   65  N N   . LYS A 1 11  ? 9.540   6.501   4.122   1.00 29.02 ? 11   LYS A N   1 
ATOM   66  C CA  . LYS A 1 11  ? 9.072   6.317   5.511   1.00 31.53 ? 11   LYS A CA  1 
ATOM   67  C C   . LYS A 1 11  ? 7.862   7.164   5.792   1.00 27.72 ? 11   LYS A C   1 
ATOM   68  O O   . LYS A 1 11  ? 7.025   6.813   6.610   1.00 28.80 ? 11   LYS A O   1 
ATOM   69  C CB  . LYS A 1 11  ? 10.127  6.762   6.512   1.00 35.24 ? 11   LYS A CB  1 
ATOM   70  C CG  . LYS A 1 11  ? 11.385  5.975   6.544   1.00 41.92 ? 11   LYS A CG  1 
ATOM   71  C CD  . LYS A 1 11  ? 12.183  6.374   7.766   1.00 42.45 ? 11   LYS A CD  1 
ATOM   72  C CE  . LYS A 1 11  ? 11.635  5.716   9.045   1.00 46.70 ? 11   LYS A CE  1 
ATOM   73  N NZ  . LYS A 1 11  ? 12.359  6.135   10.263  1.00 48.84 ? 11   LYS A NZ  1 
ATOM   74  N N   . LEU A 1 12  ? 7.814   8.331   5.150   1.00 27.01 ? 12   LEU A N   1 
ATOM   75  C CA  . LEU A 1 12  ? 6.770   9.313   5.401   1.00 22.15 ? 12   LEU A CA  1 
ATOM   76  C C   . LEU A 1 12  ? 6.546   10.205  4.178   1.00 21.95 ? 12   LEU A C   1 
ATOM   77  O O   . LEU A 1 12  ? 7.496   10.603  3.508   1.00 26.19 ? 12   LEU A O   1 
ATOM   78  C CB  . LEU A 1 12  ? 7.104   10.140  6.640   1.00 28.24 ? 12   LEU A CB  1 
ATOM   79  C CG  . LEU A 1 12  ? 6.090   11.198  7.068   1.00 28.25 ? 12   LEU A CG  1 
ATOM   80  C CD1 . LEU A 1 12  ? 6.039   11.254  8.592   1.00 40.41 ? 12   LEU A CD1 1 
ATOM   81  C CD2 . LEU A 1 12  ? 6.439   12.525  6.473   1.00 38.84 ? 12   LEU A CD2 1 
ATOM   82  N N   . LEU A 1 13  ? 5.277   10.503  3.926   1.00 24.11 ? 13   LEU A N   1 
ATOM   83  C CA  . LEU A 1 13  ? 4.816   11.454  2.932   1.00 26.04 ? 13   LEU A CA  1 
ATOM   84  C C   . LEU A 1 13  ? 4.036   12.464  3.693   1.00 25.77 ? 13   LEU A C   1 
ATOM   85  O O   . LEU A 1 13  ? 3.158   12.102  4.478   1.00 28.53 ? 13   LEU A O   1 
ATOM   86  C CB  . LEU A 1 13  ? 3.837   10.837  1.908   1.00 26.72 ? 13   LEU A CB  1 
ATOM   87  C CG  . LEU A 1 13  ? 4.290   9.645   1.107   1.00 34.71 ? 13   LEU A CG  1 
ATOM   88  C CD1 . LEU A 1 13  ? 3.166   9.225   0.131   1.00 28.04 ? 13   LEU A CD1 1 
ATOM   89  C CD2 . LEU A 1 13  ? 5.578   9.971   0.396   1.00 34.01 ? 13   LEU A CD2 1 
ATOM   90  N N   . LEU A 1 14  ? 4.370   13.718  3.470   1.00 24.11 ? 14   LEU A N   1 
ATOM   91  C CA  . LEU A 1 14  ? 3.583   14.836  3.903   1.00 25.99 ? 14   LEU A CA  1 
ATOM   92  C C   . LEU A 1 14  ? 2.779   15.352  2.719   1.00 27.02 ? 14   LEU A C   1 
ATOM   93  O O   . LEU A 1 14  ? 3.320   15.842  1.721   1.00 28.19 ? 14   LEU A O   1 
ATOM   94  C CB  . LEU A 1 14  ? 4.472   15.921  4.510   1.00 28.19 ? 14   LEU A CB  1 
ATOM   95  C CG  . LEU A 1 14  ? 3.776   17.040  5.273   1.00 29.22 ? 14   LEU A CG  1 
ATOM   96  C CD1 . LEU A 1 14  ? 2.981   16.458  6.437   1.00 34.02 ? 14   LEU A CD1 1 
ATOM   97  C CD2 . LEU A 1 14  ? 4.769   18.104  5.748   1.00 31.39 ? 14   LEU A CD2 1 
ATOM   98  N N   . VAL A 1 15  ? 1.466   15.219  2.832   1.00 29.06 ? 15   VAL A N   1 
ATOM   99  C CA  . VAL A 1 15  ? 0.552   15.549  1.761   1.00 25.94 ? 15   VAL A CA  1 
ATOM   100 C C   . VAL A 1 15  ? -0.381  16.619  2.286   1.00 32.02 ? 15   VAL A C   1 
ATOM   101 O O   . VAL A 1 15  ? -0.394  16.918  3.472   1.00 34.36 ? 15   VAL A O   1 
ATOM   102 C CB  . VAL A 1 15  ? -0.229  14.315  1.244   1.00 29.17 ? 15   VAL A CB  1 
ATOM   103 C CG1 . VAL A 1 15  ? 0.733   13.160  0.794   1.00 30.47 ? 15   VAL A CG1 1 
ATOM   104 C CG2 . VAL A 1 15  ? -1.182  13.778  2.308   1.00 30.12 ? 15   VAL A CG2 1 
ATOM   105 N N   . THR A 1 16  ? -1.108  17.238  1.374   1.00 26.55 ? 16   THR A N   1 
ATOM   106 C CA  . THR A 1 16  ? -2.080  18.256  1.713   1.00 32.89 ? 16   THR A CA  1 
ATOM   107 C C   . THR A 1 16  ? -3.444  17.781  1.224   1.00 32.65 ? 16   THR A C   1 
ATOM   108 O O   . THR A 1 16  ? -3.551  16.880  0.383   1.00 31.00 ? 16   THR A O   1 
ATOM   109 C CB  . THR A 1 16  ? -1.743  19.654  1.095   1.00 38.02 ? 16   THR A CB  1 
ATOM   110 O OG1 . THR A 1 16  ? -1.499  19.530  -0.306  1.00 43.84 ? 16   THR A OG1 1 
ATOM   111 C CG2 . THR A 1 16  ? -0.522  20.274  1.757   1.00 38.84 ? 16   THR A CG2 1 
ATOM   112 N N   . VAL A 1 17  ? -4.484  18.394  1.776   1.00 40.80 ? 17   VAL A N   1 
ATOM   113 C CA  . VAL A 1 17  ? -5.840  17.987  1.460   1.00 42.33 ? 17   VAL A CA  1 
ATOM   114 C C   . VAL A 1 17  ? -6.143  18.193  -0.029  1.00 39.84 ? 17   VAL A C   1 
ATOM   115 O O   . VAL A 1 17  ? -5.800  19.221  -0.609  1.00 43.76 ? 17   VAL A O   1 
ATOM   116 C CB  . VAL A 1 17  ? -6.830  18.753  2.327   1.00 45.95 ? 17   VAL A CB  1 
ATOM   117 C CG1 . VAL A 1 17  ? -8.263  18.539  1.849   1.00 53.75 ? 17   VAL A CG1 1 
ATOM   118 C CG2 . VAL A 1 17  ? -6.651  18.331  3.787   1.00 47.48 ? 17   VAL A CG2 1 
ATOM   119 N N   . GLY A 1 18  ? -6.807  17.214  -0.618  1.00 36.10 ? 18   GLY A N   1 
ATOM   120 C CA  . GLY A 1 18  ? -7.196  17.274  -2.015  1.00 37.13 ? 18   GLY A CA  1 
ATOM   121 C C   . GLY A 1 18  ? -6.196  16.579  -2.919  1.00 37.78 ? 18   GLY A C   1 
ATOM   122 O O   . GLY A 1 18  ? -6.530  16.246  -4.059  1.00 38.76 ? 18   GLY A O   1 
ATOM   123 N N   . LYS A 1 19  ? -4.969  16.350  -2.433  1.00 33.89 ? 19   LYS A N   1 
ATOM   124 C CA  . LYS A 1 19  ? -3.948  15.766  -3.314  1.00 34.82 ? 19   LYS A CA  1 
ATOM   125 C C   . LYS A 1 19  ? -4.130  14.261  -3.485  1.00 33.36 ? 19   LYS A C   1 
ATOM   126 O O   . LYS A 1 19  ? -4.812  13.596  -2.714  1.00 34.39 ? 19   LYS A O   1 
ATOM   127 C CB  . LYS A 1 19  ? -2.529  16.043  -2.811  1.00 34.89 ? 19   LYS A CB  1 
ATOM   128 C CG  . LYS A 1 19  ? -2.177  17.499  -2.654  1.00 35.77 ? 19   LYS A CG  1 
ATOM   129 C CD  . LYS A 1 19  ? -2.381  18.317  -3.937  1.00 42.85 ? 19   LYS A CD  1 
ATOM   130 C CE  . LYS A 1 19  ? -1.872  19.740  -3.747  1.00 45.47 ? 19   LYS A CE  1 
ATOM   131 N NZ  . LYS A 1 19  ? -2.603  20.445  -2.647  1.00 54.39 ? 19   LYS A NZ  1 
ATOM   132 N N   . THR A 1 20  ? -3.496  13.739  -4.530  1.00 32.95 ? 20   THR A N   1 
ATOM   133 C CA  . THR A 1 20  ? -3.369  12.304  -4.731  1.00 30.83 ? 20   THR A CA  1 
ATOM   134 C C   . THR A 1 20  ? -1.990  11.896  -4.221  1.00 31.45 ? 20   THR A C   1 
ATOM   135 O O   . THR A 1 20  ? -0.990  12.493  -4.591  1.00 34.98 ? 20   THR A O   1 
ATOM   136 C CB  . THR A 1 20  ? -3.520  11.954  -6.207  1.00 28.35 ? 20   THR A CB  1 
ATOM   137 O OG1 . THR A 1 20  ? -4.863  12.195  -6.620  1.00 40.77 ? 20   THR A OG1 1 
ATOM   138 C CG2 . THR A 1 20  ? -3.160  10.451  -6.469  1.00 32.70 ? 20   THR A CG2 1 
ATOM   139 N N   . ALA A 1 21  ? -1.941  10.920  -3.329  1.00 31.44 ? 21   ALA A N   1 
ATOM   140 C CA  . ALA A 1 21  ? -0.698  10.503  -2.723  1.00 28.27 ? 21   ALA A CA  1 
ATOM   141 C C   . ALA A 1 21  ? -0.312  9.169   -3.353  1.00 30.60 ? 21   ALA A C   1 
ATOM   142 O O   . ALA A 1 21  ? -1.179  8.332   -3.588  1.00 28.06 ? 21   ALA A O   1 
ATOM   143 C CB  . ALA A 1 21  ? -0.872  10.350  -1.234  1.00 31.05 ? 21   ALA A CB  1 
ATOM   144 N N   . THR A 1 22  ? 0.970   8.982   -3.626  1.00 27.57 ? 22   THR A N   1 
ATOM   145 C CA  . THR A 1 22  ? 1.468   7.714   -4.160  1.00 25.30 ? 22   THR A CA  1 
ATOM   146 C C   . THR A 1 22  ? 2.277   7.004   -3.087  1.00 24.26 ? 22   THR A C   1 
ATOM   147 O O   . THR A 1 22  ? 3.254   7.562   -2.548  1.00 24.25 ? 22   THR A O   1 
ATOM   148 C CB  . THR A 1 22  ? 2.318   7.937   -5.412  1.00 24.65 ? 22   THR A CB  1 
ATOM   149 O OG1 . THR A 1 22  ? 1.581   8.728   -6.347  1.00 26.16 ? 22   THR A OG1 1 
ATOM   150 C CG2 . THR A 1 22  ? 2.689   6.593   -6.067  1.00 23.72 ? 22   THR A CG2 1 
ATOM   151 N N   . LEU A 1 23  ? 1.842   5.789   -2.755  1.00 22.91 ? 23   LEU A N   1 
ATOM   152 C CA  . LEU A 1 23  ? 2.488   4.941   -1.766  1.00 22.51 ? 23   LEU A CA  1 
ATOM   153 C C   . LEU A 1 23  ? 3.274   3.870   -2.512  1.00 22.52 ? 23   LEU A C   1 
ATOM   154 O O   . LEU A 1 23  ? 2.683   2.999   -3.170  1.00 20.30 ? 23   LEU A O   1 
ATOM   155 C CB  . LEU A 1 23  ? 1.455   4.291   -0.865  1.00 23.79 ? 23   LEU A CB  1 
ATOM   156 C CG  . LEU A 1 23  ? 0.669   5.211   0.066   1.00 25.03 ? 23   LEU A CG  1 
ATOM   157 C CD1 . LEU A 1 23  ? -0.602  4.542   0.559   1.00 29.13 ? 23   LEU A CD1 1 
ATOM   158 C CD2 . LEU A 1 23  ? 1.558   5.594   1.230   1.00 29.53 ? 23   LEU A CD2 1 
ATOM   159 N N   . HIS A 1 24  ? 4.596   3.920   -2.419  1.00 20.79 ? 24   HIS A N   1 
ATOM   160 C CA  . HIS A 1 24  ? 5.428   3.009   -3.207  1.00 20.72 ? 24   HIS A CA  1 
ATOM   161 C C   . HIS A 1 24  ? 5.745   1.720   -2.435  1.00 22.16 ? 24   HIS A C   1 
ATOM   162 O O   . HIS A 1 24  ? 6.039   1.748   -1.233  1.00 23.39 ? 24   HIS A O   1 
ATOM   163 C CB  . HIS A 1 24  ? 6.739   3.702   -3.622  1.00 25.76 ? 24   HIS A CB  1 
ATOM   164 C CG  . HIS A 1 24  ? 6.549   4.711   -4.697  1.00 25.34 ? 24   HIS A CG  1 
ATOM   165 N ND1 . HIS A 1 24  ? 6.588   6.066   -4.458  1.00 31.72 ? 24   HIS A ND1 1 
ATOM   166 C CD2 . HIS A 1 24  ? 6.250   4.564   -6.009  1.00 31.95 ? 24   HIS A CD2 1 
ATOM   167 C CE1 . HIS A 1 24  ? 6.318   6.711   -5.579  1.00 30.80 ? 24   HIS A CE1 1 
ATOM   168 N NE2 . HIS A 1 24  ? 6.139   5.826   -6.543  1.00 32.94 ? 24   HIS A NE2 1 
ATOM   169 N N   . CYS A 1 25  ? 5.697   0.607   -3.146  1.00 23.57 ? 25   CYS A N   1 
ATOM   170 C CA  . CYS A 1 25  ? 6.042   -0.696  -2.609  1.00 22.72 ? 25   CYS A CA  1 
ATOM   171 C C   . CYS A 1 25  ? 6.530   -1.585  -3.743  1.00 24.29 ? 25   CYS A C   1 
ATOM   172 O O   . CYS A 1 25  ? 5.880   -1.657  -4.787  1.00 24.02 ? 25   CYS A O   1 
ATOM   173 C CB  . CYS A 1 25  ? 4.832   -1.351  -1.962  1.00 22.49 ? 25   CYS A CB  1 
ATOM   174 S SG  . CYS A 1 25  ? 5.114   -3.042  -1.364  1.00 26.12 ? 25   CYS A SG  1 
ATOM   175 N N   . THR A 1 26  ? 7.651   -2.261  -3.515  1.00 25.52 ? 26   THR A N   1 
ATOM   176 C CA  . THR A 1 26  ? 8.190   -3.248  -4.438  1.00 29.82 ? 26   THR A CA  1 
ATOM   177 C C   . THR A 1 26  ? 8.470   -4.552  -3.688  1.00 30.69 ? 26   THR A C   1 
ATOM   178 O O   . THR A 1 26  ? 8.824   -4.516  -2.515  1.00 31.92 ? 26   THR A O   1 
ATOM   179 C CB  . THR A 1 26  ? 9.490   -2.741  -5.079  1.00 37.49 ? 26   THR A CB  1 
ATOM   180 O OG1 . THR A 1 26  ? 9.217   -1.527  -5.784  1.00 43.97 ? 26   THR A OG1 1 
ATOM   181 C CG2 . THR A 1 26  ? 10.041  -3.754  -6.042  1.00 41.90 ? 26   THR A CG2 1 
ATOM   182 N N   . VAL A 1 27  ? 8.286   -5.686  -4.357  1.00 32.12 ? 27   VAL A N   1 
ATOM   183 C CA  . VAL A 1 27  ? 8.690   -6.978  -3.814  1.00 34.54 ? 27   VAL A CA  1 
ATOM   184 C C   . VAL A 1 27  ? 9.983   -7.349  -4.518  1.00 38.79 ? 27   VAL A C   1 
ATOM   185 O O   . VAL A 1 27  ? 10.178  -7.008  -5.688  1.00 37.27 ? 27   VAL A O   1 
ATOM   186 C CB  . VAL A 1 27  ? 7.627   -8.102  -3.976  1.00 35.19 ? 27   VAL A CB  1 
ATOM   187 C CG1 . VAL A 1 27  ? 6.378   -7.756  -3.197  1.00 41.19 ? 27   VAL A CG1 1 
ATOM   188 C CG2 . VAL A 1 27  ? 7.302   -8.377  -5.460  1.00 30.96 ? 27   VAL A CG2 1 
ATOM   189 N N   . THR A 1 28  ? 10.886  -8.007  -3.793  1.00 42.66 ? 28   THR A N   1 
ATOM   190 C CA  . THR A 1 28  ? 12.177  -8.420  -4.363  1.00 47.09 ? 28   THR A CA  1 
ATOM   191 C C   . THR A 1 28  ? 12.147  -9.864  -4.886  1.00 49.37 ? 28   THR A C   1 
ATOM   192 O O   . THR A 1 28  ? 13.160  -10.355 -5.406  1.00 53.71 ? 28   THR A O   1 
ATOM   193 C CB  . THR A 1 28  ? 13.319  -8.291  -3.329  1.00 49.32 ? 28   THR A CB  1 
ATOM   194 O OG1 . THR A 1 28  ? 13.065  -9.165  -2.223  1.00 51.80 ? 28   THR A OG1 1 
ATOM   195 C CG2 . THR A 1 28  ? 13.446  -6.845  -2.832  1.00 47.22 ? 28   THR A CG2 1 
ATOM   196 N N   . SER A 1 29  ? 11.003  -10.532 -4.732  1.00 47.73 ? 29   SER A N   1 
ATOM   197 C CA  . SER A 1 29  ? 10.816  -11.904 -5.191  1.00 50.88 ? 29   SER A CA  1 
ATOM   198 C C   . SER A 1 29  ? 9.366   -12.200 -5.584  1.00 51.12 ? 29   SER A C   1 
ATOM   199 O O   . SER A 1 29  ? 8.417   -11.715 -4.947  1.00 48.44 ? 29   SER A O   1 
ATOM   200 C CB  . SER A 1 29  ? 11.265  -12.901 -4.119  1.00 56.04 ? 29   SER A CB  1 
ATOM   201 O OG  . SER A 1 29  ? 11.088  -14.235 -4.570  1.00 55.84 ? 29   SER A OG  1 
ATOM   202 N N   . LEU A 1 30  ? 9.215   -13.001 -6.639  1.00 52.05 ? 30   LEU A N   1 
ATOM   203 C CA  . LEU A 1 30  ? 7.908   -13.386 -7.158  1.00 54.43 ? 30   LEU A CA  1 
ATOM   204 C C   . LEU A 1 30  ? 7.360   -14.638 -6.472  1.00 57.61 ? 30   LEU A C   1 
ATOM   205 O O   . LEU A 1 30  ? 6.204   -14.999 -6.683  1.00 55.86 ? 30   LEU A O   1 
ATOM   206 C CB  . LEU A 1 30  ? 7.999   -13.599 -8.668  1.00 57.74 ? 30   LEU A CB  1 
ATOM   207 C CG  . LEU A 1 30  ? 8.368   -12.341 -9.459  1.00 56.49 ? 30   LEU A CG  1 
ATOM   208 C CD1 . LEU A 1 30  ? 9.016   -12.685 -10.782 1.00 63.38 ? 30   LEU A CD1 1 
ATOM   209 C CD2 . LEU A 1 30  ? 7.129   -11.475 -9.669  1.00 54.36 ? 30   LEU A CD2 1 
ATOM   210 N N   . LEU A 1 31  ? 8.195   -15.308 -5.674  1.00 63.14 ? 31   LEU A N   1 
ATOM   211 C CA  . LEU A 1 31  ? 7.769   -16.478 -4.889  1.00 66.03 ? 31   LEU A CA  1 
ATOM   212 C C   . LEU A 1 31  ? 8.095   -16.219 -3.419  1.00 64.14 ? 31   LEU A C   1 
ATOM   213 O O   . LEU A 1 31  ? 9.122   -15.609 -3.124  1.00 65.50 ? 31   LEU A O   1 
ATOM   214 C CB  . LEU A 1 31  ? 8.423   -17.781 -5.395  1.00 70.97 ? 31   LEU A CB  1 
ATOM   215 C CG  . LEU A 1 31  ? 9.894   -18.090 -5.108  1.00 76.84 ? 31   LEU A CG  1 
ATOM   216 C CD1 . LEU A 1 31  ? 10.183  -19.570 -5.374  1.00 77.61 ? 31   LEU A CD1 1 
ATOM   217 C CD2 . LEU A 1 31  ? 10.826  -17.211 -5.927  1.00 81.11 ? 31   LEU A CD2 1 
ATOM   218 N N   . PRO A 1 32  ? 7.234   -16.684 -2.487  1.00 63.95 ? 32   PRO A N   1 
ATOM   219 C CA  . PRO A 1 32  ? 6.091   -17.591 -2.658  1.00 64.21 ? 32   PRO A CA  1 
ATOM   220 C C   . PRO A 1 32  ? 4.902   -16.954 -3.366  1.00 60.10 ? 32   PRO A C   1 
ATOM   221 O O   . PRO A 1 32  ? 4.843   -15.735 -3.501  1.00 53.39 ? 32   PRO A O   1 
ATOM   222 C CB  . PRO A 1 32  ? 5.708   -17.939 -1.215  1.00 64.89 ? 32   PRO A CB  1 
ATOM   223 C CG  . PRO A 1 32  ? 6.113   -16.766 -0.433  1.00 62.13 ? 32   PRO A CG  1 
ATOM   224 C CD  . PRO A 1 32  ? 7.366   -16.248 -1.086  1.00 63.45 ? 32   PRO A CD  1 
ATOM   225 N N   . VAL A 1 33  ? 3.973   -17.789 -3.824  1.00 60.60 ? 33   VAL A N   1 
ATOM   226 C CA  . VAL A 1 33  ? 2.761   -17.307 -4.475  1.00 58.68 ? 33   VAL A CA  1 
ATOM   227 C C   . VAL A 1 33  ? 1.802   -16.736 -3.445  1.00 55.75 ? 33   VAL A C   1 
ATOM   228 O O   . VAL A 1 33  ? 1.567   -17.336 -2.391  1.00 55.21 ? 33   VAL A O   1 
ATOM   229 C CB  . VAL A 1 33  ? 2.017   -18.426 -5.244  1.00 62.82 ? 33   VAL A CB  1 
ATOM   230 C CG1 . VAL A 1 33  ? 0.525   -18.104 -5.336  1.00 64.19 ? 33   VAL A CG1 1 
ATOM   231 C CG2 . VAL A 1 33  ? 2.614   -18.611 -6.629  1.00 62.51 ? 33   VAL A CG2 1 
ATOM   232 N N   . GLY A 1 34  ? 1.232   -15.584 -3.765  1.00 51.37 ? 34   GLY A N   1 
ATOM   233 C CA  . GLY A 1 34  ? 0.226   -14.992 -2.906  1.00 49.60 ? 34   GLY A CA  1 
ATOM   234 C C   . GLY A 1 34  ? -0.047  -13.542 -3.242  1.00 45.27 ? 34   GLY A C   1 
ATOM   235 O O   . GLY A 1 34  ? 0.778   -12.876 -3.879  1.00 43.06 ? 34   GLY A O   1 
ATOM   236 N N   . PRO A 1 35  ? -1.220  -13.042 -2.820  1.00 42.62 ? 35   PRO A N   1 
ATOM   237 C CA  . PRO A 1 35  ? -1.560  -11.671 -3.154  1.00 39.28 ? 35   PRO A CA  1 
ATOM   238 C C   . PRO A 1 35  ? -0.847  -10.671 -2.237  1.00 36.40 ? 35   PRO A C   1 
ATOM   239 O O   . PRO A 1 35  ? -0.399  -11.033 -1.139  1.00 37.63 ? 35   PRO A O   1 
ATOM   240 C CB  . PRO A 1 35  ? -3.071  -11.639 -2.936  1.00 41.30 ? 35   PRO A CB  1 
ATOM   241 C CG  . PRO A 1 35  ? -3.291  -12.595 -1.813  1.00 45.83 ? 35   PRO A CG  1 
ATOM   242 C CD  . PRO A 1 35  ? -2.268  -13.693 -2.011  1.00 43.20 ? 35   PRO A CD  1 
ATOM   243 N N   . VAL A 1 36  ? -0.739  -9.435  -2.706  1.00 33.04 ? 36   VAL A N   1 
ATOM   244 C CA  . VAL A 1 36  ? -0.215  -8.335  -1.909  1.00 29.56 ? 36   VAL A CA  1 
ATOM   245 C C   . VAL A 1 36  ? -1.406  -7.447  -1.627  1.00 30.54 ? 36   VAL A C   1 
ATOM   246 O O   . VAL A 1 36  ? -2.171  -7.106  -2.539  1.00 33.32 ? 36   VAL A O   1 
ATOM   247 C CB  . VAL A 1 36  ? 0.896   -7.560  -2.636  1.00 30.21 ? 36   VAL A CB  1 
ATOM   248 C CG1 . VAL A 1 36  ? 1.230   -6.249  -1.923  1.00 28.95 ? 36   VAL A CG1 1 
ATOM   249 C CG2 . VAL A 1 36  ? 2.168   -8.427  -2.756  1.00 30.72 ? 36   VAL A CG2 1 
ATOM   250 N N   . LEU A 1 37  ? -1.607  -7.152  -0.352  1.00 29.53 ? 37   LEU A N   1 
ATOM   251 C CA  . LEU A 1 37  ? -2.689  -6.280  0.094   1.00 29.81 ? 37   LEU A CA  1 
ATOM   252 C C   . LEU A 1 37  ? -2.064  -5.030  0.696   1.00 26.70 ? 37   LEU A C   1 
ATOM   253 O O   . LEU A 1 37  ? -0.905  -5.043  1.161   1.00 27.35 ? 37   LEU A O   1 
ATOM   254 C CB  . LEU A 1 37  ? -3.571  -6.963  1.146   1.00 31.05 ? 37   LEU A CB  1 
ATOM   255 C CG  . LEU A 1 37  ? -4.520  -8.067  0.693   1.00 36.66 ? 37   LEU A CG  1 
ATOM   256 C CD1 . LEU A 1 37  ? -3.769  -9.097  -0.060  1.00 33.73 ? 37   LEU A CD1 1 
ATOM   257 C CD2 . LEU A 1 37  ? -5.256  -8.692  1.890   1.00 39.17 ? 37   LEU A CD2 1 
ATOM   258 N N   . TRP A 1 38  ? -2.836  -3.944  0.678   1.00 25.33 ? 38   TRP A N   1 
ATOM   259 C CA  . TRP A 1 38  ? -2.491  -2.733  1.410   1.00 25.02 ? 38   TRP A CA  1 
ATOM   260 C C   . TRP A 1 38  ? -3.429  -2.534  2.578   1.00 26.90 ? 38   TRP A C   1 
ATOM   261 O O   . TRP A 1 38  ? -4.635  -2.695  2.441   1.00 29.89 ? 38   TRP A O   1 
ATOM   262 C CB  . TRP A 1 38  ? -2.585  -1.510  0.521   1.00 23.79 ? 38   TRP A CB  1 
ATOM   263 C CG  . TRP A 1 38  ? -1.424  -1.300  -0.393  1.00 23.91 ? 38   TRP A CG  1 
ATOM   264 C CD1 . TRP A 1 38  ? -1.272  -1.765  -1.676  1.00 24.01 ? 38   TRP A CD1 1 
ATOM   265 C CD2 . TRP A 1 38  ? -0.251  -0.562  -0.091  1.00 22.11 ? 38   TRP A CD2 1 
ATOM   266 N NE1 . TRP A 1 38  ? -0.058  -1.313  -2.188  1.00 24.79 ? 38   TRP A NE1 1 
ATOM   267 C CE2 . TRP A 1 38  ? 0.594   -0.612  -1.221  1.00 22.03 ? 38   TRP A CE2 1 
ATOM   268 C CE3 . TRP A 1 38  ? 0.196   0.108   1.052   1.00 21.61 ? 38   TRP A CE3 1 
ATOM   269 C CZ2 . TRP A 1 38  ? 1.821   0.070   -1.266  1.00 21.92 ? 38   TRP A CZ2 1 
ATOM   270 C CZ3 . TRP A 1 38  ? 1.407   0.757   1.011   1.00 25.00 ? 38   TRP A CZ3 1 
ATOM   271 C CH2 . TRP A 1 38  ? 2.213   0.731   -0.138  1.00 21.24 ? 38   TRP A CH2 1 
ATOM   272 N N   . PHE A 1 39  ? -2.859  -2.176  3.720   1.00 28.87 ? 39   PHE A N   1 
ATOM   273 C CA  . PHE A 1 39  ? -3.631  -1.876  4.933   1.00 29.29 ? 39   PHE A CA  1 
ATOM   274 C C   . PHE A 1 39  ? -3.184  -0.547  5.502   1.00 31.71 ? 39   PHE A C   1 
ATOM   275 O O   . PHE A 1 39  ? -2.042  -0.163  5.316   1.00 28.65 ? 39   PHE A O   1 
ATOM   276 C CB  . PHE A 1 39  ? -3.387  -2.929  6.016   1.00 34.62 ? 39   PHE A CB  1 
ATOM   277 C CG  . PHE A 1 39  ? -3.844  -4.312  5.651   1.00 33.90 ? 39   PHE A CG  1 
ATOM   278 C CD1 . PHE A 1 39  ? -5.180  -4.674  5.774   1.00 35.79 ? 39   PHE A CD1 1 
ATOM   279 C CD2 . PHE A 1 39  ? -2.929  -5.272  5.228   1.00 32.00 ? 39   PHE A CD2 1 
ATOM   280 C CE1 . PHE A 1 39  ? -5.603  -5.961  5.458   1.00 40.06 ? 39   PHE A CE1 1 
ATOM   281 C CE2 . PHE A 1 39  ? -3.346  -6.540  4.902   1.00 31.03 ? 39   PHE A CE2 1 
ATOM   282 C CZ  . PHE A 1 39  ? -4.680  -6.887  5.014   1.00 38.26 ? 39   PHE A CZ  1 
ATOM   283 N N   . ARG A 1 40  ? -4.084  0.112   6.236   1.00 31.64 ? 40   ARG A N   1 
ATOM   284 C CA  . ARG A 1 40  ? -3.709  1.252   7.084   1.00 33.92 ? 40   ARG A CA  1 
ATOM   285 C C   . ARG A 1 40  ? -3.762  0.764   8.520   1.00 35.52 ? 40   ARG A C   1 
ATOM   286 O O   . ARG A 1 40  ? -4.795  0.255   8.982   1.00 38.89 ? 40   ARG A O   1 
ATOM   287 C CB  . ARG A 1 40  ? -4.668  2.417   6.914   1.00 37.65 ? 40   ARG A CB  1 
ATOM   288 C CG  . ARG A 1 40  ? -4.409  3.535   7.927   1.00 43.73 ? 40   ARG A CG  1 
ATOM   289 C CD  . ARG A 1 40  ? -4.972  4.855   7.457   1.00 46.42 ? 40   ARG A CD  1 
ATOM   290 N NE  . ARG A 1 40  ? -6.342  5.059   7.907   1.00 50.43 ? 40   ARG A NE  1 
ATOM   291 C CZ  . ARG A 1 40  ? -7.439  5.022   7.148   1.00 56.02 ? 40   ARG A CZ  1 
ATOM   292 N NH1 . ARG A 1 40  ? -7.381  4.775   5.845   1.00 59.38 ? 40   ARG A NH1 1 
ATOM   293 N NH2 . ARG A 1 40  ? -8.621  5.240   7.714   1.00 57.52 ? 40   ARG A NH2 1 
ATOM   294 N N   . GLY A 1 41  ? -2.627  0.843   9.198   1.00 36.20 ? 41   GLY A N   1 
ATOM   295 C CA  . GLY A 1 41  ? -2.498  0.301   10.539  1.00 42.12 ? 41   GLY A CA  1 
ATOM   296 C C   . GLY A 1 41  ? -2.074  -1.150  10.581  1.00 43.18 ? 41   GLY A C   1 
ATOM   297 O O   . GLY A 1 41  ? -1.950  -1.818  9.551   1.00 40.74 ? 41   GLY A O   1 
ATOM   298 N N   . VAL A 1 42  ? -1.838  -1.624  11.798  1.00 47.64 ? 42   VAL A N   1 
ATOM   299 C CA  . VAL A 1 42  ? -1.454  -2.993  12.051  1.00 51.50 ? 42   VAL A CA  1 
ATOM   300 C C   . VAL A 1 42  ? -2.433  -3.607  13.054  1.00 58.48 ? 42   VAL A C   1 
ATOM   301 O O   . VAL A 1 42  ? -3.257  -2.904  13.653  1.00 59.85 ? 42   VAL A O   1 
ATOM   302 C CB  . VAL A 1 42  ? -0.017  -3.096  12.617  1.00 53.48 ? 42   VAL A CB  1 
ATOM   303 C CG1 . VAL A 1 42  ? 0.981   -2.484  11.658  1.00 61.61 ? 42   VAL A CG1 1 
ATOM   304 C CG2 . VAL A 1 42  ? 0.084   -2.431  13.978  1.00 50.54 ? 42   VAL A CG2 1 
ATOM   305 N N   . GLY A 1 43  ? -2.337  -4.918  13.222  1.00 61.10 ? 43   GLY A N   1 
ATOM   306 C CA  . GLY A 1 43  ? -3.187  -5.644  14.160  1.00 65.61 ? 43   GLY A CA  1 
ATOM   307 C C   . GLY A 1 43  ? -4.590  -5.877  13.632  1.00 67.22 ? 43   GLY A C   1 
ATOM   308 O O   . GLY A 1 43  ? -4.929  -5.436  12.543  1.00 63.35 ? 43   GLY A O   1 
ATOM   309 N N   . PRO A 1 44  ? -5.430  -6.574  14.417  1.00 73.82 ? 44   PRO A N   1 
ATOM   310 C CA  . PRO A 1 44  ? -6.777  -6.978  13.980  1.00 76.76 ? 44   PRO A CA  1 
ATOM   311 C C   . PRO A 1 44  ? -7.701  -5.833  13.529  1.00 75.46 ? 44   PRO A C   1 
ATOM   312 O O   . PRO A 1 44  ? -8.557  -6.045  12.662  1.00 77.96 ? 44   PRO A O   1 
ATOM   313 C CB  . PRO A 1 44  ? -7.352  -7.665  15.221  1.00 82.85 ? 44   PRO A CB  1 
ATOM   314 C CG  . PRO A 1 44  ? -6.161  -8.102  15.995  1.00 84.28 ? 44   PRO A CG  1 
ATOM   315 C CD  . PRO A 1 44  ? -5.139  -7.043  15.782  1.00 79.64 ? 44   PRO A CD  1 
ATOM   316 N N   . GLY A 1 45  ? -7.529  -4.648  14.110  1.00 73.66 ? 45   GLY A N   1 
ATOM   317 C CA  . GLY A 1 45  ? -8.322  -3.473  13.740  1.00 72.24 ? 45   GLY A CA  1 
ATOM   318 C C   . GLY A 1 45  ? -7.887  -2.751  12.472  1.00 66.54 ? 45   GLY A C   1 
ATOM   319 O O   . GLY A 1 45  ? -8.469  -1.719  12.119  1.00 69.53 ? 45   GLY A O   1 
ATOM   320 N N   . ARG A 1 46  ? -6.871  -3.264  11.780  1.00 60.71 ? 46   ARG A N   1 
ATOM   321 C CA  . ARG A 1 46  ? -6.321  -2.554  10.614  1.00 52.79 ? 46   ARG A CA  1 
ATOM   322 C C   . ARG A 1 46  ? -7.326  -2.527  9.461   1.00 50.27 ? 46   ARG A C   1 
ATOM   323 O O   . ARG A 1 46  ? -8.145  -3.442  9.326   1.00 51.84 ? 46   ARG A O   1 
ATOM   324 C CB  . ARG A 1 46  ? -5.004  -3.183  10.160  1.00 50.13 ? 46   ARG A CB  1 
ATOM   325 C CG  . ARG A 1 46  ? -5.154  -4.538  9.501   1.00 48.87 ? 46   ARG A CG  1 
ATOM   326 C CD  . ARG A 1 46  ? -3.808  -5.144  9.217   1.00 49.30 ? 46   ARG A CD  1 
ATOM   327 N NE  . ARG A 1 46  ? -3.925  -6.481  8.650   1.00 47.12 ? 46   ARG A NE  1 
ATOM   328 C CZ  . ARG A 1 46  ? -2.886  -7.236  8.293   1.00 48.72 ? 46   ARG A CZ  1 
ATOM   329 N NH1 . ARG A 1 46  ? -1.643  -6.781  8.403   1.00 47.28 ? 46   ARG A NH1 1 
ATOM   330 N NH2 . ARG A 1 46  ? -3.093  -8.447  7.807   1.00 47.51 ? 46   ARG A NH2 1 
ATOM   331 N N   . GLU A 1 47  ? -7.254  -1.482  8.640   1.00 46.86 ? 47   GLU A N   1 
ATOM   332 C CA  . GLU A 1 47  ? -8.199  -1.273  7.544   1.00 48.07 ? 47   GLU A CA  1 
ATOM   333 C C   . GLU A 1 47  ? -7.609  -1.687  6.203   1.00 43.01 ? 47   GLU A C   1 
ATOM   334 O O   . GLU A 1 47  ? -6.545  -1.207  5.819   1.00 37.98 ? 47   GLU A O   1 
ATOM   335 C CB  . GLU A 1 47  ? -8.594  0.204   7.441   1.00 48.00 ? 47   GLU A CB  1 
ATOM   336 C CG  . GLU A 1 47  ? -9.569  0.499   6.276   1.00 52.75 ? 47   GLU A CG  1 
ATOM   337 C CD  . GLU A 1 47  ? -9.854  1.983   6.077   1.00 57.38 ? 47   GLU A CD  1 
ATOM   338 O OE1 . GLU A 1 47  ? -9.228  2.807   6.767   1.00 63.47 ? 47   GLU A OE1 1 
ATOM   339 O OE2 . GLU A 1 47  ? -10.711 2.319   5.228   1.00 67.07 ? 47   GLU A OE2 1 
ATOM   340 N N   . LEU A 1 48  ? -8.326  -2.538  5.480   1.00 41.68 ? 48   LEU A N   1 
ATOM   341 C CA  . LEU A 1 48  ? -7.967  -2.868  4.107   1.00 40.28 ? 48   LEU A CA  1 
ATOM   342 C C   . LEU A 1 48  ? -8.116  -1.657  3.198   1.00 36.63 ? 48   LEU A C   1 
ATOM   343 O O   . LEU A 1 48  ? -9.213  -1.102  3.078   1.00 43.60 ? 48   LEU A O   1 
ATOM   344 C CB  . LEU A 1 48  ? -8.852  -3.990  3.581   1.00 41.42 ? 48   LEU A CB  1 
ATOM   345 C CG  . LEU A 1 48  ? -8.633  -4.483  2.145   1.00 40.05 ? 48   LEU A CG  1 
ATOM   346 C CD1 . LEU A 1 48  ? -7.254  -5.132  1.989   1.00 34.15 ? 48   LEU A CD1 1 
ATOM   347 C CD2 . LEU A 1 48  ? -9.730  -5.460  1.736   1.00 43.85 ? 48   LEU A CD2 1 
ATOM   348 N N   . ILE A 1 49  ? -7.021  -1.316  2.524   1.00 33.01 ? 49   ILE A N   1 
ATOM   349 C CA  . ILE A 1 49  ? -6.932  -0.161  1.627   1.00 32.37 ? 49   ILE A CA  1 
ATOM   350 C C   . ILE A 1 49  ? -7.002  -0.613  0.149   1.00 31.75 ? 49   ILE A C   1 
ATOM   351 O O   . ILE A 1 49  ? -7.562  0.093   -0.701  1.00 31.95 ? 49   ILE A O   1 
ATOM   352 C CB  . ILE A 1 49  ? -5.650  0.651   1.930   1.00 28.58 ? 49   ILE A CB  1 
ATOM   353 C CG1 . ILE A 1 49  ? -5.728  1.259   3.341   1.00 32.46 ? 49   ILE A CG1 1 
ATOM   354 C CG2 . ILE A 1 49  ? -5.374  1.714   0.865   1.00 30.11 ? 49   ILE A CG2 1 
ATOM   355 C CD1 . ILE A 1 49  ? -6.875  2.254   3.546   1.00 35.11 ? 49   ILE A CD1 1 
ATOM   356 N N   . TYR A 1 50  ? -6.410  -1.762  -0.160  1.00 29.99 ? 50   TYR A N   1 
ATOM   357 C CA  . TYR A 1 50  ? -6.468  -2.324  -1.512  1.00 31.04 ? 50   TYR A CA  1 
ATOM   358 C C   . TYR A 1 50  ? -6.222  -3.829  -1.485  1.00 33.24 ? 50   TYR A C   1 
ATOM   359 O O   . TYR A 1 50  ? -5.421  -4.323  -0.699  1.00 32.42 ? 50   TYR A O   1 
ATOM   360 C CB  . TYR A 1 50  ? -5.426  -1.662  -2.449  1.00 30.77 ? 50   TYR A CB  1 
ATOM   361 C CG  . TYR A 1 50  ? -5.596  -2.045  -3.903  1.00 29.04 ? 50   TYR A CG  1 
ATOM   362 C CD1 . TYR A 1 50  ? -6.587  -1.473  -4.683  1.00 33.18 ? 50   TYR A CD1 1 
ATOM   363 C CD2 . TYR A 1 50  ? -4.769  -3.010  -4.499  1.00 35.99 ? 50   TYR A CD2 1 
ATOM   364 C CE1 . TYR A 1 50  ? -6.760  -1.839  -6.022  1.00 39.35 ? 50   TYR A CE1 1 
ATOM   365 C CE2 . TYR A 1 50  ? -4.933  -3.381  -5.823  1.00 38.39 ? 50   TYR A CE2 1 
ATOM   366 C CZ  . TYR A 1 50  ? -5.923  -2.791  -6.586  1.00 40.82 ? 50   TYR A CZ  1 
ATOM   367 O OH  . TYR A 1 50  ? -6.108  -3.168  -7.909  1.00 46.21 ? 50   TYR A OH  1 
ATOM   368 N N   . ASN A 1 51  ? -6.926  -4.520  -2.366  1.00 37.11 ? 51   ASN A N   1 
ATOM   369 C CA  . ASN A 1 51  ? -6.789  -5.964  -2.580  1.00 37.60 ? 51   ASN A CA  1 
ATOM   370 C C   . ASN A 1 51  ? -6.969  -6.168  -4.082  1.00 41.93 ? 51   ASN A C   1 
ATOM   371 O O   . ASN A 1 51  ? -8.006  -5.813  -4.643  1.00 46.30 ? 51   ASN A O   1 
ATOM   372 C CB  . ASN A 1 51  ? -7.833  -6.719  -1.745  1.00 41.52 ? 51   ASN A CB  1 
ATOM   373 C CG  . ASN A 1 51  ? -7.653  -8.239  -1.789  1.00 44.72 ? 51   ASN A CG  1 
ATOM   374 O OD1 . ASN A 1 51  ? -6.783  -8.765  -2.494  1.00 46.46 ? 51   ASN A OD1 1 
ATOM   375 N ND2 . ASN A 1 51  ? -8.470  -8.944  -1.020  1.00 41.73 ? 51   ASN A ND2 1 
ATOM   376 N N   . GLN A 1 52  ? -5.909  -6.637  -4.733  1.00 51.41 ? 52   GLN A N   1 
ATOM   377 C CA  . GLN A 1 52  ? -5.928  -6.916  -6.166  1.00 54.72 ? 52   GLN A CA  1 
ATOM   378 C C   . GLN A 1 52  ? -6.923  -8.025  -6.391  1.00 61.11 ? 52   GLN A C   1 
ATOM   379 O O   . GLN A 1 52  ? -7.915  -7.862  -7.131  1.00 56.22 ? 52   GLN A O   1 
ATOM   380 C CB  . GLN A 1 52  ? -4.532  -7.335  -6.688  1.00 56.77 ? 52   GLN A CB  1 
ATOM   381 C CG  . GLN A 1 52  ? -3.510  -7.919  -5.631  1.00 55.46 ? 52   GLN A CG  1 
ATOM   382 C CD  . GLN A 1 52  ? -2.345  -8.706  -6.254  1.00 53.66 ? 52   GLN A CD  1 
ATOM   383 O OE1 . GLN A 1 52  ? -1.414  -9.133  -5.556  1.00 43.53 ? 52   GLN A OE1 1 
ATOM   384 N NE2 . GLN A 1 52  ? -2.393  -8.901  -7.568  1.00 65.41 ? 52   GLN A NE2 1 
ATOM   385 N N   . LYS A 1 53  ? -6.673  -9.131  -5.689  1.00 62.03 ? 53   LYS A N   1 
ATOM   386 C CA  . LYS A 1 53  ? -7.531  -10.305 -5.744  1.00 65.83 ? 53   LYS A CA  1 
ATOM   387 C C   . LYS A 1 53  ? -8.973  -9.870  -6.006  1.00 66.84 ? 53   LYS A C   1 
ATOM   388 O O   . LYS A 1 53  ? -9.504  -10.165 -7.070  1.00 71.41 ? 53   LYS A O   1 
ATOM   389 C CB  . LYS A 1 53  ? -7.399  -11.142 -4.458  1.00 66.80 ? 53   LYS A CB  1 
ATOM   390 C CG  . LYS A 1 53  ? -7.564  -12.659 -4.674  1.00 70.69 ? 53   LYS A CG  1 
ATOM   391 C CD  . LYS A 1 53  ? -6.830  -13.478 -3.603  1.00 70.54 ? 53   LYS A CD  1 
ATOM   392 C CE  . LYS A 1 53  ? -6.241  -14.765 -4.168  1.00 72.79 ? 53   LYS A CE  1 
ATOM   393 N NZ  . LYS A 1 53  ? -5.036  -15.203 -3.410  1.00 67.59 ? 53   LYS A NZ  1 
ATOM   394 N N   . GLU A 1 54  ? -9.576  -9.120  -5.078  1.00 65.11 ? 54   GLU A N   1 
ATOM   395 C CA  . GLU A 1 54  ? -10.971 -8.690  -5.229  1.00 65.54 ? 54   GLU A CA  1 
ATOM   396 C C   . GLU A 1 54  ? -11.394 -7.529  -4.316  1.00 63.30 ? 54   GLU A C   1 
ATOM   397 O O   . GLU A 1 54  ? -10.707 -7.209  -3.347  1.00 58.01 ? 54   GLU A O   1 
ATOM   398 C CB  . GLU A 1 54  ? -11.910 -9.870  -4.986  1.00 71.70 ? 54   GLU A CB  1 
ATOM   399 C CG  . GLU A 1 54  ? -12.280 -10.131 -3.514  1.00 76.69 ? 54   GLU A CG  1 
ATOM   400 C CD  . GLU A 1 54  ? -11.455 -11.225 -2.876  1.00 76.44 ? 54   GLU A CD  1 
ATOM   401 O OE1 . GLU A 1 54  ? -12.001 -12.331 -2.674  1.00 79.50 ? 54   GLU A OE1 1 
ATOM   402 O OE2 . GLU A 1 54  ? -10.272 -10.985 -2.578  1.00 75.72 ? 54   GLU A OE2 1 
ATOM   403 N N   . GLY A 1 55  ? -12.557 -6.952  -4.623  1.00 62.65 ? 55   GLY A N   1 
ATOM   404 C CA  . GLY A 1 55  ? -13.133 -5.826  -3.866  1.00 63.35 ? 55   GLY A CA  1 
ATOM   405 C C   . GLY A 1 55  ? -13.098 -4.539  -4.680  1.00 58.17 ? 55   GLY A C   1 
ATOM   406 O O   . GLY A 1 55  ? -12.406 -4.477  -5.694  1.00 58.84 ? 55   GLY A O   1 
ATOM   407 N N   . HIS A 1 56  ? -13.832 -3.518  -4.240  1.00 54.12 ? 56   HIS A N   1 
ATOM   408 C CA  . HIS A 1 56  ? -13.894 -2.231  -4.948  1.00 53.23 ? 56   HIS A CA  1 
ATOM   409 C C   . HIS A 1 56  ? -13.280 -1.100  -4.130  1.00 49.66 ? 56   HIS A C   1 
ATOM   410 O O   . HIS A 1 56  ? -13.741 -0.808  -3.028  1.00 51.68 ? 56   HIS A O   1 
ATOM   411 C CB  . HIS A 1 56  ? -15.339 -1.878  -5.310  1.00 58.80 ? 56   HIS A CB  1 
ATOM   412 C CG  . HIS A 1 56  ? -15.475 -0.627  -6.125  1.00 55.08 ? 56   HIS A CG  1 
ATOM   413 N ND1 . HIS A 1 56  ? -16.342 0.433   -5.715  1.00 63.60 ? 56   HIS A ND1 1 
ATOM   414 C CD2 . HIS A 1 56  ? -14.863 -0.268  -7.331  1.00 55.49 ? 56   HIS A CD2 1 
ATOM   415 C CE1 . HIS A 1 56  ? -16.258 1.389   -6.629  1.00 58.75 ? 56   HIS A CE1 1 
ATOM   416 N NE2 . HIS A 1 56  ? -15.358 0.993   -7.615  1.00 60.53 ? 56   HIS A NE2 1 
ATOM   417 N N   . PHE A 1 57  ? -12.249 -0.462  -4.692  1.00 46.62 ? 57   PHE A N   1 
ATOM   418 C CA  . PHE A 1 57  ? -11.482 0.586   -4.022  1.00 42.80 ? 57   PHE A CA  1 
ATOM   419 C C   . PHE A 1 57  ? -11.436 1.824   -4.928  1.00 42.52 ? 57   PHE A C   1 
ATOM   420 O O   . PHE A 1 57  ? -10.428 2.112   -5.559  1.00 38.87 ? 57   PHE A O   1 
ATOM   421 C CB  . PHE A 1 57  ? -10.087 0.043   -3.686  1.00 40.34 ? 57   PHE A CB  1 
ATOM   422 C CG  . PHE A 1 57  ? -10.133 -1.268  -2.957  1.00 40.83 ? 57   PHE A CG  1 
ATOM   423 C CD1 . PHE A 1 57  ? -10.362 -1.303  -1.587  1.00 41.14 ? 57   PHE A CD1 1 
ATOM   424 C CD2 . PHE A 1 57  ? -10.005 -2.469  -3.645  1.00 44.41 ? 57   PHE A CD2 1 
ATOM   425 C CE1 . PHE A 1 57  ? -10.435 -2.524  -0.910  1.00 45.14 ? 57   PHE A CE1 1 
ATOM   426 C CE2 . PHE A 1 57  ? -10.094 -3.691  -2.975  1.00 41.60 ? 57   PHE A CE2 1 
ATOM   427 C CZ  . PHE A 1 57  ? -10.307 -3.713  -1.608  1.00 40.70 ? 57   PHE A CZ  1 
ATOM   428 N N   . PRO A 1 58  ? -12.566 2.560   -5.011  1.00 50.16 ? 58   PRO A N   1 
ATOM   429 C CA  . PRO A 1 58  ? -12.674 3.650   -5.983  1.00 50.68 ? 58   PRO A CA  1 
ATOM   430 C C   . PRO A 1 58  ? -11.609 4.744   -5.873  1.00 46.51 ? 58   PRO A C   1 
ATOM   431 O O   . PRO A 1 58  ? -11.291 5.364   -6.881  1.00 49.19 ? 58   PRO A O   1 
ATOM   432 C CB  . PRO A 1 58  ? -14.081 4.222   -5.730  1.00 54.49 ? 58   PRO A CB  1 
ATOM   433 C CG  . PRO A 1 58  ? -14.471 3.733   -4.389  1.00 57.60 ? 58   PRO A CG  1 
ATOM   434 C CD  . PRO A 1 58  ? -13.806 2.401   -4.235  1.00 52.94 ? 58   PRO A CD  1 
ATOM   435 N N   . ARG A 1 59  ? -11.039 4.956   -4.687  1.00 44.69 ? 59   ARG A N   1 
ATOM   436 C CA  . ARG A 1 59  ? -10.014 5.989   -4.507  1.00 43.43 ? 59   ARG A CA  1 
ATOM   437 C C   . ARG A 1 59  ? -8.604  5.513   -4.861  1.00 38.26 ? 59   ARG A C   1 
ATOM   438 O O   . ARG A 1 59  ? -7.665  6.299   -4.840  1.00 33.71 ? 59   ARG A O   1 
ATOM   439 C CB  . ARG A 1 59  ? -10.007 6.485   -3.061  1.00 45.55 ? 59   ARG A CB  1 
ATOM   440 C CG  . ARG A 1 59  ? -11.301 7.144   -2.614  1.00 50.34 ? 59   ARG A CG  1 
ATOM   441 C CD  . ARG A 1 59  ? -11.230 7.480   -1.142  1.00 49.89 ? 59   ARG A CD  1 
ATOM   442 N NE  . ARG A 1 59  ? -10.256 8.532   -0.890  1.00 45.17 ? 59   ARG A NE  1 
ATOM   443 C CZ  . ARG A 1 59  ? -9.625  8.731   0.270   1.00 51.61 ? 59   ARG A CZ  1 
ATOM   444 N NH1 . ARG A 1 59  ? -9.863  7.965   1.334   1.00 49.54 ? 59   ARG A NH1 1 
ATOM   445 N NH2 . ARG A 1 59  ? -8.764  9.734   0.375   1.00 47.16 ? 59   ARG A NH2 1 
ATOM   446 N N   . VAL A 1 60  ? -8.464  4.230   -5.177  1.00 34.74 ? 60   VAL A N   1 
ATOM   447 C CA  . VAL A 1 60  ? -7.161  3.613   -5.371  1.00 32.42 ? 60   VAL A CA  1 
ATOM   448 C C   . VAL A 1 60  ? -6.953  3.111   -6.796  1.00 34.07 ? 60   VAL A C   1 
ATOM   449 O O   . VAL A 1 60  ? -7.797  2.406   -7.338  1.00 34.97 ? 60   VAL A O   1 
ATOM   450 C CB  . VAL A 1 60  ? -6.973  2.408   -4.420  1.00 29.62 ? 60   VAL A CB  1 
ATOM   451 C CG1 . VAL A 1 60  ? -5.561  1.806   -4.568  1.00 30.73 ? 60   VAL A CG1 1 
ATOM   452 C CG2 . VAL A 1 60  ? -7.285  2.790   -2.971  1.00 36.03 ? 60   VAL A CG2 1 
ATOM   453 N N   . THR A 1 61  ? -5.793  3.439   -7.365  1.00 32.00 ? 61   THR A N   1 
ATOM   454 C CA  . THR A 1 61  ? -5.336  2.828   -8.598  1.00 32.62 ? 61   THR A CA  1 
ATOM   455 C C   . THR A 1 61  ? -3.912  2.346   -8.390  1.00 28.31 ? 61   THR A C   1 
ATOM   456 O O   . THR A 1 61  ? -3.191  2.840   -7.518  1.00 29.72 ? 61   THR A O   1 
ATOM   457 C CB  . THR A 1 61  ? -5.421  3.772   -9.825  1.00 37.99 ? 61   THR A CB  1 
ATOM   458 O OG1 . THR A 1 61  ? -4.635  4.944   -9.612  1.00 37.28 ? 61   THR A OG1 1 
ATOM   459 C CG2 . THR A 1 61  ? -6.860  4.205   -10.062 1.00 37.17 ? 61   THR A CG2 1 
ATOM   460 N N   . THR A 1 62  ? -3.537  1.358   -9.185  1.00 28.27 ? 62   THR A N   1 
ATOM   461 C CA  . THR A 1 62  ? -2.176  0.813   -9.123  1.00 25.50 ? 62   THR A CA  1 
ATOM   462 C C   . THR A 1 62  ? -1.300  1.457   -10.195 1.00 26.91 ? 62   THR A C   1 
ATOM   463 O O   . THR A 1 62  ? -1.737  1.693   -11.328 1.00 30.23 ? 62   THR A O   1 
ATOM   464 C CB  . THR A 1 62  ? -2.176  -0.727  -9.233  1.00 26.76 ? 62   THR A CB  1 
ATOM   465 O OG1 . THR A 1 62  ? -2.568  -1.147  -10.552 1.00 31.35 ? 62   THR A OG1 1 
ATOM   466 C CG2 . THR A 1 62  ? -3.081  -1.352  -8.194  1.00 27.68 ? 62   THR A CG2 1 
ATOM   467 N N   . VAL A 1 63  ? -0.047  1.732   -9.840  1.00 27.30 ? 63   VAL A N   1 
ATOM   468 C CA  . VAL A 1 63  ? 0.883   2.329   -10.787 1.00 26.81 ? 63   VAL A CA  1 
ATOM   469 C C   . VAL A 1 63  ? 1.165   1.339   -11.915 1.00 28.22 ? 63   VAL A C   1 
ATOM   470 O O   . VAL A 1 63  ? 1.124   1.707   -13.081 1.00 33.35 ? 63   VAL A O   1 
ATOM   471 C CB  . VAL A 1 63  ? 2.178   2.782   -10.096 1.00 27.26 ? 63   VAL A CB  1 
ATOM   472 C CG1 . VAL A 1 63  ? 3.192   3.307   -11.134 1.00 30.96 ? 63   VAL A CG1 1 
ATOM   473 C CG2 . VAL A 1 63  ? 1.862   3.825   -9.034  1.00 24.71 ? 63   VAL A CG2 1 
ATOM   474 N N   . SER A 1 64  ? 1.406   0.073   -11.575 1.00 26.94 ? 64   SER A N   1 
ATOM   475 C CA  . SER A 1 64  ? 1.683   -0.964  -12.583 1.00 31.27 ? 64   SER A CA  1 
ATOM   476 C C   . SER A 1 64  ? 0.537   -1.941  -12.717 1.00 29.48 ? 64   SER A C   1 
ATOM   477 O O   . SER A 1 64  ? -0.415  -1.919  -11.931 1.00 31.13 ? 64   SER A O   1 
ATOM   478 C CB  . SER A 1 64  ? 2.949   -1.741  -12.216 1.00 31.36 ? 64   SER A CB  1 
ATOM   479 O OG  . SER A 1 64  ? 4.065   -0.867  -12.127 1.00 34.57 ? 64   SER A OG  1 
ATOM   480 N N   . ASP A 1 65  ? 0.629   -2.785  -13.743 1.00 32.02 ? 65   ASP A N   1 
ATOM   481 C CA  . ASP A 1 65  ? -0.385  -3.795  -14.034 1.00 31.69 ? 65   ASP A CA  1 
ATOM   482 C C   . ASP A 1 65  ? -0.105  -5.025  -13.171 1.00 33.25 ? 65   ASP A C   1 
ATOM   483 O O   . ASP A 1 65  ? 0.810   -5.816  -13.447 1.00 33.25 ? 65   ASP A O   1 
ATOM   484 C CB  . ASP A 1 65  ? -0.389  -4.142  -15.530 1.00 36.11 ? 65   ASP A CB  1 
ATOM   485 C CG  . ASP A 1 65  ? -1.385  -5.249  -15.882 1.00 33.04 ? 65   ASP A CG  1 
ATOM   486 O OD1 . ASP A 1 65  ? -2.034  -5.794  -14.957 1.00 40.74 ? 65   ASP A OD1 1 
ATOM   487 O OD2 . ASP A 1 65  ? -1.529  -5.560  -17.083 1.00 40.37 ? 65   ASP A OD2 1 
ATOM   488 N N   . LEU A 1 66  ? -0.884  -5.180  -12.106 1.00 33.54 ? 66   LEU A N   1 
ATOM   489 C CA  . LEU A 1 66  ? -0.617  -6.265  -11.149 1.00 35.19 ? 66   LEU A CA  1 
ATOM   490 C C   . LEU A 1 66  ? -0.839  -7.672  -11.721 1.00 37.67 ? 66   LEU A C   1 
ATOM   491 O O   . LEU A 1 66  ? -0.371  -8.664  -11.160 1.00 38.87 ? 66   LEU A O   1 
ATOM   492 C CB  . LEU A 1 66  ? -1.462  -6.060  -9.893  1.00 35.01 ? 66   LEU A CB  1 
ATOM   493 C CG  . LEU A 1 66  ? -0.802  -5.397  -8.691  1.00 37.31 ? 66   LEU A CG  1 
ATOM   494 C CD1 . LEU A 1 66  ? 0.140   -4.201  -9.011  1.00 28.91 ? 66   LEU A CD1 1 
ATOM   495 C CD2 . LEU A 1 66  ? -1.848  -5.039  -7.688  1.00 34.86 ? 66   LEU A CD2 1 
ATOM   496 N N   . THR A 1 67  ? -1.541  -7.765  -12.845 1.00 40.96 ? 67   THR A N   1 
ATOM   497 C CA  . THR A 1 67  ? -1.796  -9.060  -13.478 1.00 44.28 ? 67   THR A CA  1 
ATOM   498 C C   . THR A 1 67  ? -0.648  -9.526  -14.380 1.00 46.54 ? 67   THR A C   1 
ATOM   499 O O   . THR A 1 67  ? -0.741  -10.589 -14.989 1.00 49.73 ? 67   THR A O   1 
ATOM   500 C CB  . THR A 1 67  ? -3.084  -9.036  -14.325 1.00 48.31 ? 67   THR A CB  1 
ATOM   501 O OG1 . THR A 1 67  ? -2.858  -8.285  -15.524 1.00 47.63 ? 67   THR A OG1 1 
ATOM   502 C CG2 . THR A 1 67  ? -4.239  -8.432  -13.537 1.00 46.67 ? 67   THR A CG2 1 
ATOM   503 N N   . LYS A 1 68  ? 0.408   -8.722  -14.497 1.00 45.17 ? 68   LYS A N   1 
ATOM   504 C CA  . LYS A 1 68  ? 1.592   -9.130  -15.249 1.00 48.99 ? 68   LYS A CA  1 
ATOM   505 C C   . LYS A 1 68  ? 2.410   -10.122 -14.438 1.00 48.22 ? 68   LYS A C   1 
ATOM   506 O O   . LYS A 1 68  ? 2.716   -9.888  -13.246 1.00 43.01 ? 68   LYS A O   1 
ATOM   507 C CB  . LYS A 1 68  ? 2.466   -7.939  -15.642 1.00 49.20 ? 68   LYS A CB  1 
ATOM   508 C CG  . LYS A 1 68  ? 2.052   -7.248  -16.923 1.00 54.84 ? 68   LYS A CG  1 
ATOM   509 C CD  . LYS A 1 68  ? 2.956   -6.048  -17.185 1.00 55.43 ? 68   LYS A CD  1 
ATOM   510 C CE  . LYS A 1 68  ? 2.983   -5.648  -18.659 1.00 66.18 ? 68   LYS A CE  1 
ATOM   511 N NZ  . LYS A 1 68  ? 4.026   -4.597  -18.899 1.00 66.30 ? 68   LYS A NZ  1 
ATOM   512 N N   . ARG A 1 69  ? 2.759   -11.204 -15.126 1.00 52.27 ? 69   ARG A N   1 
ATOM   513 C CA  . ARG A 1 69  ? 3.466   -12.352 -14.593 1.00 54.18 ? 69   ARG A CA  1 
ATOM   514 C C   . ARG A 1 69  ? 4.653   -11.919 -13.745 1.00 50.95 ? 69   ARG A C   1 
ATOM   515 O O   . ARG A 1 69  ? 4.782   -12.334 -12.591 1.00 51.27 ? 69   ARG A O   1 
ATOM   516 C CB  . ARG A 1 69  ? 3.922   -13.230 -15.766 1.00 60.37 ? 69   ARG A CB  1 
ATOM   517 C CG  . ARG A 1 69  ? 4.687   -14.475 -15.392 1.00 63.91 ? 69   ARG A CG  1 
ATOM   518 C CD  . ARG A 1 69  ? 5.028   -15.294 -16.621 1.00 66.41 ? 69   ARG A CD  1 
ATOM   519 N NE  . ARG A 1 69  ? 6.269   -16.024 -16.409 1.00 72.00 ? 69   ARG A NE  1 
ATOM   520 C CZ  . ARG A 1 69  ? 6.385   -17.129 -15.673 1.00 76.88 ? 69   ARG A CZ  1 
ATOM   521 N NH1 . ARG A 1 69  ? 5.329   -17.660 -15.065 1.00 77.45 ? 69   ARG A NH1 1 
ATOM   522 N NH2 . ARG A 1 69  ? 7.578   -17.709 -15.539 1.00 75.66 ? 69   ARG A NH2 1 
ATOM   523 N N   . ASN A 1 70  ? 5.500   -11.065 -14.305 1.00 47.14 ? 70   ASN A N   1 
ATOM   524 C CA  . ASN A 1 70  ? 6.709   -10.651 -13.596 1.00 45.73 ? 70   ASN A CA  1 
ATOM   525 C C   . ASN A 1 70  ? 6.634   -9.292  -12.930 1.00 41.31 ? 70   ASN A C   1 
ATOM   526 O O   . ASN A 1 70  ? 7.673   -8.677  -12.652 1.00 39.34 ? 70   ASN A O   1 
ATOM   527 C CB  . ASN A 1 70  ? 7.895   -10.741 -14.533 1.00 46.89 ? 70   ASN A CB  1 
ATOM   528 C CG  . ASN A 1 70  ? 8.253   -12.174 -14.825 1.00 52.07 ? 70   ASN A CG  1 
ATOM   529 O OD1 . ASN A 1 70  ? 8.492   -12.946 -13.902 1.00 56.04 ? 70   ASN A OD1 1 
ATOM   530 N ND2 . ASN A 1 70  ? 8.271   -12.548 -16.092 1.00 55.00 ? 70   ASN A ND2 1 
ATOM   531 N N   . ASN A 1 71  ? 5.416   -8.848  -12.616 1.00 40.39 ? 71   ASN A N   1 
ATOM   532 C CA  . ASN A 1 71  ? 5.247   -7.609  -11.898 1.00 34.38 ? 71   ASN A CA  1 
ATOM   533 C C   . ASN A 1 71  ? 5.805   -7.694  -10.483 1.00 32.52 ? 71   ASN A C   1 
ATOM   534 O O   . ASN A 1 71  ? 5.601   -8.689  -9.780  1.00 36.25 ? 71   ASN A O   1 
ATOM   535 C CB  . ASN A 1 71  ? 3.786   -7.196  -11.783 1.00 35.34 ? 71   ASN A CB  1 
ATOM   536 C CG  . ASN A 1 71  ? 3.636   -5.894  -11.022 1.00 31.96 ? 71   ASN A CG  1 
ATOM   537 O OD1 . ASN A 1 71  ? 4.198   -4.872  -11.422 1.00 30.75 ? 71   ASN A OD1 1 
ATOM   538 N ND2 . ASN A 1 71  ? 2.907   -5.924  -9.902  1.00 28.41 ? 71   ASN A ND2 1 
ATOM   539 N N   . MET A 1 72  ? 6.555   -6.673  -10.094 1.00 31.49 ? 72   MET A N   1 
ATOM   540 C CA  . MET A 1 72  ? 7.052   -6.572  -8.732  1.00 33.30 ? 72   MET A CA  1 
ATOM   541 C C   . MET A 1 72  ? 6.705   -5.232  -8.082  1.00 31.29 ? 72   MET A C   1 
ATOM   542 O O   . MET A 1 72  ? 7.115   -4.994  -6.943  1.00 29.66 ? 72   MET A O   1 
ATOM   543 C CB  . MET A 1 72  ? 8.565   -6.799  -8.711  1.00 37.93 ? 72   MET A CB  1 
ATOM   544 C CG  . MET A 1 72  ? 8.943   -8.170  -9.243  1.00 39.09 ? 72   MET A CG  1 
ATOM   545 S SD  . MET A 1 72  ? 10.689  -8.596  -9.103  1.00 50.23 ? 72   MET A SD  1 
ATOM   546 C CE  . MET A 1 72  ? 11.452  -7.364  -10.159 1.00 54.04 ? 72   MET A CE  1 
ATOM   547 N N   . ASP A 1 73  ? 5.949   -4.387  -8.797  1.00 29.07 ? 73   ASP A N   1 
ATOM   548 C CA  . ASP A 1 73  ? 5.580   -3.046  -8.346  1.00 26.14 ? 73   ASP A CA  1 
ATOM   549 C C   . ASP A 1 73  ? 4.167   -3.075  -7.791  1.00 24.84 ? 73   ASP A C   1 
ATOM   550 O O   . ASP A 1 73  ? 3.220   -3.300  -8.530  1.00 24.63 ? 73   ASP A O   1 
ATOM   551 C CB  . ASP A 1 73  ? 5.678   -2.019  -9.488  1.00 27.59 ? 73   ASP A CB  1 
ATOM   552 C CG  . ASP A 1 73  ? 5.283   -0.597  -9.060  1.00 31.02 ? 73   ASP A CG  1 
ATOM   553 O OD1 . ASP A 1 73  ? 5.329   -0.301  -7.853  1.00 28.87 ? 73   ASP A OD1 1 
ATOM   554 O OD2 . ASP A 1 73  ? 4.910   0.231   -9.926  1.00 31.97 ? 73   ASP A OD2 1 
ATOM   555 N N   . PHE A 1 74  ? 4.050   -2.860  -6.483  1.00 23.57 ? 74   PHE A N   1 
ATOM   556 C CA  . PHE A 1 74  ? 2.752   -2.820  -5.817  1.00 22.69 ? 74   PHE A CA  1 
ATOM   557 C C   . PHE A 1 74  ? 2.340   -1.433  -5.341  1.00 23.37 ? 74   PHE A C   1 
ATOM   558 O O   . PHE A 1 74  ? 1.453   -1.282  -4.493  1.00 23.18 ? 74   PHE A O   1 
ATOM   559 C CB  . PHE A 1 74  ? 2.714   -3.886  -4.720  1.00 26.13 ? 74   PHE A CB  1 
ATOM   560 C CG  . PHE A 1 74  ? 2.731   -5.255  -5.279  1.00 24.30 ? 74   PHE A CG  1 
ATOM   561 C CD1 . PHE A 1 74  ? 1.557   -5.866  -5.695  1.00 26.34 ? 74   PHE A CD1 1 
ATOM   562 C CD2 . PHE A 1 74  ? 3.942   -5.885  -5.530  1.00 31.29 ? 74   PHE A CD2 1 
ATOM   563 C CE1 . PHE A 1 74  ? 1.582   -7.126  -6.273  1.00 32.39 ? 74   PHE A CE1 1 
ATOM   564 C CE2 . PHE A 1 74  ? 3.983   -7.135  -6.106  1.00 30.85 ? 74   PHE A CE2 1 
ATOM   565 C CZ  . PHE A 1 74  ? 2.806   -7.767  -6.484  1.00 32.70 ? 74   PHE A CZ  1 
ATOM   566 N N   . SER A 1 75  ? 2.946   -0.420  -5.936  1.00 20.28 ? 75   SER A N   1 
ATOM   567 C CA  . SER A 1 75  ? 2.657   0.972   -5.627  1.00 21.99 ? 75   SER A CA  1 
ATOM   568 C C   . SER A 1 75  ? 1.234   1.332   -6.023  1.00 23.11 ? 75   SER A C   1 
ATOM   569 O O   . SER A 1 75  ? 0.708   0.855   -7.035  1.00 21.16 ? 75   SER A O   1 
ATOM   570 C CB  . SER A 1 75  ? 3.656   1.886   -6.339  1.00 20.63 ? 75   SER A CB  1 
ATOM   571 O OG  . SER A 1 75  ? 4.978   1.503   -6.022  1.00 22.63 ? 75   SER A OG  1 
ATOM   572 N N   . ILE A 1 76  ? 0.613   2.165   -5.184  1.00 22.58 ? 76   ILE A N   1 
ATOM   573 C CA  . ILE A 1 76  ? -0.769  2.597   -5.369  1.00 19.74 ? 76   ILE A CA  1 
ATOM   574 C C   . ILE A 1 76  ? -0.852  4.118   -5.247  1.00 23.17 ? 76   ILE A C   1 
ATOM   575 O O   . ILE A 1 76  ? -0.011  4.730   -4.579  1.00 21.76 ? 76   ILE A O   1 
ATOM   576 C CB  . ILE A 1 76  ? -1.760  1.937   -4.385  1.00 23.14 ? 76   ILE A CB  1 
ATOM   577 C CG1 . ILE A 1 76  ? -1.397  2.206   -2.913  1.00 22.38 ? 76   ILE A CG1 1 
ATOM   578 C CG2 . ILE A 1 76  ? -1.889  0.393   -4.684  1.00 23.88 ? 76   ILE A CG2 1 
ATOM   579 C CD1 . ILE A 1 76  ? -2.531  1.828   -1.948  1.00 24.09 ? 76   ILE A CD1 1 
ATOM   580 N N   . ARG A 1 77  ? -1.846  4.684   -5.924  1.00 23.61 ? 77   ARG A N   1 
ATOM   581 C CA  . ARG A 1 77  ? -2.197  6.105   -5.821  1.00 29.32 ? 77   ARG A CA  1 
ATOM   582 C C   . ARG A 1 77  ? -3.558  6.199   -5.111  1.00 28.55 ? 77   ARG A C   1 
ATOM   583 O O   . ARG A 1 77  ? -4.486  5.514   -5.524  1.00 29.14 ? 77   ARG A O   1 
ATOM   584 C CB  . ARG A 1 77  ? -2.311  6.707   -7.214  1.00 29.88 ? 77   ARG A CB  1 
ATOM   585 C CG  . ARG A 1 77  ? -1.010  6.761   -7.978  1.00 38.16 ? 77   ARG A CG  1 
ATOM   586 C CD  . ARG A 1 77  ? -1.246  6.931   -9.465  1.00 41.22 ? 77   ARG A CD  1 
ATOM   587 N NE  . ARG A 1 77  ? -0.019  6.749   -10.243 1.00 48.07 ? 77   ARG A NE  1 
ATOM   588 C CZ  . ARG A 1 77  ? 0.037   6.399   -11.530 1.00 52.97 ? 77   ARG A CZ  1 
ATOM   589 N NH1 . ARG A 1 77  ? 1.226   6.275   -12.116 1.00 56.78 ? 77   ARG A NH1 1 
ATOM   590 N NH2 . ARG A 1 77  ? -1.064  6.150   -12.235 1.00 61.77 ? 77   ARG A NH2 1 
ATOM   591 N N   . ILE A 1 78  ? -3.647  7.015   -4.042  1.00 28.54 ? 78   ILE A N   1 
ATOM   592 C CA  . ILE A 1 78  ? -4.897  7.266   -3.314  1.00 29.86 ? 78   ILE A CA  1 
ATOM   593 C C   . ILE A 1 78  ? -5.262  8.717   -3.560  1.00 30.49 ? 78   ILE A C   1 
ATOM   594 O O   . ILE A 1 78  ? -4.510  9.608   -3.206  1.00 31.51 ? 78   ILE A O   1 
ATOM   595 C CB  . ILE A 1 78  ? -4.782  7.036   -1.792  1.00 31.51 ? 78   ILE A CB  1 
ATOM   596 C CG1 . ILE A 1 78  ? -4.328  5.607   -1.488  1.00 30.29 ? 78   ILE A CG1 1 
ATOM   597 C CG2 . ILE A 1 78  ? -6.131  7.337   -1.077  1.00 31.95 ? 78   ILE A CG2 1 
ATOM   598 C CD1 . ILE A 1 78  ? -4.106  5.357   -0.019  1.00 29.02 ? 78   ILE A CD1 1 
ATOM   599 N N   . SER A 1 79  ? -6.414  8.926   -4.171  1.00 35.93 ? 79   SER A N   1 
ATOM   600 C CA  . SER A 1 79  ? -6.844  10.251  -4.550  1.00 37.83 ? 79   SER A CA  1 
ATOM   601 C C   . SER A 1 79  ? -7.633  10.922  -3.418  1.00 39.47 ? 79   SER A C   1 
ATOM   602 O O   . SER A 1 79  ? -8.099  10.265  -2.484  1.00 37.27 ? 79   SER A O   1 
ATOM   603 C CB  . SER A 1 79  ? -7.656  10.149  -5.840  1.00 37.96 ? 79   SER A CB  1 
ATOM   604 O OG  . SER A 1 79  ? -8.804  9.315   -5.660  1.00 45.63 ? 79   SER A OG  1 
ATOM   605 N N   . SER A 1 80  ? -7.730  12.244  -3.489  1.00 40.21 ? 80   SER A N   1 
ATOM   606 C CA  . SER A 1 80  ? -8.562  13.011  -2.593  1.00 39.96 ? 80   SER A CA  1 
ATOM   607 C C   . SER A 1 80  ? -8.236  12.863  -1.109  1.00 41.87 ? 80   SER A C   1 
ATOM   608 O O   . SER A 1 80  ? -9.136  12.662  -0.271  1.00 43.11 ? 80   SER A O   1 
ATOM   609 C CB  . SER A 1 80  ? -10.033 12.659  -2.827  1.00 45.44 ? 80   SER A CB  1 
ATOM   610 O OG  . SER A 1 80  ? -10.421 12.974  -4.153  1.00 54.86 ? 80   SER A OG  1 
ATOM   611 N N   . ILE A 1 81  ? -6.970  13.045  -0.760  1.00 35.13 ? 81   ILE A N   1 
ATOM   612 C CA  . ILE A 1 81  ? -6.554  12.853  0.631   1.00 37.99 ? 81   ILE A CA  1 
ATOM   613 C C   . ILE A 1 81  ? -7.231  13.844  1.587   1.00 37.89 ? 81   ILE A C   1 
ATOM   614 O O   . ILE A 1 81  ? -7.324  15.040  1.283   1.00 43.35 ? 81   ILE A O   1 
ATOM   615 C CB  . ILE A 1 81  ? -5.030  12.955  0.758   1.00 32.21 ? 81   ILE A CB  1 
ATOM   616 C CG1 . ILE A 1 81  ? -4.350  11.795  0.003   1.00 32.70 ? 81   ILE A CG1 1 
ATOM   617 C CG2 . ILE A 1 81  ? -4.597  12.939  2.215   1.00 41.03 ? 81   ILE A CG2 1 
ATOM   618 C CD1 . ILE A 1 81  ? -4.818  10.439  0.398   1.00 36.15 ? 81   ILE A CD1 1 
ATOM   619 N N   . THR A 1 82  ? -7.724  13.351  2.732   1.00 40.33 ? 82   THR A N   1 
ATOM   620 C CA  . THR A 1 82  ? -8.276  14.201  3.779   1.00 45.52 ? 82   THR A CA  1 
ATOM   621 C C   . THR A 1 82  ? -7.543  13.905  5.090   1.00 45.24 ? 82   THR A C   1 
ATOM   622 O O   . THR A 1 82  ? -6.797  12.919  5.176   1.00 39.72 ? 82   THR A O   1 
ATOM   623 C CB  . THR A 1 82  ? -9.790  13.945  3.997   1.00 51.73 ? 82   THR A CB  1 
ATOM   624 O OG1 . THR A 1 82  ? -9.975  12.863  4.935   1.00 48.79 ? 82   THR A OG1 1 
ATOM   625 C CG2 . THR A 1 82  ? -10.488 13.623  2.662   1.00 51.49 ? 82   THR A CG2 1 
ATOM   626 N N   . PRO A 1 83  ? -7.786  14.717  6.132   1.00 47.86 ? 83   PRO A N   1 
ATOM   627 C CA  . PRO A 1 83  ? -7.127  14.401  7.402   1.00 48.45 ? 83   PRO A CA  1 
ATOM   628 C C   . PRO A 1 83  ? -7.413  12.987  7.909   1.00 48.49 ? 83   PRO A C   1 
ATOM   629 O O   . PRO A 1 83  ? -6.627  12.455  8.693   1.00 48.92 ? 83   PRO A O   1 
ATOM   630 C CB  . PRO A 1 83  ? -7.719  15.425  8.362   1.00 52.70 ? 83   PRO A CB  1 
ATOM   631 C CG  . PRO A 1 83  ? -8.107  16.586  7.483   1.00 56.91 ? 83   PRO A CG  1 
ATOM   632 C CD  . PRO A 1 83  ? -8.618  15.936  6.237   1.00 48.21 ? 83   PRO A CD  1 
ATOM   633 N N   . ALA A 1 84  ? -8.526  12.404  7.456   1.00 49.30 ? 84   ALA A N   1 
ATOM   634 C CA  . ALA A 1 84  ? -8.929  11.033  7.813   1.00 50.30 ? 84   ALA A CA  1 
ATOM   635 C C   . ALA A 1 84  ? -7.973  9.956   7.294   1.00 46.59 ? 84   ALA A C   1 
ATOM   636 O O   . ALA A 1 84  ? -8.028  8.809   7.749   1.00 47.37 ? 84   ALA A O   1 
ATOM   637 C CB  . ALA A 1 84  ? -10.327 10.748  7.282   1.00 51.39 ? 84   ALA A CB  1 
ATOM   638 N N   . ASP A 1 85  ? -7.123  10.307  6.330   1.00 43.22 ? 85   ASP A N   1 
ATOM   639 C CA  . ASP A 1 85  ? -6.215  9.354   5.735   1.00 38.35 ? 85   ASP A CA  1 
ATOM   640 C C   . ASP A 1 85  ? -4.860  9.245   6.398   1.00 37.49 ? 85   ASP A C   1 
ATOM   641 O O   . ASP A 1 85  ? -4.052  8.399   6.028   1.00 35.27 ? 85   ASP A O   1 
ATOM   642 C CB  . ASP A 1 85  ? -6.053  9.659   4.260   1.00 37.20 ? 85   ASP A CB  1 
ATOM   643 C CG  . ASP A 1 85  ? -7.345  9.540   3.534   1.00 42.17 ? 85   ASP A CG  1 
ATOM   644 O OD1 . ASP A 1 85  ? -8.004  8.492   3.723   1.00 43.84 ? 85   ASP A OD1 1 
ATOM   645 O OD2 . ASP A 1 85  ? -7.716  10.481  2.811   1.00 43.11 ? 85   ASP A OD2 1 
ATOM   646 N N   . VAL A 1 86  ? -4.590  10.076  7.379   1.00 37.01 ? 86   VAL A N   1 
ATOM   647 C CA  A VAL A 1 86  ? -3.319  9.979   8.064   0.50 36.77 ? 86   VAL A CA  1 
ATOM   648 C CA  B VAL A 1 86  ? -3.314  9.977   8.067   0.50 36.75 ? 86   VAL A CA  1 
ATOM   649 C C   . VAL A 1 86  ? -3.199  8.619   8.754   1.00 36.33 ? 86   VAL A C   1 
ATOM   650 O O   . VAL A 1 86  ? -4.201  8.057   9.283   1.00 40.26 ? 86   VAL A O   1 
ATOM   651 C CB  A VAL A 1 86  ? -3.114  11.121  9.082   0.50 38.62 ? 86   VAL A CB  1 
ATOM   652 C CB  B VAL A 1 86  ? -3.073  11.137  9.082   0.50 38.46 ? 86   VAL A CB  1 
ATOM   653 C CG1 A VAL A 1 86  ? -1.757  10.997  9.718   0.50 34.48 ? 86   VAL A CG1 1 
ATOM   654 C CG1 B VAL A 1 86  ? -2.972  12.482  8.353   0.50 42.63 ? 86   VAL A CG1 1 
ATOM   655 C CG2 A VAL A 1 86  ? -3.254  12.492  8.407   0.50 43.48 ? 86   VAL A CG2 1 
ATOM   656 C CG2 B VAL A 1 86  ? -4.157  11.178  10.156  0.50 39.50 ? 86   VAL A CG2 1 
ATOM   657 N N   . GLY A 1 87  ? -1.987  8.091   8.763   1.00 30.77 ? 87   GLY A N   1 
ATOM   658 C CA  . GLY A 1 87  ? -1.724  6.767   9.302   1.00 34.71 ? 87   GLY A CA  1 
ATOM   659 C C   . GLY A 1 87  ? -0.503  6.183   8.639   1.00 34.01 ? 87   GLY A C   1 
ATOM   660 O O   . GLY A 1 87  ? 0.114   6.829   7.778   1.00 32.08 ? 87   GLY A O   1 
ATOM   661 N N   . THR A 1 88  ? -0.156  4.969   9.052   1.00 33.39 ? 88   THR A N   1 
ATOM   662 C CA  . THR A 1 88  ? 0.922   4.215   8.428   1.00 32.65 ? 88   THR A CA  1 
ATOM   663 C C   . THR A 1 88  ? 0.313   3.124   7.537   1.00 30.23 ? 88   THR A C   1 
ATOM   664 O O   . THR A 1 88  ? -0.528  2.345   7.985   1.00 32.21 ? 88   THR A O   1 
ATOM   665 C CB  . THR A 1 88  ? 1.875   3.627   9.489   1.00 32.04 ? 88   THR A CB  1 
ATOM   666 O OG1 . THR A 1 88  ? 2.403   4.715   10.280  1.00 38.46 ? 88   THR A OG1 1 
ATOM   667 C CG2 . THR A 1 88  ? 3.039   2.895   8.852   1.00 36.03 ? 88   THR A CG2 1 
ATOM   668 N N   . TYR A 1 89  ? 0.723   3.123   6.278   1.00 26.52 ? 89   TYR A N   1 
ATOM   669 C CA  . TYR A 1 89  ? 0.220   2.196   5.256   1.00 25.01 ? 89   TYR A CA  1 
ATOM   670 C C   . TYR A 1 89  ? 1.237   1.126   5.003   1.00 27.70 ? 89   TYR A C   1 
ATOM   671 O O   . TYR A 1 89  ? 2.420   1.428   4.733   1.00 24.72 ? 89   TYR A O   1 
ATOM   672 C CB  . TYR A 1 89  ? -0.052  2.915   3.937   1.00 26.54 ? 89   TYR A CB  1 
ATOM   673 C CG  . TYR A 1 89  ? -1.205  3.855   4.047   1.00 25.18 ? 89   TYR A CG  1 
ATOM   674 C CD1 . TYR A 1 89  ? -2.414  3.543   3.467   1.00 24.54 ? 89   TYR A CD1 1 
ATOM   675 C CD2 . TYR A 1 89  ? -1.112  5.029   4.800   1.00 26.18 ? 89   TYR A CD2 1 
ATOM   676 C CE1 . TYR A 1 89  ? -3.498  4.354   3.585   1.00 29.66 ? 89   TYR A CE1 1 
ATOM   677 C CE2 . TYR A 1 89  ? -2.195  5.864   4.932   1.00 27.78 ? 89   TYR A CE2 1 
ATOM   678 C CZ  . TYR A 1 89  ? -3.389  5.528   4.320   1.00 26.87 ? 89   TYR A CZ  1 
ATOM   679 O OH  . TYR A 1 89  ? -4.481  6.329   4.434   1.00 33.38 ? 89   TYR A OH  1 
ATOM   680 N N   . TYR A 1 90  ? 0.774   -0.121  5.069   1.00 27.93 ? 90   TYR A N   1 
ATOM   681 C CA  . TYR A 1 90  ? 1.627   -1.280  4.974   1.00 24.88 ? 90   TYR A CA  1 
ATOM   682 C C   . TYR A 1 90  ? 1.250   -2.076  3.754   1.00 27.04 ? 90   TYR A C   1 
ATOM   683 O O   . TYR A 1 90  ? 0.079   -2.361  3.497   1.00 27.12 ? 90   TYR A O   1 
ATOM   684 C CB  . TYR A 1 90  ? 1.494   -2.169  6.213   1.00 29.57 ? 90   TYR A CB  1 
ATOM   685 C CG  . TYR A 1 90  ? 1.941   -1.487  7.485   1.00 30.49 ? 90   TYR A CG  1 
ATOM   686 C CD1 . TYR A 1 90  ? 3.266   -1.566  7.910   1.00 33.97 ? 90   TYR A CD1 1 
ATOM   687 C CD2 . TYR A 1 90  ? 1.041   -0.781  8.263   1.00 34.83 ? 90   TYR A CD2 1 
ATOM   688 C CE1 . TYR A 1 90  ? 3.686   -0.944  9.072   1.00 32.80 ? 90   TYR A CE1 1 
ATOM   689 C CE2 . TYR A 1 90  ? 1.448   -0.152  9.433   1.00 35.62 ? 90   TYR A CE2 1 
ATOM   690 C CZ  . TYR A 1 90  ? 2.766   -0.244  9.837   1.00 34.78 ? 90   TYR A CZ  1 
ATOM   691 O OH  . TYR A 1 90  ? 3.147   0.381   11.005  1.00 41.29 ? 90   TYR A OH  1 
ATOM   692 N N   . CYS A 1 91  ? 2.271   -2.411  2.993   1.00 26.34 ? 91   CYS A N   1 
ATOM   693 C CA  A CYS A 1 91  ? 2.194   -3.292  1.866   0.50 26.43 ? 91   CYS A CA  1 
ATOM   694 C CA  B CYS A 1 91  ? 2.093   -3.331  1.881   0.50 26.94 ? 91   CYS A CA  1 
ATOM   695 C C   . CYS A 1 91  ? 2.518   -4.696  2.377   1.00 26.64 ? 91   CYS A C   1 
ATOM   696 O O   . CYS A 1 91  ? 3.633   -4.909  2.866   1.00 26.75 ? 91   CYS A O   1 
ATOM   697 C CB  A CYS A 1 91  ? 3.249   -2.794  0.892   0.50 28.35 ? 91   CYS A CB  1 
ATOM   698 C CB  B CYS A 1 91  ? 2.831   -2.891  0.615   0.50 29.32 ? 91   CYS A CB  1 
ATOM   699 S SG  A CYS A 1 91  ? 3.244   -3.542  -0.678  0.50 22.51 ? 91   CYS A SG  1 
ATOM   700 S SG  B CYS A 1 91  ? 4.612   -3.015  0.639   0.50 25.29 ? 91   CYS A SG  1 
ATOM   701 N N   . VAL A 1 92  ? 1.568   -5.629  2.286   1.00 26.98 ? 92   VAL A N   1 
ATOM   702 C CA  . VAL A 1 92  ? 1.685   -6.936  2.923   1.00 28.08 ? 92   VAL A CA  1 
ATOM   703 C C   . VAL A 1 92  ? 1.428   -8.093  1.973   1.00 33.68 ? 92   VAL A C   1 
ATOM   704 O O   . VAL A 1 92  ? 0.371   -8.176  1.331   1.00 31.12 ? 92   VAL A O   1 
ATOM   705 C CB  . VAL A 1 92  ? 0.704   -7.050  4.128   1.00 27.95 ? 92   VAL A CB  1 
ATOM   706 C CG1 . VAL A 1 92  ? 0.796   -8.401  4.806   1.00 35.78 ? 92   VAL A CG1 1 
ATOM   707 C CG2 . VAL A 1 92  ? 0.971   -5.944  5.156   1.00 29.49 ? 92   VAL A CG2 1 
ATOM   708 N N   . LYS A 1 93  ? 2.403   -8.995  1.939   1.00 33.99 ? 93   LYS A N   1 
ATOM   709 C CA  . LYS A 1 93  ? 2.369   -10.213 1.146   1.00 37.11 ? 93   LYS A CA  1 
ATOM   710 C C   . LYS A 1 93  ? 1.728   -11.328 1.959   1.00 39.76 ? 93   LYS A C   1 
ATOM   711 O O   . LYS A 1 93  ? 2.094   -11.555 3.116   1.00 40.80 ? 93   LYS A O   1 
ATOM   712 C CB  . LYS A 1 93  ? 3.803   -10.606 0.759   1.00 38.25 ? 93   LYS A CB  1 
ATOM   713 C CG  . LYS A 1 93  ? 3.984   -11.972 0.141   1.00 42.76 ? 93   LYS A CG  1 
ATOM   714 C CD  . LYS A 1 93  ? 3.504   -12.031 -1.288  1.00 41.45 ? 93   LYS A CD  1 
ATOM   715 C CE  . LYS A 1 93  ? 3.801   -13.397 -1.899  1.00 45.32 ? 93   LYS A CE  1 
ATOM   716 N NZ  . LYS A 1 93  ? 3.373   -13.454 -3.323  1.00 43.27 ? 93   LYS A NZ  1 
ATOM   717 N N   . PHE A 1 94  ? 0.779   -12.028 1.338   1.00 41.81 ? 94   PHE A N   1 
ATOM   718 C CA  . PHE A 1 94  ? 0.158   -13.207 1.926   1.00 44.08 ? 94   PHE A CA  1 
ATOM   719 C C   . PHE A 1 94  ? 0.620   -14.467 1.198   1.00 49.95 ? 94   PHE A C   1 
ATOM   720 O O   . PHE A 1 94  ? 1.087   -14.404 0.058   1.00 48.01 ? 94   PHE A O   1 
ATOM   721 C CB  . PHE A 1 94  ? -1.370  -13.102 1.850   1.00 44.50 ? 94   PHE A CB  1 
ATOM   722 C CG  . PHE A 1 94  ? -1.967  -12.119 2.824   1.00 40.77 ? 94   PHE A CG  1 
ATOM   723 C CD1 . PHE A 1 94  ? -2.669  -12.548 3.938   1.00 45.22 ? 94   PHE A CD1 1 
ATOM   724 C CD2 . PHE A 1 94  ? -1.803  -10.759 2.634   1.00 38.55 ? 94   PHE A CD2 1 
ATOM   725 C CE1 . PHE A 1 94  ? -3.212  -11.635 4.839   1.00 48.51 ? 94   PHE A CE1 1 
ATOM   726 C CE2 . PHE A 1 94  ? -2.345  -9.845  3.530   1.00 40.32 ? 94   PHE A CE2 1 
ATOM   727 C CZ  . PHE A 1 94  ? -3.049  -10.285 4.633   1.00 43.97 ? 94   PHE A CZ  1 
ATOM   728 N N   . ARG A 1 95  ? 0.509   -15.598 1.883   1.00 54.05 ? 95   ARG A N   1 
ATOM   729 C CA  . ARG A 1 95  ? 0.679   -16.904 1.271   1.00 59.59 ? 95   ARG A CA  1 
ATOM   730 C C   . ARG A 1 95  ? -0.706  -17.532 1.167   1.00 62.89 ? 95   ARG A C   1 
ATOM   731 O O   . ARG A 1 95  ? -1.604  -17.177 1.933   1.00 62.50 ? 95   ARG A O   1 
ATOM   732 C CB  . ARG A 1 95  ? 1.602   -17.778 2.124   1.00 63.42 ? 95   ARG A CB  1 
ATOM   733 N N   . LYS A 1 96  ? -0.876  -18.452 0.217   1.00 65.00 ? 96   LYS A N   1 
ATOM   734 C CA  . LYS A 1 96  ? -2.126  -19.203 0.052   1.00 69.14 ? 96   LYS A CA  1 
ATOM   735 C C   . LYS A 1 96  ? -2.050  -20.527 0.802   1.00 72.30 ? 96   LYS A C   1 
ATOM   736 O O   . LYS A 1 96  ? -2.345  -20.601 1.998   1.00 72.39 ? 96   LYS A O   1 
ATOM   737 C CB  . LYS A 1 96  ? -2.410  -19.469 -1.433  1.00 67.38 ? 96   LYS A CB  1 
ATOM   738 N N   . ASN A 1 101 ? -5.911  -17.337 3.066   1.00 73.14 ? 101  ASN A N   1 
ATOM   739 C CA  . ASN A 1 101 ? -4.547  -16.809 2.998   1.00 68.81 ? 101  ASN A CA  1 
ATOM   740 C C   . ASN A 1 101 ? -3.977  -16.500 4.384   1.00 68.80 ? 101  ASN A C   1 
ATOM   741 O O   . ASN A 1 101 ? -4.726  -16.189 5.309   1.00 72.29 ? 101  ASN A O   1 
ATOM   742 C CB  . ASN A 1 101 ? -4.512  -15.544 2.135   1.00 64.68 ? 101  ASN A CB  1 
ATOM   743 C CG  . ASN A 1 101 ? -4.938  -15.790 0.694   1.00 64.61 ? 101  ASN A CG  1 
ATOM   744 O OD1 . ASN A 1 101 ? -4.707  -16.863 0.130   1.00 73.96 ? 101  ASN A OD1 1 
ATOM   745 N ND2 . ASN A 1 101 ? -5.558  -14.784 0.087   1.00 68.49 ? 101  ASN A ND2 1 
ATOM   746 N N   . VAL A 1 102 ? -2.653  -16.582 4.524   1.00 66.27 ? 102  VAL A N   1 
ATOM   747 C CA  . VAL A 1 102 ? -1.970  -16.198 5.768   1.00 65.44 ? 102  VAL A CA  1 
ATOM   748 C C   . VAL A 1 102 ? -0.884  -15.165 5.479   1.00 58.21 ? 102  VAL A C   1 
ATOM   749 O O   . VAL A 1 102 ? -0.180  -15.270 4.480   1.00 54.42 ? 102  VAL A O   1 
ATOM   750 C CB  . VAL A 1 102 ? -1.313  -17.403 6.467   1.00 71.88 ? 102  VAL A CB  1 
ATOM   751 C CG1 . VAL A 1 102 ? -0.249  -18.030 5.576   1.00 70.68 ? 102  VAL A CG1 1 
ATOM   752 C CG2 . VAL A 1 102 ? -0.717  -16.978 7.810   1.00 72.63 ? 102  VAL A CG2 1 
ATOM   753 N N   . GLU A 1 103 ? -0.731  -14.188 6.364   1.00 58.60 ? 103  GLU A N   1 
ATOM   754 C CA  . GLU A 1 103 ? 0.272   -13.142 6.157   1.00 53.72 ? 103  GLU A CA  1 
ATOM   755 C C   . GLU A 1 103 ? 1.680   -13.737 6.154   1.00 55.12 ? 103  GLU A C   1 
ATOM   756 O O   . GLU A 1 103 ? 2.031   -14.530 7.035   1.00 60.19 ? 103  GLU A O   1 
ATOM   757 C CB  . GLU A 1 103 ? 0.170   -12.060 7.223   1.00 54.59 ? 103  GLU A CB  1 
ATOM   758 C CG  . GLU A 1 103 ? 1.203   -10.955 7.050   1.00 48.59 ? 103  GLU A CG  1 
ATOM   759 C CD  . GLU A 1 103 ? 0.973   -9.784  7.969   1.00 52.06 ? 103  GLU A CD  1 
ATOM   760 O OE1 . GLU A 1 103 ? -0.194  -9.545  8.342   1.00 54.85 ? 103  GLU A OE1 1 
ATOM   761 O OE2 . GLU A 1 103 ? 1.968   -9.104  8.312   1.00 48.38 ? 103  GLU A OE2 1 
ATOM   762 N N   . PHE A 1 104 ? 2.470   -13.360 5.153   1.00 50.50 ? 104  PHE A N   1 
ATOM   763 C CA  . PHE A 1 104 ? 3.826   -13.876 5.001   1.00 52.10 ? 104  PHE A CA  1 
ATOM   764 C C   . PHE A 1 104 ? 4.891   -12.853 5.406   1.00 51.46 ? 104  PHE A C   1 
ATOM   765 O O   . PHE A 1 104 ? 5.792   -13.166 6.178   1.00 51.48 ? 104  PHE A O   1 
ATOM   766 C CB  . PHE A 1 104 ? 4.058   -14.318 3.559   1.00 52.68 ? 104  PHE A CB  1 
ATOM   767 C CG  . PHE A 1 104 ? 5.395   -14.956 3.338   1.00 54.25 ? 104  PHE A CG  1 
ATOM   768 C CD1 . PHE A 1 104 ? 5.715   -16.154 3.961   1.00 63.21 ? 104  PHE A CD1 1 
ATOM   769 C CD2 . PHE A 1 104 ? 6.336   -14.361 2.512   1.00 56.60 ? 104  PHE A CD2 1 
ATOM   770 C CE1 . PHE A 1 104 ? 6.945   -16.748 3.764   1.00 64.24 ? 104  PHE A CE1 1 
ATOM   771 C CE2 . PHE A 1 104 ? 7.575   -14.963 2.306   1.00 62.06 ? 104  PHE A CE2 1 
ATOM   772 C CZ  . PHE A 1 104 ? 7.877   -16.154 2.937   1.00 62.25 ? 104  PHE A CZ  1 
ATOM   773 N N   . LYS A 1 105 ? 4.782   -11.635 4.876   1.00 45.10 ? 105  LYS A N   1 
ATOM   774 C CA  . LYS A 1 105 ? 5.751   -10.568 5.158   1.00 44.84 ? 105  LYS A CA  1 
ATOM   775 C C   . LYS A 1 105 ? 5.125   -9.201  4.961   1.00 39.11 ? 105  LYS A C   1 
ATOM   776 O O   . LYS A 1 105 ? 4.309   -9.018  4.073   1.00 38.08 ? 105  LYS A O   1 
ATOM   777 C CB  . LYS A 1 105 ? 6.987   -10.700 4.262   1.00 45.77 ? 105  LYS A CB  1 
ATOM   778 C CG  . LYS A 1 105 ? 8.235   -11.201 4.993   1.00 56.33 ? 105  LYS A CG  1 
ATOM   779 C CD  . LYS A 1 105 ? 9.069   -12.140 4.131   1.00 60.60 ? 105  LYS A CD  1 
ATOM   780 C CE  . LYS A 1 105 ? 10.394  -12.491 4.809   1.00 63.90 ? 105  LYS A CE  1 
ATOM   781 N NZ  . LYS A 1 105 ? 11.161  -13.525 4.066   1.00 67.01 ? 105  LYS A NZ  1 
ATOM   782 N N   . SER A 1 106 ? 5.512   -8.244  5.800   1.00 40.99 ? 106  SER A N   1 
ATOM   783 C CA  . SER A 1 106 ? 5.016   -6.891  5.685   1.00 37.25 ? 106  SER A CA  1 
ATOM   784 C C   . SER A 1 106 ? 6.164   -5.961  5.368   1.00 34.97 ? 106  SER A C   1 
ATOM   785 O O   . SER A 1 106 ? 7.303   -6.186  5.797   1.00 32.92 ? 106  SER A O   1 
ATOM   786 C CB  . SER A 1 106 ? 4.349   -6.439  6.986   1.00 38.77 ? 106  SER A CB  1 
ATOM   787 O OG  . SER A 1 106 ? 3.961   -5.079  6.920   1.00 38.85 ? 106  SER A OG  1 
ATOM   788 N N   . GLY A 1 107 ? 5.847   -4.912  4.623   1.00 31.21 ? 107  GLY A N   1 
ATOM   789 C CA  . GLY A 1 107 ? 6.764   -3.800  4.465   1.00 30.78 ? 107  GLY A CA  1 
ATOM   790 C C   . GLY A 1 107 ? 6.860   -3.036  5.761   1.00 30.94 ? 107  GLY A C   1 
ATOM   791 O O   . GLY A 1 107 ? 6.073   -3.274  6.697   1.00 32.51 ? 107  GLY A O   1 
ATOM   792 N N   . PRO A 1 108 ? 7.844   -2.118  5.851   1.00 30.73 ? 108  PRO A N   1 
ATOM   793 C CA  . PRO A 1 108 ? 8.089   -1.370  7.073   1.00 34.15 ? 108  PRO A CA  1 
ATOM   794 C C   . PRO A 1 108 ? 7.052   -0.273  7.373   1.00 30.85 ? 108  PRO A C   1 
ATOM   795 O O   . PRO A 1 108 ? 7.050   0.280   8.477   1.00 34.45 ? 108  PRO A O   1 
ATOM   796 C CB  . PRO A 1 108 ? 9.464   -0.758  6.814   1.00 33.85 ? 108  PRO A CB  1 
ATOM   797 C CG  . PRO A 1 108 ? 9.555   -0.615  5.365   1.00 32.53 ? 108  PRO A CG  1 
ATOM   798 C CD  . PRO A 1 108 ? 8.806   -1.772  4.790   1.00 29.80 ? 108  PRO A CD  1 
ATOM   799 N N   . GLY A 1 109 ? 6.184   -0.004  6.399   1.00 29.91 ? 109  GLY A N   1 
ATOM   800 C CA  . GLY A 1 109 ? 5.159   1.018   6.470   1.00 26.05 ? 109  GLY A CA  1 
ATOM   801 C C   . GLY A 1 109 ? 5.614   2.380   5.967   1.00 28.36 ? 109  GLY A C   1 
ATOM   802 O O   . GLY A 1 109 ? 6.776   2.760   6.099   1.00 29.20 ? 109  GLY A O   1 
ATOM   803 N N   . THR A 1 110 ? 4.669   3.112   5.383   1.00 26.29 ? 110  THR A N   1 
ATOM   804 C CA  . THR A 1 110 ? 4.894   4.469   4.910   1.00 26.21 ? 110  THR A CA  1 
ATOM   805 C C   . THR A 1 110 ? 3.876   5.312   5.627   1.00 27.11 ? 110  THR A C   1 
ATOM   806 O O   . THR A 1 110 ? 2.661   5.090   5.519   1.00 27.81 ? 110  THR A O   1 
ATOM   807 C CB  . THR A 1 110 ? 4.693   4.600   3.404   1.00 23.63 ? 110  THR A CB  1 
ATOM   808 O OG1 . THR A 1 110 ? 5.701   3.839   2.725   1.00 25.04 ? 110  THR A OG1 1 
ATOM   809 C CG2 . THR A 1 110 ? 4.769   6.096   2.965   1.00 24.87 ? 110  THR A CG2 1 
ATOM   810 N N   . GLU A 1 111 ? 4.355   6.243   6.428   1.00 27.11 ? 111  GLU A N   1 
ATOM   811 C CA  . GLU A 1 111 ? 3.437   7.091   7.142   1.00 28.90 ? 111  GLU A CA  1 
ATOM   812 C C   . GLU A 1 111 ? 2.925   8.190   6.220   1.00 26.38 ? 111  GLU A C   1 
ATOM   813 O O   . GLU A 1 111 ? 3.697   8.879   5.542   1.00 26.48 ? 111  GLU A O   1 
ATOM   814 C CB  . GLU A 1 111 ? 4.105   7.701   8.371   1.00 33.51 ? 111  GLU A CB  1 
ATOM   815 C CG  . GLU A 1 111 ? 3.166   8.577   9.157   1.00 41.98 ? 111  GLU A CG  1 
ATOM   816 C CD  . GLU A 1 111 ? 3.715   8.983   10.515  1.00 42.41 ? 111  GLU A CD  1 
ATOM   817 O OE1 . GLU A 1 111 ? 4.882   8.637   10.838  1.00 45.31 ? 111  GLU A OE1 1 
ATOM   818 O OE2 . GLU A 1 111 ? 2.967   9.664   11.250  1.00 40.48 ? 111  GLU A OE2 1 
ATOM   819 N N   . MET A 1 112 ? 1.622   8.405   6.241   1.00 28.07 ? 112  MET A N   1 
ATOM   820 C CA  . MET A 1 112 ? 1.065   9.566   5.601   1.00 29.17 ? 112  MET A CA  1 
ATOM   821 C C   . MET A 1 112 ? 0.708   10.609  6.640   1.00 31.15 ? 112  MET A C   1 
ATOM   822 O O   . MET A 1 112 ? -0.087  10.334  7.518   1.00 30.29 ? 112  MET A O   1 
ATOM   823 C CB  . MET A 1 112 ? -0.169  9.181   4.846   1.00 27.84 ? 112  MET A CB  1 
ATOM   824 C CG  . MET A 1 112 ? -0.610  10.280  3.949   1.00 35.34 ? 112  MET A CG  1 
ATOM   825 S SD  . MET A 1 112 ? -2.038  9.836   2.994   1.00 44.86 ? 112  MET A SD  1 
ATOM   826 C CE  . MET A 1 112 ? -1.275  8.925   1.662   1.00 34.06 ? 112  MET A CE  1 
ATOM   827 N N   . ALA A 1 113 ? 1.295   11.795  6.536   1.00 30.77 ? 113  ALA A N   1 
ATOM   828 C CA  . ALA A 1 113 ? 0.980   12.912  7.421   1.00 32.76 ? 113  ALA A CA  1 
ATOM   829 C C   . ALA A 1 113 ? 0.412   14.056  6.590   1.00 34.88 ? 113  ALA A C   1 
ATOM   830 O O   . ALA A 1 113 ? 0.642   14.150  5.370   1.00 33.07 ? 113  ALA A O   1 
ATOM   831 C CB  . ALA A 1 113 ? 2.210   13.370  8.182   1.00 33.71 ? 113  ALA A CB  1 
ATOM   832 N N   . LEU A 1 114 ? -0.347  14.902  7.256   1.00 35.01 ? 114  LEU A N   1 
ATOM   833 C CA  . LEU A 1 114 ? -1.020  16.001  6.600   1.00 39.53 ? 114  LEU A CA  1 
ATOM   834 C C   . LEU A 1 114 ? -0.351  17.330  6.960   1.00 39.52 ? 114  LEU A C   1 
ATOM   835 O O   . LEU A 1 114 ? 0.006   17.602  8.112   1.00 37.52 ? 114  LEU A O   1 
ATOM   836 C CB  . LEU A 1 114 ? -2.519  16.015  6.920   1.00 47.26 ? 114  LEU A CB  1 
ATOM   837 C CG  . LEU A 1 114 ? -3.375  16.811  5.914   1.00 50.72 ? 114  LEU A CG  1 
ATOM   838 C CD1 . LEU A 1 114 ? -3.889  15.882  4.818   1.00 49.12 ? 114  LEU A CD1 1 
ATOM   839 C CD2 . LEU A 1 114 ? -4.534  17.503  6.586   1.00 58.94 ? 114  LEU A CD2 1 
ATOM   840 N N   . GLY A 1 115 ? -0.185  18.150  5.937   1.00 38.80 ? 115  GLY A N   1 
ATOM   841 C CA  . GLY A 1 115 ? 0.530   19.392  6.043   1.00 40.47 ? 115  GLY A CA  1 
ATOM   842 C C   . GLY A 1 115 ? -0.356  20.504  5.514   1.00 45.14 ? 115  GLY A C   1 
ATOM   843 O O   . GLY A 1 115 ? -1.380  20.250  4.877   1.00 46.79 ? 115  GLY A O   1 
ATOM   844 N N   . ALA A 1 116 ? 0.055   21.725  5.767   1.00 45.89 ? 116  ALA A N   1 
ATOM   845 C CA  . ALA A 1 116 ? -0.692  22.909  5.334   1.00 48.85 ? 116  ALA A CA  1 
ATOM   846 C C   . ALA A 1 116 ? -0.321  23.186  3.888   1.00 48.25 ? 116  ALA A C   1 
ATOM   847 O O   . ALA A 1 116 ? 0.770   22.848  3.448   1.00 47.24 ? 116  ALA A O   1 
ATOM   848 C CB  . ALA A 1 116 ? -0.359  24.085  6.195   1.00 53.86 ? 116  ALA A CB  1 
ATOM   849 N N   . LYS A 1 117 ? -1.235  23.779  3.137   1.00 52.95 ? 117  LYS A N   1 
ATOM   850 C CA  . LYS A 1 117 ? -0.927  24.131  1.758   1.00 50.45 ? 117  LYS A CA  1 
ATOM   851 C C   . LYS A 1 117 ? 0.060   25.293  1.764   1.00 53.71 ? 117  LYS A C   1 
ATOM   852 O O   . LYS A 1 117 ? -0.017  26.135  2.629   1.00 56.10 ? 117  LYS A O   1 
ATOM   853 C CB  . LYS A 1 117 ? -2.200  24.472  0.994   1.00 53.21 ? 117  LYS A CB  1 
ATOM   854 C CG  . LYS A 1 117 ? -3.027  23.236  0.713   1.00 47.74 ? 117  LYS A CG  1 
ATOM   855 C CD  . LYS A 1 117 ? -4.421  23.553  0.242   1.00 53.29 ? 117  LYS A CD  1 
ATOM   856 C CE  . LYS A 1 117 ? -5.163  22.250  -0.064  1.00 53.77 ? 117  LYS A CE  1 
ATOM   857 N NZ  . LYS A 1 117 ? -6.535  22.514  -0.564  1.00 60.89 ? 117  LYS A NZ  1 
ATOM   858 N N   . PRO A 1 118 ? 1.032   25.283  0.838   1.00 54.74 ? 118  PRO A N   1 
ATOM   859 C CA  . PRO A 1 118 ? 1.965   26.371  0.606   1.00 59.47 ? 118  PRO A CA  1 
ATOM   860 C C   . PRO A 1 118 ? 1.271   27.725  0.493   1.00 62.38 ? 118  PRO A C   1 
ATOM   861 O O   . PRO A 1 118 ? 1.530   28.605  1.306   1.00 70.33 ? 118  PRO A O   1 
ATOM   862 C CB  . PRO A 1 118 ? 2.589   25.995  -0.739  1.00 59.62 ? 118  PRO A CB  1 
ATOM   863 C CG  . PRO A 1 118 ? 2.556   24.536  -0.769  1.00 53.55 ? 118  PRO A CG  1 
ATOM   864 C CD  . PRO A 1 118 ? 1.314   24.132  -0.042  1.00 53.96 ? 118  PRO A CD  1 
HETATM 865 O O   . HOH B 2 .   ? 10.531  -6.950  4.048   1.00 49.56 ? 2001 HOH A O   1 
HETATM 866 O O   . HOH B 2 .   ? 11.874  -3.815  3.760   1.00 47.48 ? 2002 HOH A O   1 
HETATM 867 O O   . HOH B 2 .   ? 9.571   3.164   -5.597  1.00 39.31 ? 2003 HOH A O   1 
HETATM 868 O O   . HOH B 2 .   ? 9.275   2.692   4.833   1.00 37.56 ? 2004 HOH A O   1 
HETATM 869 O O   . HOH B 2 .   ? 11.472  2.523   5.472   1.00 53.38 ? 2005 HOH A O   1 
HETATM 870 O O   . HOH B 2 .   ? 11.956  -0.709  2.739   1.00 33.82 ? 2006 HOH A O   1 
HETATM 871 O O   . HOH B 2 .   ? 5.588   6.205   -0.892  1.00 32.69 ? 2007 HOH A O   1 
HETATM 872 O O   . HOH B 2 .   ? 10.250  5.970   -4.700  1.00 28.84 ? 2008 HOH A O   1 
HETATM 873 O O   . HOH B 2 .   ? 7.146   5.175   8.802   1.00 44.66 ? 2009 HOH A O   1 
HETATM 874 O O   . HOH B 2 .   ? 0.866   19.092  -0.849  1.00 43.71 ? 2010 HOH A O   1 
HETATM 875 O O   . HOH B 2 .   ? 3.849   -11.224 -6.663  1.00 39.39 ? 2011 HOH A O   1 
HETATM 876 O O   . HOH B 2 .   ? 0.688   21.867  -3.185  1.00 45.45 ? 2012 HOH A O   1 
HETATM 877 O O   . HOH B 2 .   ? -1.839  23.582  -2.890  1.00 52.57 ? 2013 HOH A O   1 
HETATM 878 O O   . HOH B 2 .   ? -2.249  15.539  -6.664  1.00 37.64 ? 2014 HOH A O   1 
HETATM 879 O O   . HOH B 2 .   ? -7.444  -9.652  5.044   1.00 53.22 ? 2015 HOH A O   1 
HETATM 880 O O   . HOH B 2 .   ? 4.850   9.642   -3.455  1.00 44.41 ? 2016 HOH A O   1 
HETATM 881 O O   . HOH B 2 .   ? 5.637   6.322   -9.430  0.50 29.58 ? 2017 HOH A O   1 
HETATM 882 O O   . HOH B 2 .   ? 7.188   3.835   0.078   1.00 29.32 ? 2018 HOH A O   1 
HETATM 883 O O   . HOH B 2 .   ? 10.447  -0.265  -3.687  1.00 50.33 ? 2019 HOH A O   1 
HETATM 884 O O   . HOH B 2 .   ? 6.331   -6.211  -15.672 1.00 59.79 ? 2020 HOH A O   1 
HETATM 885 O O   . HOH B 2 .   ? 11.531  -14.301 -8.167  1.00 39.25 ? 2021 HOH A O   1 
HETATM 886 O O   . HOH B 2 .   ? 0.328   -15.168 -6.326  1.00 54.44 ? 2022 HOH A O   1 
HETATM 887 O O   . HOH B 2 .   ? 1.044   -10.955 -5.749  1.00 40.05 ? 2023 HOH A O   1 
HETATM 888 O O   . HOH B 2 .   ? -8.617  13.820  -7.389  1.00 53.22 ? 2024 HOH A O   1 
HETATM 889 O O   . HOH B 2 .   ? -0.681  -4.012  8.499   1.00 40.48 ? 2025 HOH A O   1 
HETATM 890 O O   . HOH B 2 .   ? -1.478  0.524   14.177  1.00 48.52 ? 2026 HOH A O   1 
HETATM 891 O O   . HOH B 2 .   ? -5.999  -9.606  7.208   1.00 58.37 ? 2027 HOH A O   1 
HETATM 892 O O   . HOH B 2 .   ? -6.566  -7.657  8.820   1.00 48.15 ? 2028 HOH A O   1 
HETATM 893 O O   . HOH B 2 .   ? -11.273 -2.993  6.238   1.00 44.49 ? 2029 HOH A O   1 
HETATM 894 O O   . HOH B 2 .   ? -9.267  2.375   -0.342  1.00 33.77 ? 2030 HOH A O   1 
HETATM 895 O O   . HOH B 2 .   ? -11.508 -7.426  -0.565  1.00 51.25 ? 2031 HOH A O   1 
HETATM 896 O O   . HOH B 2 .   ? -9.870  -4.618  -6.605  1.00 56.74 ? 2032 HOH A O   1 
HETATM 897 O O   . HOH B 2 .   ? -11.001 -1.344  -7.334  1.00 33.60 ? 2033 HOH A O   1 
HETATM 898 O O   . HOH B 2 .   ? -11.229 3.371   -2.235  1.00 34.25 ? 2034 HOH A O   1 
HETATM 899 O O   . HOH B 2 .   ? -5.521  0.657   -11.516 1.00 30.05 ? 2035 HOH A O   1 
HETATM 900 O O   . HOH B 2 .   ? -3.386  -3.609  -11.431 1.00 33.10 ? 2036 HOH A O   1 
HETATM 901 O O   . HOH B 2 .   ? 0.644   4.156   -13.957 1.00 39.84 ? 2037 HOH A O   1 
HETATM 902 O O   . HOH B 2 .   ? 5.001   1.020   -14.126 1.00 52.12 ? 2038 HOH A O   1 
HETATM 903 O O   . HOH B 2 .   ? -4.250  -4.480  -13.886 1.00 54.16 ? 2039 HOH A O   1 
HETATM 904 O O   . HOH B 2 .   ? -3.007  -6.580  -18.603 1.00 45.04 ? 2040 HOH A O   1 
HETATM 905 O O   . HOH B 2 .   ? 2.866   -2.279  -15.726 1.00 38.76 ? 2041 HOH A O   1 
HETATM 906 O O   . HOH B 2 .   ? 1.627   -8.466  -9.432  1.00 33.59 ? 2042 HOH A O   1 
HETATM 907 O O   . HOH B 2 .   ? 3.830   -11.251 -18.341 1.00 49.20 ? 2043 HOH A O   1 
HETATM 908 O O   . HOH B 2 .   ? 2.959   -12.576 -10.557 1.00 40.82 ? 2044 HOH A O   1 
HETATM 909 O O   . HOH B 2 .   ? 5.357   -9.841  -16.777 1.00 42.23 ? 2045 HOH A O   1 
HETATM 910 O O   . HOH B 2 .   ? 8.819   -6.263  -13.440 1.00 37.43 ? 2046 HOH A O   1 
HETATM 911 O O   . HOH B 2 .   ? 9.388   -15.253 -16.784 1.00 56.00 ? 2047 HOH A O   1 
HETATM 912 O O   . HOH B 2 .   ? 7.207   -11.498 -18.396 1.00 56.26 ? 2048 HOH A O   1 
HETATM 913 O O   . HOH B 2 .   ? 3.686   -10.455 -9.154  1.00 38.86 ? 2049 HOH A O   1 
HETATM 914 O O   . HOH B 2 .   ? 4.473   -4.577  -14.258 1.00 43.47 ? 2050 HOH A O   1 
HETATM 915 O O   . HOH B 2 .   ? 7.762   -4.447  -11.833 1.00 37.32 ? 2051 HOH A O   1 
HETATM 916 O O   . HOH B 2 .   ? 5.907   2.722   -8.891  1.00 35.67 ? 2052 HOH A O   1 
HETATM 917 O O   . HOH B 2 .   ? 1.506   -0.995  -8.913  1.00 22.92 ? 2053 HOH A O   1 
HETATM 918 O O   . HOH B 2 .   ? -6.028  6.913   -7.244  1.00 42.98 ? 2054 HOH A O   1 
HETATM 919 O O   . HOH B 2 .   ? 1.693   8.441   -9.146  1.00 38.44 ? 2055 HOH A O   1 
HETATM 920 O O   . HOH B 2 .   ? -8.899  7.122   -7.461  1.00 49.66 ? 2056 HOH A O   1 
HETATM 921 O O   . HOH B 2 .   ? -11.539 11.426  0.616   1.00 45.99 ? 2057 HOH A O   1 
HETATM 922 O O   . HOH B 2 .   ? -6.895  13.887  -5.344  1.00 39.79 ? 2058 HOH A O   1 
HETATM 923 O O   . HOH B 2 .   ? -11.367 10.477  -4.979  1.00 39.11 ? 2059 HOH A O   1 
HETATM 924 O O   . HOH B 2 .   ? -1.820  3.960   11.461  1.00 39.82 ? 2060 HOH A O   1 
HETATM 925 O O   . HOH B 2 .   ? -6.585  6.148   3.431   1.00 48.60 ? 2061 HOH A O   1 
HETATM 926 O O   . HOH B 2 .   ? 5.186   -11.877 -4.371  1.00 45.68 ? 2062 HOH A O   1 
HETATM 927 O O   . HOH B 2 .   ? -6.360  -13.850 6.474   1.00 52.49 ? 2063 HOH A O   1 
HETATM 928 O O   . HOH B 2 .   ? 1.673   -7.073  10.174  1.00 41.70 ? 2064 HOH A O   1 
HETATM 929 O O   . HOH B 2 .   ? 3.698   -13.154 9.547   1.00 59.10 ? 2065 HOH A O   1 
HETATM 930 O O   . HOH B 2 .   ? 8.091   -14.227 6.375   1.00 49.43 ? 2066 HOH A O   1 
HETATM 931 O O   . HOH B 2 .   ? 2.109   -4.780  8.898   1.00 36.81 ? 2067 HOH A O   1 
HETATM 932 O O   . HOH B 2 .   ? 7.266   -9.173  8.014   1.00 55.28 ? 2068 HOH A O   1 
HETATM 933 O O   . HOH B 2 .   ? 6.528   -4.196  9.198   1.00 48.98 ? 2069 HOH A O   1 
HETATM 934 O O   . HOH B 2 .   ? 4.518   2.950   0.602   1.00 34.31 ? 2070 HOH A O   1 
HETATM 935 O O   . HOH B 2 .   ? 7.126   9.199   12.509  1.00 51.54 ? 2071 HOH A O   1 
HETATM 936 O O   . HOH B 2 .   ? 0.786   9.783   10.546  1.00 32.83 ? 2072 HOH A O   1 
HETATM 937 O O   . HOH B 2 .   ? -3.824  20.607  3.483   1.00 35.48 ? 2073 HOH A O   1 
HETATM 938 O O   . HOH B 2 .   ? 1.923   26.531  4.929   1.00 47.54 ? 2074 HOH A O   1 
# 
loop_
_atom_site_anisotrop.id 
_atom_site_anisotrop.type_symbol 
_atom_site_anisotrop.pdbx_label_atom_id 
_atom_site_anisotrop.pdbx_label_alt_id 
_atom_site_anisotrop.pdbx_label_comp_id 
_atom_site_anisotrop.pdbx_label_asym_id 
_atom_site_anisotrop.pdbx_label_seq_id 
_atom_site_anisotrop.pdbx_PDB_ins_code 
_atom_site_anisotrop.U[1][1] 
_atom_site_anisotrop.U[2][2] 
_atom_site_anisotrop.U[3][3] 
_atom_site_anisotrop.U[1][2] 
_atom_site_anisotrop.U[1][3] 
_atom_site_anisotrop.U[2][3] 
_atom_site_anisotrop.pdbx_auth_seq_id 
_atom_site_anisotrop.pdbx_auth_comp_id 
_atom_site_anisotrop.pdbx_auth_asym_id 
_atom_site_anisotrop.pdbx_auth_atom_id 
1   N N   . LEU A 4   ? 0.7176 0.5715 0.8960 0.2938  -0.2553 -0.1171 4   LEU A N   
2   C CA  . LEU A 4   ? 0.6726 0.5585 0.8390 0.2510  -0.2168 -0.1151 4   LEU A CA  
3   C C   . LEU A 4   ? 0.6614 0.5594 0.8065 0.2181  -0.2177 -0.0894 4   LEU A C   
4   O O   . LEU A 4   ? 0.7151 0.5403 0.8064 0.2044  -0.2367 -0.0672 4   LEU A O   
5   C CB  . LEU A 4   ? 0.6991 0.5076 0.8177 0.2278  -0.2003 -0.1169 4   LEU A CB  
6   C CG  . LEU A 4   ? 0.6431 0.4815 0.7567 0.1892  -0.1654 -0.1175 4   LEU A CG  
7   C CD1 . LEU A 4   ? 0.6320 0.4335 0.7366 0.1826  -0.1519 -0.1359 4   LEU A CD1 
8   C CD2 . LEU A 4   ? 0.6973 0.5003 0.7682 0.1516  -0.1600 -0.0907 4   LEU A CD2 
9   N N   . GLN A 5   ? 0.6037 0.5879 0.7842 0.2048  -0.1969 -0.0931 5   GLN A N   
10  C CA  A GLN A 5   ? 0.5768 0.5722 0.7361 0.1713  -0.1934 -0.0726 5   GLN A CA  
11  C CA  B GLN A 5   ? 0.5799 0.5771 0.7403 0.1714  -0.1932 -0.0728 5   GLN A CA  
12  C C   . GLN A 5   ? 0.5039 0.5139 0.6513 0.1406  -0.1563 -0.0750 5   GLN A C   
13  O O   . GLN A 5   ? 0.4855 0.5379 0.6614 0.1481  -0.1366 -0.0931 5   GLN A O   
14  C CB  A GLN A 5   ? 0.5552 0.6356 0.7680 0.1799  -0.2061 -0.0725 5   GLN A CB  
15  C CB  B GLN A 5   ? 0.5508 0.6372 0.7665 0.1792  -0.2032 -0.0738 5   GLN A CB  
16  C CG  A GLN A 5   ? 0.6232 0.6964 0.8566 0.2107  -0.2503 -0.0690 5   GLN A CG  
17  C CG  B GLN A 5   ? 0.6076 0.7028 0.8563 0.2128  -0.2441 -0.0738 5   GLN A CG  
18  C CD  A GLN A 5   ? 0.7181 0.6982 0.8789 0.1961  -0.2806 -0.0437 5   GLN A CD  
19  C CD  B GLN A 5   ? 0.5742 0.7772 0.8980 0.2186  -0.2475 -0.0801 5   GLN A CD  
20  O OE1 A GLN A 5   ? 0.7324 0.6889 0.8460 0.1596  -0.2712 -0.0279 5   GLN A OE1 
21  O OE1 B GLN A 5   ? 0.6074 0.8705 0.9992 0.2536  -0.2526 -0.0990 5   GLN A OE1 
22  N NE2 A GLN A 5   ? 0.7600 0.6803 0.9052 0.2255  -0.3168 -0.0403 5   GLN A NE2 
23  N NE2 B GLN A 5   ? 0.5727 0.8006 0.8863 0.1829  -0.2423 -0.0661 5   GLN A NE2 
24  N N   . MET A 6   ? 0.4619 0.4327 0.5643 0.1082  -0.1487 -0.0573 6   MET A N   
25  C CA  . MET A 6   ? 0.4330 0.4165 0.5273 0.0808  -0.1175 -0.0576 6   MET A CA  
26  C C   . MET A 6   ? 0.3991 0.4276 0.4993 0.0651  -0.1166 -0.0474 6   MET A C   
27  O O   . MET A 6   ? 0.4683 0.4628 0.5336 0.0512  -0.1301 -0.0315 6   MET A O   
28  C CB  . MET A 6   ? 0.4637 0.3697 0.5066 0.0560  -0.1053 -0.0476 6   MET A CB  
29  C CG  . MET A 6   ? 0.5677 0.4176 0.5993 0.0629  -0.1056 -0.0554 6   MET A CG  
30  S SD  . MET A 6   ? 0.5107 0.4048 0.5886 0.0737  -0.0902 -0.0818 6   MET A SD  
31  C CE  . MET A 6   ? 0.4407 0.3529 0.5206 0.0416  -0.0603 -0.0800 6   MET A CE  
32  N N   . ILE A 7   ? 0.3034 0.4022 0.4417 0.0666  -0.1027 -0.0563 7   ILE A N   
33  C CA  . ILE A 7   ? 0.3026 0.4469 0.4519 0.0510  -0.1030 -0.0475 7   ILE A CA  
34  C C   . ILE A 7   ? 0.2721 0.4058 0.3963 0.0250  -0.0801 -0.0417 7   ILE A C   
35  O O   . ILE A 7   ? 0.2872 0.4324 0.4184 0.0265  -0.0614 -0.0509 7   ILE A O   
36  C CB  . ILE A 7   ? 0.2688 0.4970 0.4733 0.0651  -0.0986 -0.0591 7   ILE A CB  
37  C CG1 . ILE A 7   ? 0.3677 0.6131 0.6092 0.0989  -0.1187 -0.0703 7   ILE A CG1 
38  C CG2 . ILE A 7   ? 0.2547 0.5256 0.4711 0.0425  -0.0992 -0.0484 7   ILE A CG2 
39  C CD1 . ILE A 7   ? 0.3399 0.6756 0.6444 0.1132  -0.1125 -0.0830 7   ILE A CD1 
40  N N   . GLN A 8   ? 0.2889 0.3965 0.3817 0.0030  -0.0843 -0.0278 8   GLN A N   
41  C CA  . GLN A 8   ? 0.2682 0.3647 0.3390 -0.0191 -0.0647 -0.0228 8   GLN A CA  
42  C C   . GLN A 8   ? 0.2607 0.3869 0.3350 -0.0357 -0.0738 -0.0141 8   GLN A C   
43  O O   . GLN A 8   ? 0.3062 0.4015 0.3514 -0.0491 -0.0904 -0.0048 8   GLN A O   
44  C CB  . GLN A 8   ? 0.3191 0.3446 0.3425 -0.0322 -0.0555 -0.0177 8   GLN A CB  
45  C CG  . GLN A 8   ? 0.2787 0.2790 0.3059 -0.0223 -0.0439 -0.0267 8   GLN A CG  
46  C CD  . GLN A 8   ? 0.3682 0.3047 0.3547 -0.0385 -0.0272 -0.0228 8   GLN A CD  
47  O OE1 . GLN A 8   ? 0.4229 0.3096 0.3793 -0.0399 -0.0322 -0.0186 8   GLN A OE1 
48  N NE2 . GLN A 8   ? 0.3879 0.3222 0.3712 -0.0505 -0.0060 -0.0243 8   GLN A NE2 
49  N N   . PRO A 9   ? 0.2811 0.4651 0.3876 -0.0369 -0.0643 -0.0173 9   PRO A N   
50  C CA  . PRO A 9   ? 0.2507 0.4724 0.3720 -0.0552 -0.0727 -0.0101 9   PRO A CA  
51  C C   . PRO A 9   ? 0.3179 0.4952 0.3950 -0.0842 -0.0738 0.0013  9   PRO A C   
52  O O   . PRO A 9   ? 0.3248 0.5144 0.4051 -0.1022 -0.0910 0.0076  9   PRO A O   
53  C CB  . PRO A 9   ? 0.2503 0.5296 0.4016 -0.0539 -0.0526 -0.0155 9   PRO A CB  
54  C CG  . PRO A 9   ? 0.2593 0.5107 0.3908 -0.0425 -0.0363 -0.0214 9   PRO A CG  
55  C CD  . PRO A 9   ? 0.2220 0.4371 0.3484 -0.0246 -0.0460 -0.0275 9   PRO A CD  
56  N N   . GLU A 10  ? 0.3073 0.4351 0.3474 -0.0881 -0.0564 0.0020  10  GLU A N   
57  C CA  . GLU A 10  ? 0.3558 0.4358 0.3522 -0.1108 -0.0527 0.0092  10  GLU A CA  
58  C C   . GLU A 10  ? 0.4038 0.4163 0.3530 -0.1128 -0.0568 0.0096  10  GLU A C   
59  O O   . GLU A 10  ? 0.4254 0.4117 0.3674 -0.0999 -0.0431 0.0042  10  GLU A O   
60  C CB  . GLU A 10  ? 0.3791 0.4489 0.3685 -0.1103 -0.0304 0.0082  10  GLU A CB  
61  C CG  . GLU A 10  ? 0.3791 0.4939 0.3875 -0.1199 -0.0258 0.0133  10  GLU A CG  
62  C CD  . GLU A 10  ? 0.5423 0.6992 0.5783 -0.1006 -0.0152 0.0070  10  GLU A CD  
63  O OE1 . GLU A 10  ? 0.4675 0.6117 0.5074 -0.0804 -0.0108 -0.0020 10  GLU A OE1 
64  O OE2 . GLU A 10  ? 0.4353 0.6359 0.4857 -0.1086 -0.0099 0.0102  10  GLU A OE2 
65  N N   . LYS A 11  ? 0.4012 0.3850 0.3165 -0.1311 -0.0759 0.0157  11  LYS A N   
66  C CA  . LYS A 11  ? 0.4790 0.3880 0.3307 -0.1376 -0.0791 0.0170  11  LYS A CA  
67  C C   . LYS A 11  ? 0.4623 0.3175 0.2734 -0.1452 -0.0496 0.0129  11  LYS A C   
68  O O   . LYS A 11  ? 0.5080 0.3087 0.2776 -0.1445 -0.0346 0.0098  11  LYS A O   
69  C CB  . LYS A 11  ? 0.5443 0.4326 0.3622 -0.1576 -0.1111 0.0233  11  LYS A CB  
70  C CG  . LYS A 11  ? 0.6001 0.5359 0.4571 -0.1498 -0.1471 0.0267  11  LYS A CG  
71  C CD  . LYS A 11  ? 0.6350 0.5329 0.4452 -0.1702 -0.1832 0.0322  11  LYS A CD  
72  C CE  . LYS A 11  ? 0.7459 0.5552 0.4733 -0.1678 -0.1902 0.0358  11  LYS A CE  
73  N NZ  . LYS A 11  ? 0.8095 0.5706 0.4755 -0.1885 -0.2287 0.0408  11  LYS A NZ  
74  N N   . LEU A 12  ? 0.4460 0.3133 0.2671 -0.1537 -0.0410 0.0130  12  LEU A N   
75  C CA  . LEU A 12  ? 0.4131 0.2287 0.1998 -0.1580 -0.0169 0.0078  12  LEU A CA  
76  C C   . LEU A 12  ? 0.3909 0.2341 0.2088 -0.1549 -0.0081 0.0090  12  LEU A C   
77  O O   . LEU A 12  ? 0.4253 0.3065 0.2634 -0.1654 -0.0221 0.0164  12  LEU A O   
78  C CB  . LEU A 12  ? 0.5348 0.2853 0.2529 -0.1810 -0.0254 0.0085  12  LEU A CB  
79  C CG  . LEU A 12  ? 0.5706 0.2575 0.2455 -0.1839 0.0008  -0.0002 12  LEU A CG  
80  C CD1 . LEU A 12  ? 0.7768 0.3876 0.3710 -0.1981 0.0019  -0.0049 12  LEU A CD1 
81  C CD2 . LEU A 12  ? 0.7046 0.3899 0.3815 -0.1956 -0.0050 0.0031  12  LEU A CD2 
82  N N   . LEU A 13  ? 0.4243 0.2466 0.2451 -0.1408 0.0151  0.0015  13  LEU A N   
83  C CA  . LEU A 13  ? 0.4425 0.2688 0.2779 -0.1345 0.0213  0.0028  13  LEU A CA  
84  C C   . LEU A 13  ? 0.4748 0.2342 0.2702 -0.1363 0.0364  -0.0044 13  LEU A C   
85  O O   . LEU A 13  ? 0.5221 0.2540 0.3079 -0.1279 0.0560  -0.0155 13  LEU A O   
86  C CB  . LEU A 13  ? 0.4228 0.2857 0.3067 -0.1089 0.0308  -0.0032 13  LEU A CB  
87  C CG  . LEU A 13  ? 0.4906 0.4139 0.4142 -0.1000 0.0215  -0.0022 13  LEU A CG  
88  C CD1 . LEU A 13  ? 0.3855 0.3321 0.3480 -0.0772 0.0283  -0.0105 13  LEU A CD1 
89  C CD2 . LEU A 13  ? 0.4690 0.4274 0.3956 -0.1129 0.0069  0.0087  13  LEU A CD2 
90  N N   . LEU A 14  ? 0.4718 0.2022 0.2422 -0.1483 0.0296  0.0016  14  LEU A N   
91  C CA  . LEU A 14  ? 0.5285 0.1932 0.2656 -0.1440 0.0431  -0.0064 14  LEU A CA  
92  C C   . LEU A 14  ? 0.5276 0.2020 0.2970 -0.1215 0.0454  -0.0050 14  LEU A C   
93  O O   . LEU A 14  ? 0.5373 0.2251 0.3088 -0.1282 0.0304  0.0086  14  LEU A O   
94  C CB  . LEU A 14  ? 0.5937 0.2046 0.2730 -0.1733 0.0301  -0.0015 14  LEU A CB  
95  C CG  . LEU A 14  ? 0.6517 0.1780 0.2805 -0.1709 0.0445  -0.0137 14  LEU A CG  
96  C CD1 . LEU A 14  ? 0.7276 0.2276 0.3374 -0.1605 0.0694  -0.0310 14  LEU A CD1 
97  C CD2 . LEU A 14  ? 0.7169 0.1886 0.2872 -0.2043 0.0262  -0.0084 14  LEU A CD2 
98  N N   . VAL A 15  ? 0.5470 0.2149 0.3422 -0.0952 0.0642  -0.0193 15  VAL A N   
99  C CA  . VAL A 15  ? 0.4899 0.1715 0.3243 -0.0683 0.0613  -0.0203 15  VAL A CA  
100 C C   . VAL A 15  ? 0.5918 0.2124 0.4122 -0.0519 0.0755  -0.0333 15  VAL A C   
101 O O   . VAL A 15  ? 0.6501 0.2236 0.4319 -0.0612 0.0930  -0.0439 15  VAL A O   
102 C CB  . VAL A 15  ? 0.4883 0.2329 0.3873 -0.0480 0.0660  -0.0284 15  VAL A CB  
103 C CG1 . VAL A 15  ? 0.4828 0.2823 0.3927 -0.0614 0.0535  -0.0188 15  VAL A CG1 
104 C CG2 . VAL A 15  ? 0.4961 0.2345 0.4138 -0.0401 0.0951  -0.0476 15  VAL A CG2 
105 N N   . THR A 16  ? 0.5155 0.1318 0.3614 -0.0267 0.0655  -0.0325 16  THR A N   
106 C CA  . THR A 16  ? 0.6136 0.1766 0.4593 -0.0024 0.0761  -0.0464 16  THR A CA  
107 C C   . THR A 16  ? 0.5677 0.1785 0.4944 0.0342  0.0810  -0.0609 16  THR A C   
108 O O   . THR A 16  ? 0.5113 0.1848 0.4819 0.0387  0.0677  -0.0558 16  THR A O   
109 C CB  . THR A 16  ? 0.7154 0.2140 0.5150 -0.0022 0.0531  -0.0318 16  THR A CB  
110 O OG1 . THR A 16  ? 0.7742 0.3052 0.5864 0.0005  0.0257  -0.0123 16  THR A OG1 
111 C CG2 . THR A 16  ? 0.7693 0.2133 0.4932 -0.0409 0.0509  -0.0224 16  THR A CG2 
112 N N   . VAL A 17  ? 0.6735 0.2548 0.6220 0.0600  0.1003  -0.0812 17  VAL A N   
113 C CA  . VAL A 17  ? 0.6456 0.2784 0.6846 0.0941  0.1074  -0.0991 17  VAL A CA  
114 C C   . VAL A 17  ? 0.5949 0.2509 0.6678 0.1175  0.0657  -0.0866 17  VAL A C   
115 O O   . VAL A 17  ? 0.6775 0.2800 0.7052 0.1231  0.0397  -0.0713 17  VAL A O   
116 C CB  . VAL A 17  ? 0.6973 0.2930 0.7554 0.1197  0.1378  -0.1251 17  VAL A CB  
117 C CG1 . VAL A 17  ? 0.7404 0.3944 0.9072 0.1594  0.1390  -0.1442 17  VAL A CG1 
118 C CG2 . VAL A 17  ? 0.7349 0.3124 0.7565 0.0952  0.1829  -0.1394 17  VAL A CG2 
119 N N   . GLY A 18  ? 0.4985 0.2278 0.6452 0.1294  0.0585  -0.0931 18  GLY A N   
120 C CA  . GLY A 18  ? 0.4931 0.2467 0.6708 0.1521  0.0163  -0.0839 18  GLY A CA  
121 C C   . GLY A 18  ? 0.5064 0.2834 0.6455 0.1275  -0.0065 -0.0621 18  GLY A C   
122 O O   . GLY A 18  ? 0.4995 0.3087 0.6644 0.1414  -0.0379 -0.0575 18  GLY A O   
123 N N   . LYS A 19  ? 0.4824 0.2447 0.5605 0.0919  0.0078  -0.0502 19  LYS A N   
124 C CA  . LYS A 19  ? 0.4975 0.2837 0.5418 0.0707  -0.0105 -0.0314 19  LYS A CA  
125 C C   . LYS A 19  ? 0.4390 0.2954 0.5332 0.0674  -0.0063 -0.0414 19  LYS A C   
126 O O   . LYS A 19  ? 0.4266 0.3094 0.5706 0.0707  0.0160  -0.0597 19  LYS A O   
127 C CB  . LYS A 19  ? 0.5320 0.2871 0.5065 0.0351  -0.0005 -0.0161 19  LYS A CB  
128 C CG  . LYS A 19  ? 0.5881 0.2671 0.5038 0.0296  -0.0057 -0.0048 19  LYS A CG  
129 C CD  . LYS A 19  ? 0.6955 0.3439 0.5887 0.0453  -0.0369 0.0114  19  LYS A CD  
130 C CE  . LYS A 19  ? 0.7805 0.3426 0.6048 0.0329  -0.0413 0.0254  19  LYS A CE  
131 N NZ  . LYS A 19  ? 0.9065 0.4203 0.7400 0.0508  -0.0253 0.0066  19  LYS A NZ  
132 N N   . THR A 20  ? 0.4316 0.3132 0.5070 0.0593  -0.0264 -0.0294 20  THR A N   
133 C CA  . THR A 20  ? 0.3764 0.3133 0.4818 0.0521  -0.0237 -0.0371 20  THR A CA  
134 C C   . THR A 20  ? 0.3983 0.3357 0.4611 0.0230  -0.0089 -0.0274 20  THR A C   
135 O O   . THR A 20  ? 0.4663 0.3844 0.4783 0.0085  -0.0152 -0.0106 20  THR A O   
136 C CB  . THR A 20  ? 0.3362 0.2976 0.4435 0.0637  -0.0548 -0.0336 20  THR A CB  
137 O OG1 . THR A 20  ? 0.4740 0.4425 0.6325 0.0923  -0.0745 -0.0449 20  THR A OG1 
138 C CG2 . THR A 20  ? 0.3692 0.3791 0.4940 0.0539  -0.0519 -0.0418 20  THR A CG2 
139 N N   . ALA A 21  ? 0.3844 0.3414 0.4688 0.0136  0.0104  -0.0376 21  ALA A N   
140 C CA  . ALA A 21  ? 0.3555 0.3123 0.4061 -0.0098 0.0196  -0.0299 21  ALA A CA  
141 C C   . ALA A 21  ? 0.3635 0.3662 0.4330 -0.0099 0.0122  -0.0333 21  ALA A C   
142 O O   . ALA A 21  ? 0.3094 0.3354 0.4214 0.0018  0.0110  -0.0465 21  ALA A O   
143 C CB  . ALA A 21  ? 0.4000 0.3328 0.4470 -0.0194 0.0432  -0.0375 21  ALA A CB  
144 N N   . THR A 22  ? 0.3298 0.3458 0.3719 -0.0231 0.0077  -0.0231 22  THR A N   
145 C CA  . THR A 22  ? 0.2826 0.3385 0.3401 -0.0207 0.0030  -0.0285 22  THR A CA  
146 C C   . THR A 22  ? 0.2704 0.3271 0.3242 -0.0326 0.0111  -0.0281 22  THR A C   
147 O O   . THR A 22  ? 0.2823 0.3291 0.3100 -0.0482 0.0117  -0.0176 22  THR A O   
148 C CB  . THR A 22  ? 0.2749 0.3521 0.3097 -0.0223 -0.0066 -0.0200 22  THR A CB  
149 O OG1 . THR A 22  ? 0.3032 0.3650 0.3258 -0.0122 -0.0184 -0.0165 22  THR A OG1 
150 C CG2 . THR A 22  ? 0.2445 0.3606 0.2964 -0.0141 -0.0097 -0.0309 22  THR A CG2 
151 N N   . LEU A 23  ? 0.2426 0.3065 0.3213 -0.0265 0.0142  -0.0393 23  LEU A N   
152 C CA  . LEU A 23  ? 0.2428 0.2987 0.3140 -0.0340 0.0172  -0.0386 23  LEU A CA  
153 C C   . LEU A 23  ? 0.2264 0.3176 0.3115 -0.0249 0.0063  -0.0431 23  LEU A C   
154 O O   . LEU A 23  ? 0.1868 0.2902 0.2945 -0.0130 0.0035  -0.0551 23  LEU A O   
155 C CB  . LEU A 23  ? 0.2644 0.2934 0.3461 -0.0354 0.0308  -0.0471 23  LEU A CB  
156 C CG  . LEU A 23  ? 0.2967 0.2892 0.3652 -0.0432 0.0490  -0.0469 23  LEU A CG  
157 C CD1 . LEU A 23  ? 0.3429 0.3250 0.4388 -0.0431 0.0683  -0.0594 23  LEU A CD1 
158 C CD2 . LEU A 23  ? 0.3819 0.3390 0.4009 -0.0590 0.0505  -0.0366 23  LEU A CD2 
159 N N   . HIS A 24  ? 0.2020 0.3105 0.2772 -0.0299 -0.0001 -0.0357 24  HIS A N   
160 C CA  . HIS A 24  ? 0.1821 0.3297 0.2755 -0.0176 -0.0071 -0.0424 24  HIS A CA  
161 C C   . HIS A 24  ? 0.2014 0.3375 0.3030 -0.0100 -0.0144 -0.0472 24  HIS A C   
162 O O   . HIS A 24  ? 0.2320 0.3401 0.3166 -0.0194 -0.0185 -0.0389 24  HIS A O   
163 C CB  . HIS A 24  ? 0.2344 0.4183 0.3260 -0.0259 -0.0082 -0.0341 24  HIS A CB  
164 C CG  . HIS A 24  ? 0.2308 0.4241 0.3077 -0.0313 -0.0017 -0.0295 24  HIS A CG  
165 N ND1 . HIS A 24  ? 0.3264 0.4993 0.3793 -0.0497 0.0009  -0.0157 24  HIS A ND1 
166 C CD2 . HIS A 24  ? 0.3101 0.5200 0.3837 -0.0207 0.0006  -0.0363 24  HIS A CD2 
167 C CE1 . HIS A 24  ? 0.3200 0.4948 0.3556 -0.0497 0.0040  -0.0122 24  HIS A CE1 
168 N NE2 . HIS A 24  ? 0.3359 0.5344 0.3814 -0.0327 0.0036  -0.0242 24  HIS A NE2 
169 N N   . CYS A 25  ? 0.2085 0.3588 0.3284 0.0071  -0.0179 -0.0606 25  CYS A N   
170 C CA  . CYS A 25  ? 0.2010 0.3353 0.3269 0.0184  -0.0274 -0.0658 25  CYS A CA  
171 C C   . CYS A 25  ? 0.2028 0.3698 0.3501 0.0401  -0.0313 -0.0819 25  CYS A C   
172 O O   . CYS A 25  ? 0.1955 0.3718 0.3452 0.0451  -0.0264 -0.0933 25  CYS A O   
173 C CB  . CYS A 25  ? 0.2177 0.3018 0.3350 0.0131  -0.0230 -0.0687 25  CYS A CB  
174 S SG  . CYS A 25  ? 0.2781 0.3232 0.3910 0.0252  -0.0360 -0.0733 25  CYS A SG  
175 N N   . THR A 26  ? 0.2089 0.3906 0.3702 0.0545  -0.0417 -0.0843 26  THR A N   
176 C CA  . THR A 26  ? 0.2480 0.4549 0.4301 0.0798  -0.0437 -0.1028 26  THR A CA  
177 C C   . THR A 26  ? 0.2701 0.4400 0.4559 0.0970  -0.0609 -0.1067 26  THR A C   
178 O O   . THR A 26  ? 0.2968 0.4425 0.4735 0.0912  -0.0740 -0.0920 26  THR A O   
179 C CB  . THR A 26  ? 0.3148 0.5883 0.5213 0.0859  -0.0371 -0.1050 26  THR A CB  
180 O OG1 . THR A 26  ? 0.3947 0.6898 0.5863 0.0675  -0.0215 -0.0987 26  THR A OG1 
181 C CG2 . THR A 26  ? 0.3550 0.6550 0.5822 0.1145  -0.0335 -0.1281 26  THR A CG2 
182 N N   . VAL A 27  ? 0.2909 0.4476 0.4819 0.1174  -0.0632 -0.1259 27  VAL A N   
183 C CA  . VAL A 27  ? 0.3336 0.4516 0.5273 0.1388  -0.0814 -0.1310 27  VAL A CA  
184 C C   . VAL A 27  ? 0.3571 0.5291 0.5874 0.1701  -0.0833 -0.1471 27  VAL A C   
185 O O   . VAL A 27  ? 0.3173 0.5390 0.5596 0.1749  -0.0653 -0.1613 27  VAL A O   
186 C CB  . VAL A 27  ? 0.3690 0.4246 0.5437 0.1402  -0.0839 -0.1432 27  VAL A CB  
187 C CG1 . VAL A 27  ? 0.4684 0.4788 0.6180 0.1081  -0.0774 -0.1284 27  VAL A CG1 
188 C CG2 . VAL A 27  ? 0.3052 0.3844 0.4868 0.1511  -0.0740 -0.1685 27  VAL A CG2 
189 N N   . THR A 28  ? 0.4035 0.5663 0.6510 0.1915  -0.1048 -0.1448 28  THR A N   
190 C CA  . THR A 28  ? 0.4240 0.6445 0.7206 0.2259  -0.1069 -0.1624 28  THR A CA  
191 C C   . THR A 28  ? 0.4652 0.6481 0.7626 0.2607  -0.1131 -0.1871 28  THR A C   
192 O O   . THR A 28  ? 0.4918 0.7176 0.8314 0.2955  -0.1125 -0.2071 28  THR A O   
193 C CB  . THR A 28  ? 0.4343 0.6770 0.7628 0.2355  -0.1328 -0.1486 28  THR A CB  
194 O OG1 . THR A 28  ? 0.5044 0.6629 0.8008 0.2431  -0.1634 -0.1370 28  THR A OG1 
195 C CG2 . THR A 28  ? 0.3967 0.6744 0.7231 0.2000  -0.1281 -0.1270 28  THR A CG2 
196 N N   . SER A 29  ? 0.4853 0.5888 0.7393 0.2507  -0.1179 -0.1872 29  SER A N   
197 C CA  . SER A 29  ? 0.5459 0.5969 0.7906 0.2776  -0.1256 -0.2102 29  SER A CA  
198 C C   . SER A 29  ? 0.5808 0.5762 0.7853 0.2531  -0.1176 -0.2161 29  SER A C   
199 O O   . SER A 29  ? 0.5642 0.5311 0.7452 0.2180  -0.1156 -0.1963 29  SER A O   
200 C CB  . SER A 29  ? 0.6345 0.6208 0.8739 0.2994  -0.1580 -0.2013 29  SER A CB  
201 O OG  . SER A 29  ? 0.6562 0.5821 0.8831 0.3257  -0.1662 -0.2240 29  SER A OG  
202 N N   . LEU A 30  ? 0.5986 0.5808 0.7985 0.2721  -0.1133 -0.2459 30  LEU A N   
203 C CA  . LEU A 30  ? 0.6549 0.5892 0.8240 0.2509  -0.1107 -0.2571 30  LEU A CA  
204 C C   . LEU A 30  ? 0.7362 0.5716 0.8810 0.2493  -0.1302 -0.2565 30  LEU A C   
205 O O   . LEU A 30  ? 0.7357 0.5264 0.8605 0.2247  -0.1303 -0.2627 30  LEU A O   
206 C CB  . LEU A 30  ? 0.6889 0.6509 0.8541 0.2687  -0.0983 -0.2908 30  LEU A CB  
207 C CG  . LEU A 30  ? 0.6413 0.6894 0.8158 0.2627  -0.0756 -0.2899 30  LEU A CG  
208 C CD1 . LEU A 30  ? 0.7202 0.7982 0.8898 0.2919  -0.0602 -0.3234 30  LEU A CD1 
209 C CD2 . LEU A 30  ? 0.6204 0.6702 0.7748 0.2244  -0.0722 -0.2781 30  LEU A CD2 
210 N N   . LEU A 31  ? 0.8173 0.6171 0.9646 0.2749  -0.1487 -0.2489 31  LEU A N   
211 C CA  . LEU A 31  ? 0.9008 0.5937 1.0146 0.2722  -0.1691 -0.2423 31  LEU A CA  
212 C C   . LEU A 31  ? 0.8904 0.5564 0.9905 0.2632  -0.1833 -0.2071 31  LEU A C   
213 O O   . LEU A 31  ? 0.8794 0.6029 1.0064 0.2816  -0.1890 -0.1980 31  LEU A O   
214 C CB  . LEU A 31  ? 0.9785 0.6260 1.0921 0.3177  -0.1851 -0.2701 31  LEU A CB  
215 C CG  . LEU A 31  ? 1.0360 0.7034 1.1800 0.3686  -0.2025 -0.2725 31  LEU A CG  
216 C CD1 . LEU A 31  ? 1.0774 0.6632 1.2080 0.4084  -0.2221 -0.2971 31  LEU A CD1 
217 C CD2 . LEU A 31  ? 1.0325 0.8201 1.2291 0.3895  -0.1822 -0.2873 31  LEU A CD2 
218 N N   . PRO A 32  ? 0.9325 0.5093 0.9879 0.2327  -0.1889 -0.1876 32  PRO A N   
219 C CA  . PRO A 32  ? 0.9722 0.4692 0.9984 0.2086  -0.1858 -0.1967 32  PRO A CA  
220 C C   . PRO A 32  ? 0.9000 0.4410 0.9425 0.1718  -0.1609 -0.2069 32  PRO A C   
221 O O   . PRO A 32  ? 0.7810 0.4009 0.8466 0.1602  -0.1450 -0.2000 32  PRO A O   
222 C CB  . PRO A 32  ? 1.0285 0.4336 1.0035 0.1817  -0.1935 -0.1644 32  PRO A CB  
223 C CG  . PRO A 32  ? 0.9753 0.4325 0.9529 0.1731  -0.1887 -0.1393 32  PRO A CG  
224 C CD  . PRO A 32  ? 0.9449 0.4940 0.9717 0.2150  -0.1971 -0.1525 32  PRO A CD  
225 N N   . VAL A 33  ? 0.9280 0.4152 0.9595 0.1544  -0.1610 -0.2240 33  VAL A N   
226 C CA  . VAL A 33  ? 0.8844 0.4085 0.9365 0.1194  -0.1446 -0.2351 33  VAL A CA  
227 C C   . VAL A 33  ? 0.8512 0.3667 0.9005 0.0731  -0.1268 -0.2084 33  VAL A C   
228 O O   . VAL A 33  ? 0.8818 0.3184 0.8973 0.0541  -0.1268 -0.1896 33  VAL A O   
229 C CB  . VAL A 33  ? 0.9584 0.4254 1.0031 0.1106  -0.1540 -0.2633 33  VAL A CB  
230 C CG1 . VAL A 33  ? 0.9641 0.4444 1.0304 0.0607  -0.1414 -0.2643 33  VAL A CG1 
231 C CG2 . VAL A 33  ? 0.9402 0.4425 0.9924 0.1484  -0.1623 -0.2979 33  VAL A CG2 
232 N N   . GLY A 34  ? 0.7594 0.3517 0.8407 0.0556  -0.1103 -0.2077 34  GLY A N   
233 C CA  . GLY A 34  ? 0.7346 0.3275 0.8223 0.0139  -0.0888 -0.1886 34  GLY A CA  
234 C C   . GLY A 34  ? 0.6383 0.3214 0.7604 0.0090  -0.0749 -0.1863 34  GLY A C   
235 O O   . GLY A 34  ? 0.5887 0.3288 0.7183 0.0367  -0.0809 -0.1905 34  GLY A O   
236 N N   . PRO A 35  ? 0.5932 0.2883 0.7380 -0.0267 -0.0548 -0.1801 35  PRO A N   
237 C CA  . PRO A 35  ? 0.5136 0.2868 0.6919 -0.0288 -0.0442 -0.1790 35  PRO A CA  
238 C C   . PRO A 35  ? 0.4801 0.2674 0.6356 -0.0236 -0.0326 -0.1543 35  PRO A C   
239 O O   . PRO A 35  ? 0.5271 0.2600 0.6424 -0.0281 -0.0294 -0.1362 35  PRO A O   
240 C CB  . PRO A 35  ? 0.5250 0.3017 0.7426 -0.0664 -0.0270 -0.1837 35  PRO A CB  
241 C CG  . PRO A 35  ? 0.6196 0.3159 0.8058 -0.0916 -0.0139 -0.1713 35  PRO A CG  
242 C CD  . PRO A 35  ? 0.6202 0.2584 0.7629 -0.0665 -0.0385 -0.1743 35  PRO A CD  
243 N N   . VAL A 36  ? 0.4092 0.2620 0.5843 -0.0150 -0.0297 -0.1536 36  VAL A N   
244 C CA  . VAL A 36  ? 0.3657 0.2344 0.5233 -0.0150 -0.0187 -0.1329 36  VAL A CA  
245 C C   . VAL A 36  ? 0.3611 0.2526 0.5466 -0.0384 0.0032  -0.1313 36  VAL A C   
246 O O   . VAL A 36  ? 0.3684 0.3020 0.5956 -0.0386 0.0002  -0.1460 36  VAL A O   
247 C CB  . VAL A 36  ? 0.3566 0.2777 0.5137 0.0114  -0.0306 -0.1329 36  VAL A CB  
248 C CG1 . VAL A 36  ? 0.3379 0.2788 0.4831 0.0049  -0.0197 -0.1140 36  VAL A CG1 
249 C CG2 . VAL A 36  ? 0.3748 0.2792 0.5130 0.0374  -0.0487 -0.1353 36  VAL A CG2 
250 N N   . LEU A 37  ? 0.3673 0.2263 0.5287 -0.0574 0.0245  -0.1152 37  LEU A N   
251 C CA  . LEU A 37  ? 0.3558 0.2336 0.5431 -0.0774 0.0515  -0.1146 37  LEU A CA  
252 C C   . LEU A 37  ? 0.3234 0.2101 0.4810 -0.0719 0.0584  -0.0994 37  LEU A C   
253 O O   . LEU A 37  ? 0.3550 0.2185 0.4659 -0.0626 0.0461  -0.0859 37  LEU A O   
254 C CB  . LEU A 37  ? 0.3916 0.2180 0.5702 -0.1094 0.0796  -0.1111 37  LEU A CB  
255 C CG  . LEU A 37  ? 0.4521 0.2699 0.6709 -0.1268 0.0805  -0.1272 37  LEU A CG  
256 C CD1 . LEU A 37  ? 0.4277 0.2240 0.6301 -0.1085 0.0480  -0.1337 37  LEU A CD1 
257 C CD2 . LEU A 37  ? 0.5100 0.2694 0.7088 -0.1640 0.1148  -0.1193 37  LEU A CD2 
258 N N   . TRP A 38  ? 0.2849 0.2049 0.4726 -0.0768 0.0752  -0.1030 38  TRP A N   
259 C CA  . TRP A 38  ? 0.2926 0.2085 0.4497 -0.0775 0.0873  -0.0907 38  TRP A CA  
260 C C   . TRP A 38  ? 0.3293 0.2144 0.4786 -0.1010 0.1251  -0.0896 38  TRP A C   
261 O O   . TRP A 38  ? 0.3431 0.2473 0.5451 -0.1120 0.1444  -0.1030 38  TRP A O   
262 C CB  . TRP A 38  ? 0.2491 0.2172 0.4375 -0.0618 0.0787  -0.0955 38  TRP A CB  
263 C CG  . TRP A 38  ? 0.2465 0.2400 0.4220 -0.0423 0.0504  -0.0916 38  TRP A CG  
264 C CD1 . TRP A 38  ? 0.2297 0.2544 0.4281 -0.0275 0.0290  -0.1021 38  TRP A CD1 
265 C CD2 . TRP A 38  ? 0.2379 0.2281 0.3739 -0.0380 0.0430  -0.0775 38  TRP A CD2 
266 N NE1 . TRP A 38  ? 0.2410 0.2847 0.4162 -0.0141 0.0143  -0.0948 38  TRP A NE1 
267 C CE2 . TRP A 38  ? 0.2229 0.2486 0.3654 -0.0214 0.0215  -0.0796 38  TRP A CE2 
268 C CE3 . TRP A 38  ? 0.2564 0.2152 0.3498 -0.0487 0.0525  -0.0645 38  TRP A CE3 
269 C CZ2 . TRP A 38  ? 0.2246 0.2643 0.3439 -0.0173 0.0122  -0.0687 38  TRP A CZ2 
270 C CZ3 . TRP A 38  ? 0.3040 0.2729 0.3727 -0.0443 0.0372  -0.0539 38  TRP A CZ3 
271 C CH2 . TRP A 38  ? 0.2360 0.2486 0.3227 -0.0297 0.0183  -0.0558 38  TRP A CH2 
272 N N   . PHE A 39  ? 0.3914 0.2302 0.4754 -0.1093 0.1357  -0.0750 39  PHE A N   
273 C CA  . PHE A 39  ? 0.4180 0.2188 0.4762 -0.1321 0.1767  -0.0739 39  PHE A CA  
274 C C   . PHE A 39  ? 0.4654 0.2563 0.4830 -0.1279 0.1818  -0.0676 39  PHE A C   
275 O O   . PHE A 39  ? 0.4360 0.2286 0.4240 -0.1152 0.1520  -0.0577 39  PHE A O   
276 C CB  . PHE A 39  ? 0.5341 0.2588 0.5226 -0.1530 0.1860  -0.0609 39  PHE A CB  
277 C CG  . PHE A 39  ? 0.5195 0.2339 0.5347 -0.1629 0.1843  -0.0656 39  PHE A CG  
278 C CD1 . PHE A 39  ? 0.5260 0.2472 0.5866 -0.1866 0.2206  -0.0777 39  PHE A CD1 
279 C CD2 . PHE A 39  ? 0.5083 0.2034 0.5042 -0.1497 0.1471  -0.0591 39  PHE A CD2 
280 C CE1 . PHE A 39  ? 0.5777 0.2833 0.6609 -0.2009 0.2180  -0.0823 39  PHE A CE1 
281 C CE2 . PHE A 39  ? 0.4966 0.1716 0.5110 -0.1591 0.1443  -0.0646 39  PHE A CE2 
282 C CZ  . PHE A 39  ? 0.5734 0.2513 0.6289 -0.1867 0.1786  -0.0756 39  PHE A CZ  
283 N N   . ARG A 40  ? 0.4691 0.2477 0.4856 -0.1400 0.2216  -0.0748 40  ARG A N   
284 C CA  . ARG A 40  ? 0.5291 0.2739 0.4859 -0.1416 0.2323  -0.0698 40  ARG A CA  
285 C C   . ARG A 40  ? 0.6030 0.2703 0.4762 -0.1675 0.2610  -0.0619 40  ARG A C   
286 O O   . ARG A 40  ? 0.6459 0.3002 0.5317 -0.1862 0.3019  -0.0695 40  ARG A O   
287 C CB  . ARG A 40  ? 0.5487 0.3265 0.5555 -0.1330 0.2582  -0.0863 40  ARG A CB  
288 C CG  . ARG A 40  ? 0.6654 0.3941 0.6022 -0.1374 0.2759  -0.0847 40  ARG A CG  
289 C CD  . ARG A 40  ? 0.6724 0.4342 0.6573 -0.1181 0.2830  -0.0985 40  ARG A CD  
290 N NE  . ARG A 40  ? 0.7059 0.4762 0.7341 -0.1208 0.3329  -0.1183 40  ARG A NE  
291 C CZ  . ARG A 40  ? 0.7209 0.5548 0.8527 -0.1081 0.3418  -0.1346 40  ARG A CZ  
292 N NH1 . ARG A 40  ? 0.7240 0.6130 0.9193 -0.0920 0.3023  -0.1333 40  ARG A NH1 
293 N NH2 . ARG A 40  ? 0.7233 0.5663 0.8959 -0.1117 0.3916  -0.1542 40  ARG A NH2 
294 N N   . GLY A 41  ? 0.6576 0.2729 0.4448 -0.1705 0.2376  -0.0457 41  GLY A N   
295 C CA  . GLY A 41  ? 0.7942 0.3235 0.4828 -0.1941 0.2539  -0.0340 41  GLY A CA  
296 C C   . GLY A 41  ? 0.8266 0.3228 0.4910 -0.1998 0.2318  -0.0199 41  GLY A C   
297 O O   . GLY A 41  ? 0.7586 0.3010 0.4882 -0.1855 0.2076  -0.0223 41  GLY A O   
298 N N   . VAL A 42  ? 0.9473 0.3547 0.5082 -0.2199 0.2389  -0.0054 42  VAL A N   
299 C CA  . VAL A 42  ? 1.0288 0.3815 0.5464 -0.2266 0.2182  0.0109  42  VAL A CA  
300 C C   . VAL A 42  ? 1.1622 0.4410 0.6187 -0.2618 0.2701  0.0145  42  VAL A C   
301 O O   . VAL A 42  ? 1.1880 0.4579 0.6283 -0.2793 0.3212  0.0041  42  VAL A O   
302 C CB  . VAL A 42  ? 1.0989 0.3997 0.5333 -0.2168 0.1650  0.0307  42  VAL A CB  
303 C CG1 . VAL A 42  ? 1.2660 0.4888 0.5863 -0.2367 0.1803  0.0382  42  VAL A CG1 
304 C CG2 . VAL A 42  ? 1.0144 0.3928 0.5132 -0.1868 0.1197  0.0266  42  VAL A CG2 
305 N N   . GLY A 43  ? 1.2253 0.4487 0.6474 -0.2722 0.2589  0.0286  43  GLY A N   
306 C CA  . GLY A 43  ? 1.3319 0.4746 0.6864 -0.3105 0.3071  0.0361  43  GLY A CA  
307 C C   . GLY A 43  ? 1.3010 0.4994 0.7534 -0.3291 0.3596  0.0164  43  GLY A C   
308 O O   . GLY A 43  ? 1.1800 0.4776 0.7494 -0.3096 0.3549  -0.0032 43  GLY A O   
309 N N   . PRO A 44  ? 1.4226 0.5559 0.8263 -0.3692 0.4101  0.0218  44  PRO A N   
310 C CA  . PRO A 44  ? 1.4103 0.5944 0.9116 -0.3936 0.4598  0.0038  44  PRO A CA  
311 C C   . PRO A 44  ? 1.3217 0.6112 0.9343 -0.3855 0.4978  -0.0257 44  PRO A C   
312 O O   . PRO A 44  ? 1.2864 0.6550 1.0206 -0.3874 0.5095  -0.0446 44  PRO A O   
313 C CB  . PRO A 44  ? 1.5567 0.6366 0.9546 -0.4424 0.5143  0.0180  44  PRO A CB  
314 C CG  . PRO A 44  ? 1.6622 0.6274 0.9127 -0.4381 0.4701  0.0486  44  PRO A CG  
315 C CD  . PRO A 44  ? 1.5915 0.5949 0.8396 -0.3967 0.4220  0.0464  44  PRO A CD  
316 N N   . GLY A 45  ? 1.3141 0.6003 0.8843 -0.3756 0.5134  -0.0302 45  GLY A N   
317 C CA  . GLY A 45  ? 1.2342 0.6096 0.9013 -0.3617 0.5454  -0.0576 45  GLY A CA  
318 C C   . GLY A 45  ? 1.1007 0.5662 0.8613 -0.3186 0.4931  -0.0679 45  GLY A C   
319 O O   . GLY A 45  ? 1.0912 0.6238 0.9268 -0.3022 0.5110  -0.0886 45  GLY A O   
320 N N   . ARG A 46  ? 1.0287 0.4940 0.7837 -0.2991 0.4301  -0.0540 46  ARG A N   
321 C CA  . ARG A 46  ? 0.8800 0.4211 0.7048 -0.2608 0.3822  -0.0612 46  ARG A CA  
322 C C   . ARG A 46  ? 0.7712 0.4070 0.7320 -0.2519 0.3881  -0.0833 46  ARG A C   
323 O O   . ARG A 46  ? 0.7727 0.4173 0.7798 -0.2735 0.4087  -0.0898 46  ARG A O   
324 C CB  . ARG A 46  ? 0.8645 0.3859 0.6541 -0.2431 0.3198  -0.0435 46  ARG A CB  
325 C CG  . ARG A 46  ? 0.8345 0.3592 0.6632 -0.2480 0.3030  -0.0426 46  ARG A CG  
326 C CD  . ARG A 46  ? 0.8633 0.3603 0.6495 -0.2274 0.2462  -0.0268 46  ARG A CD  
327 N NE  . ARG A 46  ? 0.8306 0.3165 0.6432 -0.2307 0.2304  -0.0272 46  ARG A NE  
328 C CZ  . ARG A 46  ? 0.8663 0.3291 0.6558 -0.2105 0.1835  -0.0177 46  ARG A CZ  
329 N NH1 . ARG A 46  ? 0.8618 0.3221 0.6127 -0.1861 0.1468  -0.0071 46  ARG A NH1 
330 N NH2 . ARG A 46  ? 0.8501 0.2945 0.6605 -0.2144 0.1728  -0.0208 46  ARG A NH2 
331 N N   . GLU A 47  ? 0.6861 0.3876 0.7068 -0.2220 0.3671  -0.0942 47  GLU A N   
332 C CA  . GLU A 47  ? 0.6308 0.4203 0.7753 -0.2090 0.3657  -0.1152 47  GLU A CA  
333 C C   . GLU A 47  ? 0.5404 0.3696 0.7240 -0.1870 0.3089  -0.1133 47  GLU A C   
334 O O   . GLU A 47  ? 0.4889 0.3168 0.6375 -0.1652 0.2718  -0.1034 47  GLU A O   
335 C CB  . GLU A 47  ? 0.6036 0.4338 0.7864 -0.1874 0.3778  -0.1288 47  GLU A CB  
336 C CG  . GLU A 47  ? 0.5911 0.5113 0.9020 -0.1690 0.3679  -0.1497 47  GLU A CG  
337 C CD  . GLU A 47  ? 0.6280 0.5800 0.9722 -0.1411 0.3699  -0.1608 47  GLU A CD  
338 O OE1 . GLU A 47  ? 0.7465 0.6512 1.0136 -0.1364 0.3771  -0.1529 47  GLU A OE1 
339 O OE2 . GLU A 47  ? 0.6941 0.7142 1.1402 -0.1234 0.3608  -0.1778 47  GLU A OE2 
340 N N   . LEU A 48  ? 0.4868 0.3527 0.7441 -0.1946 0.3042  -0.1251 48  LEU A N   
341 C CA  . LEU A 48  ? 0.4409 0.3487 0.7409 -0.1732 0.2543  -0.1293 48  LEU A CA  
342 C C   . LEU A 48  ? 0.3556 0.3267 0.7095 -0.1432 0.2340  -0.1391 48  LEU A C   
343 O O   . LEU A 48  ? 0.4037 0.4210 0.8321 -0.1416 0.2530  -0.1553 48  LEU A O   
344 C CB  . LEU A 48  ? 0.4256 0.3551 0.7930 -0.1913 0.2547  -0.1432 48  LEU A CB  
345 C CG  . LEU A 48  ? 0.3826 0.3487 0.7904 -0.1730 0.2052  -0.1521 48  LEU A CG  
346 C CD1 . LEU A 48  ? 0.3501 0.2675 0.6799 -0.1609 0.1729  -0.1368 48  LEU A CD1 
347 C CD2 . LEU A 48  ? 0.3982 0.3872 0.8808 -0.1964 0.2093  -0.1699 48  LEU A CD2 
348 N N   . ILE A 49  ? 0.3208 0.2939 0.6398 -0.1199 0.1947  -0.1293 49  ILE A N   
349 C CA  . ILE A 49  ? 0.2887 0.3058 0.6355 -0.0927 0.1711  -0.1328 49  ILE A CA  
350 C C   . ILE A 49  ? 0.2511 0.3114 0.6439 -0.0780 0.1313  -0.1421 49  ILE A C   
351 O O   . ILE A 49  ? 0.2221 0.3264 0.6654 -0.0609 0.1149  -0.1516 49  ILE A O   
352 C CB  . ILE A 49  ? 0.2760 0.2629 0.5468 -0.0822 0.1595  -0.1152 49  ILE A CB  
353 C CG1 . ILE A 49  ? 0.3558 0.2982 0.5795 -0.0959 0.1964  -0.1099 49  ILE A CG1 
354 C CG2 . ILE A 49  ? 0.2783 0.3009 0.5650 -0.0576 0.1312  -0.1149 49  ILE A CG2 
355 C CD1 . ILE A 49  ? 0.3649 0.3302 0.6387 -0.0908 0.2254  -0.1247 49  ILE A CD1 
356 N N   . TYR A 50  ? 0.2431 0.2849 0.6115 -0.0825 0.1137  -0.1397 50  TYR A N   
357 C CA  . TYR A 50  ? 0.2355 0.3080 0.6357 -0.0708 0.0785  -0.1515 50  TYR A CA  
358 C C   . TYR A 50  ? 0.2800 0.3194 0.6635 -0.0840 0.0731  -0.1543 50  TYR A C   
359 O O   . TYR A 50  ? 0.3049 0.2959 0.6310 -0.0904 0.0813  -0.1408 50  TYR A O   
360 C CB  . TYR A 50  ? 0.2393 0.3256 0.6043 -0.0455 0.0483  -0.1440 50  TYR A CB  
361 C CG  . TYR A 50  ? 0.1993 0.3155 0.5886 -0.0323 0.0144  -0.1579 50  TYR A CG  
362 C CD1 . TYR A 50  ? 0.2211 0.3764 0.6635 -0.0240 -0.0013 -0.1697 50  TYR A CD1 
363 C CD2 . TYR A 50  ? 0.3030 0.4047 0.6597 -0.0266 -0.0039 -0.1608 50  TYR A CD2 
364 C CE1 . TYR A 50  ? 0.2888 0.4641 0.7424 -0.0131 -0.0366 -0.1829 50  TYR A CE1 
365 C CE2 . TYR A 50  ? 0.3230 0.4446 0.6909 -0.0155 -0.0333 -0.1760 50  TYR A CE2 
366 C CZ  . TYR A 50  ? 0.3278 0.4840 0.7393 -0.0102 -0.0507 -0.1863 50  TYR A CZ  
367 O OH  . TYR A 50  ? 0.3915 0.5607 0.8036 -0.0003 -0.0842 -0.2018 50  TYR A OH  
368 N N   . ASN A 51  ? 0.3049 0.3673 0.7377 -0.0869 0.0552  -0.1723 51  ASN A N   
369 C CA  . ASN A 51  ? 0.3260 0.3551 0.7475 -0.0977 0.0439  -0.1795 51  ASN A CA  
370 C C   . ASN A 51  ? 0.3602 0.4234 0.8096 -0.0823 0.0058  -0.1981 51  ASN A C   
371 O O   . ASN A 51  ? 0.3797 0.4873 0.8922 -0.0844 -0.0040 -0.2124 51  ASN A O   
372 C CB  . ASN A 51  ? 0.3710 0.3797 0.8268 -0.1332 0.0734  -0.1847 51  ASN A CB  
373 C CG  . ASN A 51  ? 0.4371 0.3927 0.8694 -0.1483 0.0641  -0.1889 51  ASN A CG  
374 O OD1 . ASN A 51  ? 0.4775 0.4146 0.8732 -0.1283 0.0346  -0.1913 51  ASN A OD1 
375 N ND2 . ASN A 51  ? 0.4023 0.3297 0.8537 -0.1841 0.0922  -0.1903 51  ASN A ND2 
376 N N   . GLN A 52  ? 0.5030 0.5471 0.9031 -0.0638 -0.0164 -0.1982 52  GLN A N   
377 C CA  . GLN A 52  ? 0.5366 0.6006 0.9419 -0.0488 -0.0509 -0.2168 52  GLN A CA  
378 C C   . GLN A 52  ? 0.6072 0.6600 1.0545 -0.0708 -0.0600 -0.2371 52  GLN A C   
379 O O   . GLN A 52  ? 0.5151 0.6055 1.0156 -0.0751 -0.0797 -0.2539 52  GLN A O   
380 C CB  . GLN A 52  ? 0.5911 0.6324 0.9334 -0.0256 -0.0638 -0.2152 52  GLN A CB  
381 C CG  . GLN A 52  ? 0.6048 0.5986 0.9038 -0.0253 -0.0471 -0.1998 52  GLN A CG  
382 C CD  . GLN A 52  ? 0.6025 0.5756 0.8606 -0.0016 -0.0630 -0.2076 52  GLN A CD  
383 O OE1 . GLN A 52  ? 0.4953 0.4360 0.7225 0.0062  -0.0576 -0.1965 52  GLN A OE1 
384 N NE2 . GLN A 52  ? 0.7459 0.7364 1.0027 0.0116  -0.0837 -0.2281 52  GLN A NE2 
385 N N   . LYS A 53  ? 0.6450 0.6429 1.0691 -0.0863 -0.0471 -0.2346 53  LYS A N   
386 C CA  . LYS A 53  ? 0.6909 0.6633 1.1472 -0.1139 -0.0516 -0.2517 53  LYS A CA  
387 C C   . LYS A 53  ? 0.6556 0.6851 1.1988 -0.1329 -0.0540 -0.2659 53  LYS A C   
388 O O   . LYS A 53  ? 0.6964 0.7470 1.2700 -0.1325 -0.0870 -0.2881 53  LYS A O   
389 C CB  . LYS A 53  ? 0.7343 0.6408 1.1628 -0.1382 -0.0228 -0.2374 53  LYS A CB  
390 C CG  . LYS A 53  ? 0.8075 0.6534 1.2250 -0.1560 -0.0359 -0.2519 53  LYS A CG  
391 C CD  . LYS A 53  ? 0.8557 0.6165 1.2078 -0.1623 -0.0195 -0.2325 53  LYS A CD  
392 C CE  . LYS A 53  ? 0.9198 0.6156 1.2304 -0.1506 -0.0465 -0.2457 53  LYS A CE  
393 N NZ  . LYS A 53  ? 0.9003 0.5291 1.1386 -0.1313 -0.0444 -0.2255 53  LYS A NZ  
394 N N   . GLU A 54  ? 0.6114 0.6680 1.1945 -0.1467 -0.0213 -0.2549 54  GLU A N   
395 C CA  . GLU A 54  ? 0.5637 0.6824 1.2442 -0.1624 -0.0201 -0.2700 54  GLU A CA  
396 C C   . GLU A 54  ? 0.5122 0.6662 1.2266 -0.1626 0.0165  -0.2581 54  GLU A C   
397 O O   . GLU A 54  ? 0.4756 0.5948 1.1336 -0.1608 0.0472  -0.2375 54  GLU A O   
398 C CB  . GLU A 54  ? 0.6294 0.7337 1.3612 -0.2042 -0.0115 -0.2852 54  GLU A CB  
399 C CG  . GLU A 54  ? 0.7000 0.7761 1.4381 -0.2396 0.0441  -0.2719 54  GLU A CG  
400 C CD  . GLU A 54  ? 0.7571 0.7393 1.4078 -0.2531 0.0560  -0.2574 54  GLU A CD  
401 O OE1 . GLU A 54  ? 0.8028 0.7484 1.4696 -0.2899 0.0637  -0.2650 54  GLU A OE1 
402 O OE2 . GLU A 54  ? 0.7882 0.7319 1.3569 -0.2275 0.0556  -0.2383 54  GLU A OE2 
403 N N   . GLY A 55  ? 0.4502 0.6712 1.2590 -0.1647 0.0114  -0.2735 55  GLY A N   
404 C CA  . GLY A 55  ? 0.4298 0.6910 1.2863 -0.1611 0.0453  -0.2689 55  GLY A CA  
405 C C   . GLY A 55  ? 0.3456 0.6500 1.2146 -0.1219 0.0132  -0.2691 55  GLY A C   
406 O O   . GLY A 55  ? 0.3746 0.6680 1.1931 -0.0991 -0.0281 -0.2670 55  GLY A O   
407 N N   . HIS A 56  ? 0.2588 0.6071 1.1903 -0.1137 0.0337  -0.2718 56  HIS A N   
408 C CA  . HIS A 56  ? 0.2321 0.6135 1.1766 -0.0756 0.0027  -0.2709 56  HIS A CA  
409 C C   . HIS A 56  ? 0.2135 0.5695 1.1040 -0.0593 0.0341  -0.2518 56  HIS A C   
410 O O   . HIS A 56  ? 0.2278 0.5883 1.1476 -0.0711 0.0820  -0.2530 56  HIS A O   
411 C CB  . HIS A 56  ? 0.2344 0.6916 1.3082 -0.0711 -0.0122 -0.2939 56  HIS A CB  
412 C CG  . HIS A 56  ? 0.1744 0.6578 1.2605 -0.0297 -0.0528 -0.2928 56  HIS A CG  
413 N ND1 . HIS A 56  ? 0.2396 0.7686 1.4082 -0.0111 -0.0378 -0.3005 56  HIS A ND1 
414 C CD2 . HIS A 56  ? 0.2071 0.6718 1.2292 -0.0032 -0.1072 -0.2849 56  HIS A CD2 
415 C CE1 . HIS A 56  ? 0.1822 0.7146 1.3356 0.0262  -0.0857 -0.2955 56  HIS A CE1 
416 N NE2 . HIS A 56  ? 0.2489 0.7413 1.3095 0.0294  -0.1270 -0.2848 56  HIS A NE2 
417 N N   . PHE A 57  ? 0.2112 0.5392 1.0209 -0.0344 0.0082  -0.2355 57  PHE A N   
418 C CA  . PHE A 57  ? 0.1950 0.4906 0.9408 -0.0216 0.0308  -0.2164 57  PHE A CA  
419 C C   . PHE A 57  ? 0.1890 0.4974 0.9290 0.0123  -0.0057 -0.2117 57  PHE A C   
420 O O   . PHE A 57  ? 0.1773 0.4585 0.8411 0.0240  -0.0290 -0.1969 57  PHE A O   
421 C CB  . PHE A 57  ? 0.2160 0.4561 0.8606 -0.0315 0.0389  -0.1981 57  PHE A CB  
422 C CG  . PHE A 57  ? 0.2309 0.4475 0.8730 -0.0623 0.0646  -0.2011 57  PHE A CG  
423 C CD1 . PHE A 57  ? 0.2440 0.4376 0.8816 -0.0832 0.1134  -0.1970 57  PHE A CD1 
424 C CD2 . PHE A 57  ? 0.2791 0.4896 0.9187 -0.0712 0.0402  -0.2091 57  PHE A CD2 
425 C CE1 . PHE A 57  ? 0.3091 0.4706 0.9353 -0.1141 0.1369  -0.1971 57  PHE A CE1 
426 C CE2 . PHE A 57  ? 0.2557 0.4346 0.8903 -0.1006 0.0622  -0.2110 57  PHE A CE2 
427 C CZ  . PHE A 57  ? 0.2554 0.4087 0.8821 -0.1227 0.1102  -0.2034 57  PHE A CZ  
428 N N   . PRO A 58  ? 0.2437 0.5940 1.0681 0.0282  -0.0109 -0.2249 58  PRO A N   
429 C CA  . PRO A 58  ? 0.2487 0.6061 1.0711 0.0619  -0.0543 -0.2210 58  PRO A CA  
430 C C   . PRO A 58  ? 0.2444 0.5507 0.9721 0.0761  -0.0511 -0.1973 58  PRO A C   
431 O O   . PRO A 58  ? 0.2958 0.5892 0.9838 0.0961  -0.0911 -0.1875 58  PRO A O   
432 C CB  . PRO A 58  ? 0.2406 0.6501 1.1795 0.0766  -0.0495 -0.2404 58  PRO A CB  
433 C CG  . PRO A 58  ? 0.2632 0.6825 1.2428 0.0499  0.0123  -0.2499 58  PRO A CG  
434 C CD  . PRO A 58  ? 0.2300 0.6234 1.1579 0.0164  0.0230  -0.2446 58  PRO A CD  
435 N N   . ARG A 59  ? 0.2463 0.5198 0.9322 0.0629  -0.0057 -0.1879 59  ARG A N   
436 C CA  . ARG A 59  ? 0.2751 0.5000 0.8750 0.0712  -0.0026 -0.1669 59  ARG A CA  
437 C C   . ARG A 59  ? 0.2495 0.4445 0.7596 0.0587  -0.0122 -0.1494 59  ARG A C   
438 O O   . ARG A 59  ? 0.2262 0.3866 0.6679 0.0613  -0.0130 -0.1319 59  ARG A O   
439 C CB  . ARG A 59  ? 0.3142 0.5130 0.9036 0.0626  0.0469  -0.1663 59  ARG A CB  
440 C CG  . ARG A 59  ? 0.3376 0.5633 1.0120 0.0788  0.0651  -0.1849 59  ARG A CG  
441 C CD  . ARG A 59  ? 0.3511 0.5440 1.0003 0.0661  0.1201  -0.1868 59  ARG A CD  
442 N NE  . ARG A 59  ? 0.3408 0.4749 0.9004 0.0723  0.1183  -0.1690 59  ARG A NE  
443 C CZ  . ARG A 59  ? 0.4609 0.5465 0.9534 0.0550  0.1536  -0.1627 59  ARG A CZ  
444 N NH1 . ARG A 59  ? 0.4352 0.5173 0.9300 0.0312  0.1965  -0.1707 59  ARG A NH1 
445 N NH2 . ARG A 59  ? 0.4465 0.4814 0.8639 0.0595  0.1450  -0.1480 59  ARG A NH2 
446 N N   . VAL A 60  ? 0.1986 0.4076 0.7137 0.0447  -0.0187 -0.1559 60  VAL A N   
447 C CA  . VAL A 60  ? 0.2010 0.3869 0.6439 0.0344  -0.0216 -0.1439 60  VAL A CA  
448 C C   . VAL A 60  ? 0.2224 0.4213 0.6505 0.0430  -0.0601 -0.1480 60  VAL A C   
449 O O   . VAL A 60  ? 0.2087 0.4330 0.6869 0.0433  -0.0787 -0.1651 60  VAL A O   
450 C CB  . VAL A 60  ? 0.1691 0.3440 0.6124 0.0112  0.0066  -0.1478 60  VAL A CB  
451 C CG1 . VAL A 60  ? 0.2136 0.3657 0.5883 0.0063  0.0015  -0.1362 60  VAL A CG1 
452 C CG2 . VAL A 60  ? 0.2542 0.4106 0.7040 -0.0006 0.0479  -0.1458 60  VAL A CG2 
453 N N   . THR A 61  ? 0.2261 0.4066 0.5832 0.0472  -0.0698 -0.1333 61  THR A N   
454 C CA  . THR A 61  ? 0.2433 0.4285 0.5675 0.0521  -0.0960 -0.1375 61  THR A CA  
455 C C   . THR A 61  ? 0.2116 0.3828 0.4812 0.0436  -0.0793 -0.1285 61  THR A C   
456 O O   . THR A 61  ? 0.2417 0.3988 0.4887 0.0364  -0.0572 -0.1143 61  THR A O   
457 C CB  . THR A 61  ? 0.3238 0.5044 0.6152 0.0688  -0.1282 -0.1306 61  THR A CB  
458 O OG1 . THR A 61  ? 0.3395 0.4962 0.5809 0.0691  -0.1168 -0.1090 61  THR A OG1 
459 C CG2 . THR A 61  ? 0.2866 0.4844 0.6415 0.0822  -0.1527 -0.1411 61  THR A CG2 
460 N N   . THR A 62  ? 0.2155 0.3912 0.4673 0.0456  -0.0917 -0.1393 62  THR A N   
461 C CA  . THR A 62  ? 0.1966 0.3661 0.4062 0.0431  -0.0783 -0.1348 62  THR A CA  
462 C C   . THR A 62  ? 0.2323 0.4046 0.3853 0.0505  -0.0856 -0.1262 62  THR A C   
463 O O   . THR A 62  ? 0.2810 0.4530 0.4147 0.0589  -0.1084 -0.1311 62  THR A O   
464 C CB  . THR A 62  ? 0.2094 0.3759 0.4314 0.0422  -0.0814 -0.1536 62  THR A CB  
465 O OG1 . THR A 62  ? 0.2693 0.4407 0.4811 0.0510  -0.1077 -0.1703 62  THR A OG1 
466 C CG2 . THR A 62  ? 0.2069 0.3651 0.4797 0.0291  -0.0713 -0.1601 62  THR A CG2 
467 N N   . VAL A 63  ? 0.2463 0.4203 0.3708 0.0456  -0.0667 -0.1131 63  VAL A N   
468 C CA  . VAL A 63  ? 0.2552 0.4351 0.3283 0.0469  -0.0652 -0.1043 63  VAL A CA  
469 C C   . VAL A 63  ? 0.2781 0.4660 0.3282 0.0571  -0.0724 -0.1229 63  VAL A C   
470 O O   . VAL A 63  ? 0.3596 0.5422 0.3654 0.0613  -0.0833 -0.1233 63  VAL A O   
471 C CB  . VAL A 63  ? 0.2617 0.4506 0.3236 0.0362  -0.0429 -0.0890 63  VAL A CB  
472 C CG1 . VAL A 63  ? 0.3202 0.5217 0.3342 0.0331  -0.0351 -0.0816 63  VAL A CG1 
473 C CG2 . VAL A 63  ? 0.2317 0.4027 0.3042 0.0255  -0.0377 -0.0729 63  VAL A CG2 
474 N N   . SER A 64  ? 0.2527 0.4451 0.3258 0.0617  -0.0675 -0.1388 64  SER A N   
475 C CA  . SER A 64  ? 0.3146 0.5082 0.3652 0.0735  -0.0729 -0.1607 64  SER A CA  
476 C C   . SER A 64  ? 0.2890 0.4656 0.3652 0.0765  -0.0946 -0.1813 64  SER A C   
477 O O   . SER A 64  ? 0.2972 0.4679 0.4178 0.0681  -0.1007 -0.1789 64  SER A O   
478 C CB  . SER A 64  ? 0.3092 0.5169 0.3655 0.0802  -0.0528 -0.1662 64  SER A CB  
479 O OG  . SER A 64  ? 0.3464 0.5785 0.3886 0.0746  -0.0330 -0.1492 64  SER A OG  
480 N N   . ASP A 65  ? 0.3336 0.5022 0.3807 0.0866  -0.1045 -0.2035 65  ASP A N   
481 C CA  . ASP A 65  ? 0.3297 0.4790 0.3954 0.0868  -0.1286 -0.2268 65  ASP A CA  
482 C C   . ASP A 65  ? 0.3436 0.4789 0.4409 0.0871  -0.1176 -0.2368 65  ASP A C   
483 O O   . ASP A 65  ? 0.3534 0.4817 0.4283 0.1003  -0.1079 -0.2499 65  ASP A O   
484 C CB  . ASP A 65  ? 0.4092 0.5457 0.4172 0.0968  -0.1464 -0.2475 65  ASP A CB  
485 C CG  . ASP A 65  ? 0.3725 0.4857 0.3971 0.0948  -0.1753 -0.2749 65  ASP A CG  
486 O OD1 . ASP A 65  ? 0.4513 0.5605 0.5363 0.0839  -0.1773 -0.2769 65  ASP A OD1 
487 O OD2 . ASP A 65  ? 0.4880 0.5839 0.4619 0.1014  -0.1956 -0.2945 65  ASP A OD2 
488 N N   . LEU A 66  ? 0.3329 0.4610 0.4805 0.0731  -0.1176 -0.2306 66  LEU A N   
489 C CA  . LEU A 66  ? 0.3552 0.4586 0.5231 0.0702  -0.1069 -0.2342 66  LEU A CA  
490 C C   . LEU A 66  ? 0.3998 0.4710 0.5606 0.0747  -0.1219 -0.2621 66  LEU A C   
491 O O   . LEU A 66  ? 0.4246 0.4658 0.5865 0.0787  -0.1154 -0.2669 66  LEU A O   
492 C CB  . LEU A 66  ? 0.3399 0.4373 0.5531 0.0500  -0.0987 -0.2205 66  LEU A CB  
493 C CG  . LEU A 66  ? 0.3680 0.4686 0.5810 0.0461  -0.0761 -0.1956 66  LEU A CG  
494 C CD1 . LEU A 66  ? 0.2610 0.3912 0.4462 0.0556  -0.0690 -0.1803 66  LEU A CD1 
495 C CD2 . LEU A 66  ? 0.3265 0.4218 0.5763 0.0259  -0.0664 -0.1864 66  LEU A CD2 
496 N N   . THR A 67  ? 0.4457 0.5164 0.5942 0.0746  -0.1457 -0.2811 67  THR A N   
497 C CA  . THR A 67  ? 0.5044 0.5388 0.6396 0.0770  -0.1633 -0.3110 67  THR A CA  
498 C C   . THR A 67  ? 0.5560 0.5795 0.6329 0.1023  -0.1576 -0.3280 67  THR A C   
499 O O   . THR A 67  ? 0.6157 0.6031 0.6708 0.1081  -0.1712 -0.3559 67  THR A O   
500 C CB  . THR A 67  ? 0.5512 0.5871 0.6973 0.0647  -0.1972 -0.3278 67  THR A CB  
501 O OG1 . THR A 67  ? 0.5551 0.6062 0.6487 0.0782  -0.2099 -0.3306 67  THR A OG1 
502 C CG2 . THR A 67  ? 0.4994 0.5600 0.7139 0.0429  -0.2003 -0.3133 67  THR A CG2 
503 N N   . LYS A 68  ? 0.5364 0.5910 0.5889 0.1161  -0.1363 -0.3134 68  LYS A N   
504 C CA  . LYS A 68  ? 0.5999 0.6543 0.6075 0.1403  -0.1214 -0.3298 68  LYS A CA  
505 C C   . LYS A 68  ? 0.5887 0.6248 0.6186 0.1549  -0.1082 -0.3344 68  LYS A C   
506 O O   . LYS A 68  ? 0.5074 0.5533 0.5735 0.1501  -0.0978 -0.3111 68  LYS A O   
507 C CB  . LYS A 68  ? 0.5968 0.6949 0.5775 0.1456  -0.0998 -0.3128 68  LYS A CB  
508 C CG  . LYS A 68  ? 0.6867 0.7863 0.6108 0.1421  -0.1117 -0.3174 68  LYS A CG  
509 C CD  . LYS A 68  ? 0.6912 0.8275 0.5872 0.1419  -0.0859 -0.2960 68  LYS A CD  
510 C CE  . LYS A 68  ? 0.8582 0.9845 0.6719 0.1442  -0.0887 -0.3058 68  LYS A CE  
511 N NZ  . LYS A 68  ? 0.8586 1.0175 0.6429 0.1407  -0.0555 -0.2856 68  LYS A NZ  
512 N N   . ARG A 69  ? 0.6602 0.6645 0.6615 0.1742  -0.1111 -0.3653 69  ARG A N   
513 C CA  . ARG A 69  ? 0.6905 0.6631 0.7049 0.1946  -0.1057 -0.3771 69  ARG A CA  
514 C C   . ARG A 69  ? 0.6266 0.6385 0.6708 0.2083  -0.0837 -0.3552 69  ARG A C   
515 O O   . ARG A 69  ? 0.6277 0.6179 0.7025 0.2079  -0.0876 -0.3413 69  ARG A O   
516 C CB  . ARG A 69  ? 0.7930 0.7395 0.7612 0.2206  -0.1045 -0.4161 69  ARG A CB  
517 C CG  . ARG A 69  ? 0.8476 0.7552 0.8256 0.2493  -0.1010 -0.4340 69  ARG A CG  
518 C CD  . ARG A 69  ? 0.9061 0.7836 0.8336 0.2752  -0.0982 -0.4768 69  ARG A CD  
519 N NE  . ARG A 69  ? 0.9725 0.8473 0.9156 0.3153  -0.0812 -0.4914 69  ARG A NE  
520 C CZ  . ARG A 69  ? 1.0469 0.8639 1.0103 0.3301  -0.0949 -0.4972 69  ARG A CZ  
521 N NH1 . ARG A 69  ? 1.0738 0.8285 1.0406 0.3033  -0.1219 -0.4891 69  ARG A NH1 
522 N NH2 . ARG A 69  ? 1.0240 0.8449 1.0061 0.3723  -0.0815 -0.5111 69  ARG A NH2 
523 N N   . ASN A 70  ? 0.5637 0.6309 0.5965 0.2174  -0.0621 -0.3513 70  ASN A N   
524 C CA  . ASN A 70  ? 0.5192 0.6317 0.5866 0.2294  -0.0430 -0.3340 70  ASN A CA  
525 C C   . ASN A 70  ? 0.4440 0.5958 0.5297 0.2045  -0.0375 -0.2988 70  ASN A C   
526 O O   . ASN A 70  ? 0.3957 0.5964 0.5025 0.2093  -0.0202 -0.2860 70  ASN A O   
527 C CB  . ASN A 70  ? 0.5251 0.6763 0.5799 0.2566  -0.0173 -0.3558 70  ASN A CB  
528 C CG  . ASN A 70  ? 0.6055 0.7166 0.6563 0.2896  -0.0207 -0.3900 70  ASN A CG  
529 O OD1 . ASN A 70  ? 0.6541 0.7368 0.7382 0.3035  -0.0337 -0.3877 70  ASN A OD1 
530 N ND2 . ASN A 70  ? 0.6625 0.7619 0.6653 0.3026  -0.0110 -0.4222 70  ASN A ND2 
531 N N   . ASN A 71  ? 0.4401 0.5709 0.5236 0.1780  -0.0526 -0.2845 71  ASN A N   
532 C CA  . ASN A 71  ? 0.3502 0.5069 0.4493 0.1562  -0.0483 -0.2534 71  ASN A CA  
533 C C   . ASN A 71  ? 0.3159 0.4709 0.4489 0.1559  -0.0469 -0.2344 71  ASN A C   
534 O O   . ASN A 71  ? 0.3741 0.4857 0.5177 0.1604  -0.0582 -0.2382 71  ASN A O   
535 C CB  . ASN A 71  ? 0.3694 0.5047 0.4689 0.1323  -0.0639 -0.2455 71  ASN A CB  
536 C CG  . ASN A 71  ? 0.3145 0.4717 0.4281 0.1136  -0.0573 -0.2159 71  ASN A CG  
537 O OD1 . ASN A 71  ? 0.2934 0.4837 0.3912 0.1118  -0.0460 -0.2047 71  ASN A OD1 
538 N ND2 . ASN A 71  ? 0.2686 0.4029 0.4078 0.0982  -0.0615 -0.2036 71  ASN A ND2 
539 N N   . MET A 72  ? 0.2852 0.4819 0.4292 0.1497  -0.0348 -0.2144 72  MET A N   
540 C CA  . MET A 72  ? 0.3010 0.4949 0.4694 0.1459  -0.0383 -0.1946 72  MET A CA  
541 C C   . MET A 72  ? 0.2726 0.4771 0.4393 0.1191  -0.0343 -0.1682 72  MET A C   
542 O O   . MET A 72  ? 0.2497 0.4497 0.4274 0.1125  -0.0376 -0.1511 72  MET A O   
543 C CB  . MET A 72  ? 0.3377 0.5725 0.5308 0.1686  -0.0318 -0.1993 72  MET A CB  
544 C CG  . MET A 72  ? 0.3564 0.5749 0.5539 0.2006  -0.0354 -0.2275 72  MET A CG  
545 S SD  . MET A 72  ? 0.4648 0.7342 0.7094 0.2348  -0.0308 -0.2370 72  MET A SD  
546 C CE  . MET A 72  ? 0.4828 0.8378 0.7329 0.2251  0.0023  -0.2381 72  MET A CE  
547 N N   . ASP A 73  ? 0.2479 0.4600 0.3965 0.1055  -0.0302 -0.1659 73  ASP A N   
548 C CA  . ASP A 73  ? 0.2106 0.4283 0.3543 0.0836  -0.0263 -0.1437 73  ASP A CA  
549 C C   . ASP A 73  ? 0.2052 0.3851 0.3536 0.0706  -0.0341 -0.1408 73  ASP A C   
550 O O   . ASP A 73  ? 0.2063 0.3771 0.3523 0.0710  -0.0418 -0.1533 73  ASP A O   
551 C CB  . ASP A 73  ? 0.2280 0.4734 0.3468 0.0787  -0.0183 -0.1411 73  ASP A CB  
552 C CG  . ASP A 73  ? 0.2756 0.5173 0.3857 0.0583  -0.0163 -0.1186 73  ASP A CG  
553 O OD1 . ASP A 73  ? 0.2478 0.4776 0.3715 0.0480  -0.0160 -0.1052 73  ASP A OD1 
554 O OD2 . ASP A 73  ? 0.2961 0.5392 0.3795 0.0531  -0.0167 -0.1144 73  ASP A OD2 
555 N N   . PHE A 74  ? 0.1937 0.3529 0.3492 0.0583  -0.0317 -0.1257 74  PHE A N   
556 C CA  . PHE A 74  ? 0.1901 0.3179 0.3544 0.0435  -0.0307 -0.1230 74  PHE A CA  
557 C C   . PHE A 74  ? 0.1988 0.3294 0.3597 0.0287  -0.0223 -0.1072 74  PHE A C   
558 O O   . PHE A 74  ? 0.2016 0.3081 0.3711 0.0163  -0.0149 -0.1034 74  PHE A O   
559 C CB  . PHE A 74  ? 0.2470 0.3335 0.4124 0.0402  -0.0312 -0.1222 74  PHE A CB  
560 C CG  . PHE A 74  ? 0.2275 0.2984 0.3973 0.0538  -0.0412 -0.1408 74  PHE A CG  
561 C CD1 . PHE A 74  ? 0.2548 0.3079 0.4381 0.0468  -0.0451 -0.1556 74  PHE A CD1 
562 C CD2 . PHE A 74  ? 0.3151 0.3941 0.4797 0.0750  -0.0478 -0.1466 74  PHE A CD2 
563 C CE1 . PHE A 74  ? 0.3390 0.3708 0.5209 0.0582  -0.0562 -0.1750 74  PHE A CE1 
564 C CE2 . PHE A 74  ? 0.3159 0.3750 0.4811 0.0911  -0.0568 -0.1667 74  PHE A CE2 
565 C CZ  . PHE A 74  ? 0.3476 0.3784 0.5164 0.0818  -0.0615 -0.1809 74  PHE A CZ  
566 N N   . SER A 75  ? 0.1555 0.3127 0.3023 0.0297  -0.0213 -0.0994 75  SER A N   
567 C CA  . SER A 75  ? 0.1815 0.3351 0.3188 0.0179  -0.0157 -0.0850 75  SER A CA  
568 C C   . SER A 75  ? 0.1931 0.3394 0.3457 0.0185  -0.0198 -0.0911 75  SER A C   
569 O O   . SER A 75  ? 0.1622 0.3186 0.3231 0.0277  -0.0318 -0.1045 75  SER A O   
570 C CB  . SER A 75  ? 0.1631 0.3423 0.2784 0.0165  -0.0143 -0.0755 75  SER A CB  
571 O OG  . SER A 75  ? 0.1815 0.3801 0.2984 0.0171  -0.0115 -0.0730 75  SER A OG  
572 N N   . ILE A 76  ? 0.1908 0.3190 0.3483 0.0094  -0.0109 -0.0830 76  ILE A N   
573 C CA  . ILE A 76  ? 0.1461 0.2721 0.3317 0.0123  -0.0136 -0.0896 76  ILE A CA  
574 C C   . ILE A 76  ? 0.1987 0.3135 0.3682 0.0112  -0.0111 -0.0768 76  ILE A C   
575 O O   . ILE A 76  ? 0.1956 0.2958 0.3353 0.0014  -0.0016 -0.0638 76  ILE A O   
576 C CB  . ILE A 76  ? 0.1820 0.2945 0.4028 0.0042  0.0003  -0.0987 76  ILE A CB  
577 C CG1 . ILE A 76  ? 0.1901 0.2719 0.3882 -0.0096 0.0221  -0.0878 76  ILE A CG1 
578 C CG2 . ILE A 76  ? 0.1847 0.3000 0.4226 0.0043  -0.0064 -0.1129 76  ILE A CG2 
579 C CD1 . ILE A 76  ? 0.2080 0.2730 0.4345 -0.0204 0.0439  -0.0958 76  ILE A CD1 
580 N N   . ARG A 77  ? 0.1963 0.3157 0.3853 0.0219  -0.0236 -0.0814 77  ARG A N   
581 C CA  . ARG A 77  ? 0.2779 0.3785 0.4578 0.0259  -0.0242 -0.0719 77  ARG A CA  
582 C C   . ARG A 77  ? 0.2504 0.3501 0.4843 0.0309  -0.0141 -0.0843 77  ARG A C   
583 O O   . ARG A 77  ? 0.2335 0.3577 0.5161 0.0378  -0.0237 -0.0994 77  ARG A O   
584 C CB  . ARG A 77  ? 0.2909 0.3937 0.4507 0.0386  -0.0504 -0.0675 77  ARG A CB  
585 C CG  . ARG A 77  ? 0.4137 0.5182 0.5181 0.0315  -0.0532 -0.0556 77  ARG A CG  
586 C CD  . ARG A 77  ? 0.4610 0.5662 0.5391 0.0429  -0.0786 -0.0552 77  ARG A CD  
587 N NE  . ARG A 77  ? 0.5620 0.6748 0.5895 0.0346  -0.0737 -0.0484 77  ARG A NE  
588 C CZ  . ARG A 77  ? 0.6333 0.7509 0.6284 0.0414  -0.0885 -0.0533 77  ARG A CZ  
589 N NH1 . ARG A 77  ? 0.6929 0.8204 0.6442 0.0323  -0.0746 -0.0484 77  ARG A NH1 
590 N NH2 . ARG A 77  ? 0.7421 0.8563 0.7485 0.0567  -0.1166 -0.0648 77  ARG A NH2 
591 N N   . ILE A 78  ? 0.2618 0.3346 0.4879 0.0261  0.0068  -0.0798 78  ILE A N   
592 C CA  . ILE A 78  ? 0.2618 0.3342 0.5384 0.0320  0.0243  -0.0932 78  ILE A CA  
593 C C   . ILE A 78  ? 0.2784 0.3303 0.5498 0.0488  0.0150  -0.0885 78  ILE A C   
594 O O   . ILE A 78  ? 0.3217 0.3361 0.5394 0.0428  0.0199  -0.0753 78  ILE A O   
595 C CB  . ILE A 78  ? 0.2957 0.3432 0.5585 0.0143  0.0606  -0.0947 78  ILE A CB  
596 C CG1 . ILE A 78  ? 0.2802 0.3343 0.5365 -0.0019 0.0666  -0.0957 78  ILE A CG1 
597 C CG2 . ILE A 78  ? 0.2819 0.3328 0.5994 0.0204  0.0866  -0.1115 78  ILE A CG2 
598 C CD1 . ILE A 78  ? 0.2867 0.3048 0.5109 -0.0206 0.0972  -0.0934 78  ILE A CD1 
599 N N   . SER A 79  ? 0.3205 0.3950 0.6495 0.0699  -0.0015 -0.1001 79  SER A N   
600 C CA  . SER A 79  ? 0.3527 0.4045 0.6803 0.0921  -0.0181 -0.0960 79  SER A CA  
601 C C   . SER A 79  ? 0.3666 0.4039 0.7294 0.1005  0.0122  -0.1086 79  SER A C   
602 O O   . SER A 79  ? 0.3198 0.3753 0.7210 0.0899  0.0454  -0.1232 79  SER A O   
603 C CB  . SER A 79  ? 0.3303 0.4120 0.7002 0.1144  -0.0589 -0.1020 79  SER A CB  
604 O OG  . SER A 79  ? 0.3803 0.5122 0.8415 0.1186  -0.0539 -0.1251 79  SER A OG  
605 N N   . SER A 80  ? 0.3964 0.3938 0.7377 0.1184  0.0031  -0.1027 80  SER A N   
606 C CA  . SER A 80  ? 0.3868 0.3678 0.7637 0.1345  0.0284  -0.1180 80  SER A CA  
607 C C   . SER A 80  ? 0.4287 0.3853 0.7769 0.1117  0.0773  -0.1241 80  SER A C   
608 O O   . SER A 80  ? 0.4202 0.3947 0.8230 0.1155  0.1123  -0.1451 80  SER A O   
609 C CB  . SER A 80  ? 0.3994 0.4390 0.8881 0.1583  0.0247  -0.1416 80  SER A CB  
610 O OG  . SER A 80  ? 0.5074 0.5597 1.0174 0.1839  -0.0269 -0.1366 80  SER A OG  
611 N N   . ILE A 81  ? 0.3868 0.2998 0.6481 0.0879  0.0802  -0.1064 81  ILE A N   
612 C CA  . ILE A 81  ? 0.4469 0.3299 0.6668 0.0644  0.1189  -0.1103 81  ILE A CA  
613 C C   . ILE A 81  ? 0.4592 0.3011 0.6794 0.0776  0.1494  -0.1265 81  ILE A C   
614 O O   . ILE A 81  ? 0.5456 0.3501 0.7515 0.0972  0.1346  -0.1244 81  ILE A O   
615 C CB  . ILE A 81  ? 0.4147 0.2621 0.5472 0.0380  0.1077  -0.0887 81  ILE A CB  
616 C CG1 . ILE A 81  ? 0.4047 0.2965 0.5412 0.0254  0.0877  -0.0778 81  ILE A CG1 
617 C CG2 . ILE A 81  ? 0.5584 0.3630 0.6375 0.0156  0.1393  -0.0922 81  ILE A CG2 
618 C CD1 . ILE A 81  ? 0.4226 0.3509 0.6003 0.0180  0.1055  -0.0894 81  ILE A CD1 
619 N N   . THR A 82  ? 0.4856 0.3287 0.7180 0.0672  0.1936  -0.1432 82  THR A N   
620 C CA  . THR A 82  ? 0.5698 0.3694 0.7905 0.0764  0.2314  -0.1617 82  THR A CA  
621 C C   . THR A 82  ? 0.6121 0.3612 0.7454 0.0433  0.2624  -0.1592 82  THR A C   
622 O O   . THR A 82  ? 0.5491 0.3083 0.6515 0.0172  0.2547  -0.1451 82  THR A O   
623 C CB  . THR A 82  ? 0.5971 0.4475 0.9210 0.0968  0.2649  -0.1898 82  THR A CB  
624 O OG1 . THR A 82  ? 0.5556 0.4198 0.8784 0.0689  0.3081  -0.1979 82  THR A OG1 
625 C CG2 . THR A 82  ? 0.5376 0.4596 0.9594 0.1203  0.2275  -0.1909 82  THR A CG2 
626 N N   . PRO A 83  ? 0.6784 0.3700 0.7701 0.0458  0.2965  -0.1746 83  PRO A N   
627 C CA  . PRO A 83  ? 0.7348 0.3724 0.7338 0.0133  0.3228  -0.1727 83  PRO A CA  
628 C C   . PRO A 83  ? 0.7190 0.3894 0.7339 -0.0082 0.3507  -0.1747 83  PRO A C   
629 O O   . PRO A 83  ? 0.7647 0.3956 0.6986 -0.0373 0.3549  -0.1639 83  PRO A O   
630 C CB  . PRO A 83  ? 0.8180 0.3971 0.7872 0.0256  0.3631  -0.1969 83  PRO A CB  
631 C CG  . PRO A 83  ? 0.8562 0.4350 0.8712 0.0622  0.3382  -0.2012 83  PRO A CG  
632 C CD  . PRO A 83  ? 0.6825 0.3484 0.8009 0.0786  0.3111  -0.1949 83  PRO A CD  
633 N N   . ALA A 84  ? 0.6722 0.4110 0.7901 0.0053  0.3665  -0.1880 84  ALA A N   
634 C CA  . ALA A 84  ? 0.6649 0.4369 0.8095 -0.0168 0.3934  -0.1903 84  ALA A CA  
635 C C   . ALA A 84  ? 0.6209 0.4074 0.7418 -0.0365 0.3546  -0.1658 84  ALA A C   
636 O O   . ALA A 84  ? 0.6329 0.4220 0.7449 -0.0597 0.3728  -0.1629 84  ALA A O   
637 C CB  . ALA A 84  ? 0.6095 0.4590 0.8839 0.0018  0.4113  -0.2111 84  ALA A CB  
638 N N   . ASP A 85  ? 0.5788 0.3730 0.6903 -0.0268 0.3038  -0.1491 85  ASP A N   
639 C CA  . ASP A 85  ? 0.5151 0.3291 0.6130 -0.0397 0.2683  -0.1295 85  ASP A CA  
640 C C   . ASP A 85  ? 0.5545 0.3161 0.5537 -0.0620 0.2548  -0.1117 85  ASP A C   
641 O O   . ASP A 85  ? 0.5251 0.3018 0.5133 -0.0712 0.2280  -0.0970 85  ASP A O   
642 C CB  . ASP A 85  ? 0.4701 0.3281 0.6154 -0.0189 0.2243  -0.1224 85  ASP A CB  
643 C CG  . ASP A 85  ? 0.4803 0.3953 0.7266 0.0022  0.2267  -0.1389 85  ASP A CG  
644 O OD1 . ASP A 85  ? 0.4755 0.4221 0.7683 -0.0080 0.2466  -0.1485 85  ASP A OD1 
645 O OD2 . ASP A 85  ? 0.4779 0.4033 0.7568 0.0278  0.2077  -0.1423 85  ASP A OD2 
646 N N   . VAL A 86  ? 0.5929 0.2925 0.5209 -0.0697 0.2707  -0.1141 86  VAL A N   
647 C CA  A VAL A 86  ? 0.6368 0.2872 0.4730 -0.0921 0.2527  -0.0984 86  VAL A CA  
648 C CA  B VAL A 86  ? 0.6368 0.2870 0.4726 -0.0922 0.2526  -0.0983 86  VAL A CA  
649 C C   . VAL A 86  ? 0.6447 0.2836 0.4521 -0.1119 0.2638  -0.0925 86  VAL A C   
650 O O   . VAL A 86  ? 0.6898 0.3261 0.5136 -0.1172 0.3050  -0.1044 86  VAL A O   
651 C CB  A VAL A 86  ? 0.7118 0.2880 0.4676 -0.0994 0.2673  -0.1050 86  VAL A CB  
652 C CB  B VAL A 86  ? 0.7108 0.2860 0.4647 -0.0997 0.2661  -0.1045 86  VAL A CB  
653 C CG1 A VAL A 86  ? 0.7037 0.2352 0.3714 -0.1233 0.2391  -0.0886 86  VAL A CG1 
654 C CG1 B VAL A 86  ? 0.7584 0.3324 0.5291 -0.0825 0.2466  -0.1058 86  VAL A CG1 
655 C CG2 A VAL A 86  ? 0.7658 0.3409 0.5453 -0.0793 0.2553  -0.1102 86  VAL A CG2 
656 C CG2 B VAL A 86  ? 0.7420 0.2811 0.4777 -0.1019 0.3222  -0.1254 86  VAL A CG2 
657 N N   . GLY A 87  ? 0.5908 0.2216 0.3569 -0.1233 0.2283  -0.0743 87  GLY A N   
658 C CA  . GLY A 87  ? 0.6563 0.2704 0.3919 -0.1384 0.2278  -0.0652 87  GLY A CA  
659 C C   . GLY A 87  ? 0.6353 0.2786 0.3783 -0.1358 0.1795  -0.0485 87  GLY A C   
660 O O   . GLY A 87  ? 0.5896 0.2687 0.3606 -0.1257 0.1520  -0.0446 87  GLY A O   
661 N N   . THR A 88  ? 0.6426 0.2674 0.3588 -0.1447 0.1712  -0.0391 88  THR A N   
662 C CA  . THR A 88  ? 0.6169 0.2730 0.3505 -0.1375 0.1287  -0.0267 88  THR A CA  
663 C C   . THR A 88  ? 0.5484 0.2488 0.3513 -0.1269 0.1329  -0.0316 88  THR A C   
664 O O   . THR A 88  ? 0.5826 0.2590 0.3821 -0.1364 0.1597  -0.0355 88  THR A O   
665 C CB  . THR A 88  ? 0.6555 0.2538 0.3083 -0.1504 0.1060  -0.0124 88  THR A CB  
666 O OG1 . THR A 88  ? 0.7722 0.3289 0.3602 -0.1622 0.0989  -0.0104 88  THR A OG1 
667 C CG2 . THR A 88  ? 0.6838 0.3202 0.3650 -0.1379 0.0613  -0.0022 88  THR A CG2 
668 N N   . TYR A 89  ? 0.4613 0.2232 0.3230 -0.1101 0.1084  -0.0323 89  TYR A N   
669 C CA  . TYR A 89  ? 0.4060 0.2117 0.3323 -0.0985 0.1063  -0.0396 89  TYR A CA  
670 C C   . TYR A 89  ? 0.4403 0.2509 0.3614 -0.0915 0.0757  -0.0317 89  TYR A C   
671 O O   . TYR A 89  ? 0.3978 0.2285 0.3129 -0.0843 0.0481  -0.0245 89  TYR A O   
672 C CB  . TYR A 89  ? 0.3856 0.2506 0.3723 -0.0825 0.0993  -0.0476 89  TYR A CB  
673 C CG  . TYR A 89  ? 0.3616 0.2262 0.3691 -0.0823 0.1263  -0.0581 89  TYR A CG  
674 C CD1 . TYR A 89  ? 0.3217 0.2179 0.3929 -0.0758 0.1398  -0.0720 89  TYR A CD1 
675 C CD2 . TYR A 89  ? 0.3998 0.2298 0.3650 -0.0884 0.1379  -0.0561 89  TYR A CD2 
676 C CE1 . TYR A 89  ? 0.3741 0.2761 0.4766 -0.0717 0.1635  -0.0838 89  TYR A CE1 
677 C CE2 . TYR A 89  ? 0.4135 0.2407 0.4013 -0.0838 0.1643  -0.0685 89  TYR A CE2 
678 C CZ  . TYR A 89  ? 0.3645 0.2312 0.4254 -0.0737 0.1773  -0.0824 89  TYR A CZ  
679 O OH  . TYR A 89  ? 0.4332 0.3052 0.5299 -0.0649 0.2019  -0.0967 89  TYR A OH  
680 N N   . TYR A 90  ? 0.4465 0.2400 0.3749 -0.0937 0.0814  -0.0344 90  TYR A N   
681 C CA  . TYR A 90  ? 0.4146 0.1976 0.3329 -0.0849 0.0540  -0.0282 90  TYR A CA  
682 C C   . TYR A 90  ? 0.4085 0.2321 0.3869 -0.0715 0.0487  -0.0409 90  TYR A C   
683 O O   . TYR A 90  ? 0.3972 0.2253 0.4079 -0.0790 0.0695  -0.0517 90  TYR A O   
684 C CB  . TYR A 90  ? 0.5210 0.2262 0.3763 -0.1009 0.0613  -0.0181 90  TYR A CB  
685 C CG  . TYR A 90  ? 0.5756 0.2285 0.3544 -0.1148 0.0618  -0.0057 90  TYR A CG  
686 C CD1 . TYR A 90  ? 0.6386 0.2741 0.3781 -0.1076 0.0234  0.0071  90  TYR A CD1 
687 C CD2 . TYR A 90  ? 0.6517 0.2727 0.3988 -0.1345 0.0996  -0.0087 90  TYR A CD2 
688 C CE1 . TYR A 90  ? 0.6661 0.2499 0.3303 -0.1220 0.0180  0.0174  90  TYR A CE1 
689 C CE2 . TYR A 90  ? 0.7076 0.2724 0.3734 -0.1480 0.0999  0.0003  90  TYR A CE2 
690 C CZ  . TYR A 90  ? 0.7191 0.2627 0.3399 -0.1430 0.0569  0.0140  90  TYR A CZ  
691 O OH  . TYR A 90  ? 0.8502 0.3336 0.3850 -0.1583 0.0527  0.0217  90  TYR A OH  
692 N N   . CYS A 91  ? 0.3832 0.2389 0.3787 -0.0517 0.0205  -0.0415 91  CYS A N   
693 C CA  A CYS A 91  ? 0.3609 0.2451 0.3980 -0.0361 0.0102  -0.0545 91  CYS A CA  
694 C CA  B CYS A 91  ? 0.3679 0.2501 0.4057 -0.0371 0.0118  -0.0550 91  CYS A CA  
695 C C   . CYS A 91  ? 0.3897 0.2218 0.4009 -0.0329 -0.0025 -0.0509 91  CYS A C   
696 O O   . CYS A 91  ? 0.4056 0.2214 0.3893 -0.0228 -0.0244 -0.0405 91  CYS A O   
697 C CB  A CYS A 91  ? 0.3583 0.3005 0.4183 -0.0167 -0.0083 -0.0569 91  CYS A CB  
698 C CB  B CYS A 91  ? 0.3655 0.3117 0.4368 -0.0171 -0.0037 -0.0619 91  CYS A CB  
699 S SG  A CYS A 91  ? 0.2564 0.2403 0.3588 0.0042  -0.0179 -0.0758 91  CYS A SG  
700 S SG  B CYS A 91  ? 0.3107 0.2767 0.3736 0.0005  -0.0304 -0.0546 91  CYS A SG  
701 N N   . VAL A 92  ? 0.4002 0.2040 0.4209 -0.0420 0.0086  -0.0590 92  VAL A N   
702 C CA  . VAL A 92  ? 0.4493 0.1840 0.4336 -0.0451 0.0004  -0.0529 92  VAL A CA  
703 C C   . VAL A 92  ? 0.5099 0.2441 0.5258 -0.0345 -0.0096 -0.0694 92  VAL A C   
704 O O   . VAL A 92  ? 0.4574 0.2127 0.5124 -0.0457 0.0046  -0.0840 92  VAL A O   
705 C CB  . VAL A 92  ? 0.4827 0.1537 0.4255 -0.0785 0.0302  -0.0429 92  VAL A CB  
706 C CG1 . VAL A 92  ? 0.6269 0.2128 0.5197 -0.0856 0.0221  -0.0332 92  VAL A CG1 
707 C CG2 . VAL A 92  ? 0.5218 0.1797 0.4190 -0.0892 0.0405  -0.0287 92  VAL A CG2 
708 N N   . LYS A 93  ? 0.5289 0.2356 0.5271 -0.0122 -0.0366 -0.0678 93  LYS A N   
709 C CA  . LYS A 93  ? 0.5684 0.2581 0.5834 0.0022  -0.0502 -0.0840 93  LYS A CA  
710 C C   . LYS A 93  ? 0.6462 0.2436 0.6208 -0.0197 -0.0449 -0.0761 93  LYS A C   
711 O O   . LYS A 93  ? 0.7000 0.2331 0.6172 -0.0261 -0.0499 -0.0553 93  LYS A O   
712 C CB  . LYS A 93  ? 0.5770 0.2811 0.5953 0.0412  -0.0805 -0.0874 93  LYS A CB  
713 C CG  . LYS A 93  ? 0.6446 0.3131 0.6669 0.0624  -0.0977 -0.1038 93  LYS A CG  
714 C CD  . LYS A 93  ? 0.5977 0.3146 0.6624 0.0686  -0.0915 -0.1309 93  LYS A CD  
715 C CE  . LYS A 93  ? 0.6616 0.3367 0.7238 0.0929  -0.1098 -0.1503 93  LYS A CE  
716 N NZ  . LYS A 93  ? 0.6114 0.3286 0.7040 0.0987  -0.1063 -0.1789 93  LYS A NZ  
717 N N   . PHE A 94  ? 0.6670 0.2540 0.6675 -0.0330 -0.0366 -0.0926 94  PHE A N   
718 C CA  . PHE A 94  ? 0.7369 0.2343 0.7036 -0.0569 -0.0313 -0.0878 94  PHE A CA  
719 C C   . PHE A 94  ? 0.8237 0.2840 0.7900 -0.0323 -0.0594 -0.1030 94  PHE A C   
720 O O   . PHE A 94  ? 0.7683 0.2839 0.7720 -0.0027 -0.0746 -0.1235 94  PHE A O   
721 C CB  . PHE A 94  ? 0.7260 0.2362 0.7284 -0.0974 0.0011  -0.0969 94  PHE A CB  
722 C CG  . PHE A 94  ? 0.6786 0.1994 0.6711 -0.1252 0.0355  -0.0820 94  PHE A CG  
723 C CD1 . PHE A 94  ? 0.7725 0.2225 0.7231 -0.1633 0.0641  -0.0678 94  PHE A CD1 
724 C CD2 . PHE A 94  ? 0.6167 0.2122 0.6357 -0.1134 0.0413  -0.0829 94  PHE A CD2 
725 C CE1 . PHE A 94  ? 0.8158 0.2741 0.7532 -0.1874 0.1007  -0.0575 94  PHE A CE1 
726 C CE2 . PHE A 94  ? 0.6417 0.2414 0.6487 -0.1360 0.0736  -0.0724 94  PHE A CE2 
727 C CZ  . PHE A 94  ? 0.7236 0.2567 0.6905 -0.1719 0.1046  -0.0610 94  PHE A CZ  
728 N N   . ARG A 95  ? 0.9259 0.2852 0.8424 -0.0449 -0.0649 -0.0924 95  ARG A N   
729 C CA  . ARG A 95  ? 1.0161 0.3205 0.9277 -0.0288 -0.0877 -0.1083 95  ARG A CA  
730 C C   . ARG A 95  ? 1.0669 0.3334 0.9894 -0.0742 -0.0671 -0.1173 95  ARG A C   
731 O O   . ARG A 95  ? 1.0666 0.3246 0.9835 -0.1164 -0.0356 -0.1038 95  ARG A O   
732 C CB  . ARG A 95  ? 1.1200 0.3260 0.9639 -0.0086 -0.1144 -0.0887 95  ARG A CB  
733 N N   . LYS A 96  ? 1.0941 0.3403 1.0351 -0.0663 -0.0835 -0.1424 96  LYS A N   
734 C CA  . LYS A 96  ? 1.1557 0.3605 1.1107 -0.1106 -0.0706 -0.1539 96  LYS A CA  
735 C C   . LYS A 96  ? 1.2640 0.3330 1.1502 -0.1244 -0.0791 -0.1394 96  LYS A C   
736 O O   . LYS A 96  ? 1.3020 0.3088 1.1397 -0.1567 -0.0590 -0.1112 96  LYS A O   
737 C CB  . LYS A 96  ? 1.1013 0.3513 1.1074 -0.0982 -0.0873 -0.1912 96  LYS A CB  
738 N N   . ASN A 101 ? 1.1770 0.4252 1.1767 -0.2852 0.0836  -0.1075 101 ASN A N   
739 C CA  . ASN A 101 ? 1.1294 0.3921 1.0927 -0.2324 0.0538  -0.0985 101 ASN A CA  
740 C C   . ASN A 101 ? 1.1775 0.3808 1.0559 -0.2354 0.0664  -0.0659 101 ASN A C   
741 O O   . ASN A 101 ? 1.2334 0.4195 1.0936 -0.2750 0.1079  -0.0532 101 ASN A O   
742 C CB  . ASN A 101 ? 1.0126 0.3986 1.0465 -0.2063 0.0498  -0.1152 101 ASN A CB  
743 C CG  . ASN A 101 ? 0.9698 0.4113 1.0739 -0.1974 0.0291  -0.1470 101 ASN A CG  
744 O OD1 . ASN A 101 ? 1.1088 0.5015 1.1999 -0.1891 0.0038  -0.1595 101 ASN A OD1 
745 N ND2 . ASN A 101 ? 0.9635 0.5017 1.1372 -0.1975 0.0373  -0.1611 101 ASN A ND2 
746 N N   . VAL A 102 ? 1.1723 0.3458 0.9997 -0.1936 0.0306  -0.0540 102 VAL A N   
747 C CA  . VAL A 102 ? 1.2058 0.3288 0.9517 -0.1906 0.0313  -0.0243 102 VAL A CA  
748 C C   . VAL A 102 ? 1.0825 0.2825 0.8469 -0.1464 0.0070  -0.0255 102 VAL A C   
749 O O   . VAL A 102 ? 1.0050 0.2516 0.8110 -0.1076 -0.0239 -0.0419 102 VAL A O   
750 C CB  . VAL A 102 ? 1.3618 0.3540 1.0154 -0.1849 0.0040  -0.0030 102 VAL A CB  
751 C CG1 . VAL A 102 ? 1.3965 0.3312 0.9577 -0.1867 0.0025  0.0285  102 VAL A CG1 
752 C CG2 . VAL A 102 ? 1.3639 0.3591 1.0367 -0.1318 -0.0465 -0.0164 102 VAL A CG2 
753 N N   . GLU A 103 ? 1.0960 0.3049 0.8256 -0.1545 0.0223  -0.0089 103 GLU A N   
754 C CA  . GLU A 103 ? 1.0047 0.2847 0.7517 -0.1197 0.0008  -0.0092 103 GLU A CA  
755 C C   . GLU A 103 ? 1.0435 0.2904 0.7604 -0.0782 -0.0493 -0.0015 103 GLU A C   
756 O O   . GLU A 103 ? 1.1667 0.3131 0.8070 -0.0802 -0.0666 0.0186  103 GLU A O   
757 C CB  . GLU A 103 ? 1.0311 0.3090 0.7339 -0.1393 0.0246  0.0069  103 GLU A CB  
758 C CG  . GLU A 103 ? 0.9270 0.2729 0.6462 -0.1091 0.0016  0.0071  103 GLU A CG  
759 C CD  . GLU A 103 ? 0.9829 0.3305 0.6645 -0.1299 0.0273  0.0174  103 GLU A CD  
760 O OE1 . GLU A 103 ? 1.0220 0.3602 0.7019 -0.1633 0.0726  0.0146  103 GLU A OE1 
761 O OE2 . GLU A 103 ? 0.9404 0.3003 0.5975 -0.1130 0.0025  0.0262  103 GLU A OE2 
762 N N   . PHE A 104 ? 0.9367 0.2673 0.7147 -0.0403 -0.0721 -0.0178 104 PHE A N   
763 C CA  . PHE A 104 ? 0.9617 0.2832 0.7348 0.0038  -0.1171 -0.0166 104 PHE A CA  
764 C C   . PHE A 104 ? 0.9376 0.3083 0.7095 0.0218  -0.1355 -0.0061 104 PHE A C   
765 O O   . PHE A 104 ? 0.9692 0.2908 0.6958 0.0387  -0.1691 0.0106  104 PHE A O   
766 C CB  . PHE A 104 ? 0.9274 0.3050 0.7694 0.0344  -0.1280 -0.0454 104 PHE A CB  
767 C CG  . PHE A 104 ? 0.9476 0.3185 0.7951 0.0829  -0.1689 -0.0492 104 PHE A CG  
768 C CD1 . PHE A 104 ? 1.1141 0.3797 0.9080 0.0948  -0.1962 -0.0376 104 PHE A CD1 
769 C CD2 . PHE A 104 ? 0.9249 0.3932 0.8323 0.1167  -0.1794 -0.0645 104 PHE A CD2 
770 C CE1 . PHE A 104 ? 1.1238 0.3857 0.9314 0.1448  -0.2361 -0.0432 104 PHE A CE1 
771 C CE2 . PHE A 104 ? 0.9873 0.4587 0.9122 0.1635  -0.2140 -0.0712 104 PHE A CE2 
772 C CZ  . PHE A 104 ? 1.0387 0.4090 0.9174 0.1800  -0.2437 -0.0615 104 PHE A CZ  
773 N N   . LYS A 105 ? 0.8092 0.2739 0.6307 0.0176  -0.1167 -0.0158 105 LYS A N   
774 C CA  . LYS A 105 ? 0.7862 0.3038 0.6136 0.0293  -0.1318 -0.0082 105 LYS A CA  
775 C C   . LYS A 105 ? 0.6847 0.2651 0.5360 0.0062  -0.0991 -0.0122 105 LYS A C   
776 O O   . LYS A 105 ? 0.6422 0.2656 0.5389 -0.0007 -0.0752 -0.0284 105 LYS A O   
777 C CB  . LYS A 105 ? 0.7556 0.3411 0.6422 0.0720  -0.1612 -0.0220 105 LYS A CB  
778 C CG  . LYS A 105 ? 0.9093 0.4596 0.7713 0.0993  -0.2065 -0.0089 105 LYS A CG  
779 C CD  . LYS A 105 ? 0.9385 0.5124 0.8515 0.1445  -0.2314 -0.0271 105 LYS A CD  
780 C CE  . LYS A 105 ? 0.9874 0.5454 0.8950 0.1771  -0.2805 -0.0161 105 LYS A CE  
781 N NZ  . LYS A 105 ? 1.0066 0.5767 0.9629 0.2256  -0.3038 -0.0354 105 LYS A NZ  
782 N N   . SER A 106 ? 0.7197 0.3002 0.5377 -0.0046 -0.1018 0.0020  106 SER A N   
783 C CA  . SER A 106 ? 0.6497 0.2807 0.4850 -0.0232 -0.0742 -0.0014 106 SER A CA  
784 C C   . SER A 106 ? 0.5878 0.2873 0.4536 -0.0073 -0.0953 -0.0020 106 SER A C   
785 O O   . SER A 106 ? 0.5683 0.2606 0.4216 0.0087  -0.1304 0.0065  106 SER A O   
786 C CB  . SER A 106 ? 0.7150 0.2800 0.4781 -0.0557 -0.0515 0.0130  106 SER A CB  
787 O OG  . SER A 106 ? 0.6960 0.3054 0.4748 -0.0689 -0.0276 0.0083  106 SER A OG  
788 N N   . GLY A 107 ? 0.5047 0.2692 0.4119 -0.0128 -0.0750 -0.0114 107 GLY A N   
789 C CA  . GLY A 107 ? 0.4744 0.2948 0.4003 -0.0098 -0.0868 -0.0093 107 GLY A CA  
790 C C   . GLY A 107 ? 0.5126 0.2865 0.3765 -0.0316 -0.0890 0.0057  107 GLY A C   
791 O O   . GLY A 107 ? 0.5759 0.2779 0.3813 -0.0499 -0.0733 0.0129  107 GLY A O   
792 N N   . PRO A 108 ? 0.4948 0.3061 0.3668 -0.0325 -0.1076 0.0097  108 PRO A N   
793 C CA  . PRO A 108 ? 0.5747 0.3397 0.3832 -0.0530 -0.1170 0.0220  108 PRO A CA  
794 C C   . PRO A 108 ? 0.5506 0.2934 0.3283 -0.0777 -0.0800 0.0198  108 PRO A C   
795 O O   . PRO A 108 ? 0.6369 0.3247 0.3471 -0.0964 -0.0811 0.0275  108 PRO A O   
796 C CB  . PRO A 108 ? 0.5373 0.3645 0.3845 -0.0466 -0.1484 0.0228  108 PRO A CB  
797 C CG  . PRO A 108 ? 0.4672 0.3769 0.3920 -0.0331 -0.1343 0.0102  108 PRO A CG  
798 C CD  . PRO A 108 ? 0.4313 0.3295 0.3717 -0.0165 -0.1201 0.0018  108 PRO A CD  
799 N N   . GLY A 109 ? 0.5098 0.2918 0.3347 -0.0752 -0.0501 0.0084  109 GLY A N   
800 C CA  . GLY A 109 ? 0.4671 0.2401 0.2825 -0.0905 -0.0162 0.0031  109 GLY A CA  
801 C C   . GLY A 109 ? 0.4753 0.2909 0.3113 -0.0940 -0.0196 0.0018  109 GLY A C   
802 O O   . GLY A 109 ? 0.4815 0.3140 0.3140 -0.0965 -0.0468 0.0082  109 GLY A O   
803 N N   . THR A 110 ? 0.4358 0.2675 0.2956 -0.0950 0.0070  -0.0065 110 THR A N   
804 C CA  . THR A 110 ? 0.4233 0.2794 0.2931 -0.0998 0.0074  -0.0065 110 THR A CA  
805 C C   . THR A 110 ? 0.4629 0.2700 0.2970 -0.1107 0.0352  -0.0112 110 THR A C   
806 O O   . THR A 110 ? 0.4672 0.2692 0.3203 -0.1056 0.0620  -0.0205 110 THR A O   
807 C CB  . THR A 110 ? 0.3505 0.2672 0.2800 -0.0855 0.0100  -0.0124 110 THR A CB  
808 O OG1 . THR A 110 ? 0.3425 0.3057 0.3033 -0.0743 -0.0110 -0.0110 110 THR A OG1 
809 C CG2 . THR A 110 ? 0.3645 0.2891 0.2914 -0.0930 0.0129  -0.0099 110 THR A CG2 
810 N N   . GLU A 111 ? 0.4924 0.2618 0.2757 -0.1263 0.0294  -0.0070 111 GLU A N   
811 C CA  . GLU A 111 ? 0.5452 0.2632 0.2899 -0.1344 0.0581  -0.0145 111 GLU A CA  
812 C C   . GLU A 111 ? 0.4921 0.2352 0.2748 -0.1259 0.0683  -0.0204 111 GLU A C   
813 O O   . GLU A 111 ? 0.4807 0.2497 0.2758 -0.1282 0.0484  -0.0139 111 GLU A O   
814 C CB  . GLU A 111 ? 0.6505 0.3071 0.3155 -0.1546 0.0468  -0.0101 111 GLU A CB  
815 C CG  . GLU A 111 ? 0.7937 0.3901 0.4111 -0.1615 0.0805  -0.0214 111 GLU A CG  
816 C CD  . GLU A 111 ? 0.8566 0.3775 0.3775 -0.1828 0.0714  -0.0194 111 GLU A CD  
817 O OE1 . GLU A 111 ? 0.9022 0.4213 0.3981 -0.1928 0.0322  -0.0080 111 GLU A OE1 
818 O OE2 . GLU A 111 ? 0.8676 0.3313 0.3390 -0.1885 0.1024  -0.0313 111 GLU A OE2 
819 N N   . MET A 112 ? 0.5119 0.2438 0.3110 -0.1170 0.0994  -0.0324 112 MET A N   
820 C CA  . MET A 112 ? 0.5159 0.2537 0.3388 -0.1067 0.1068  -0.0383 112 MET A CA  
821 C C   . MET A 112 ? 0.5814 0.2532 0.3491 -0.1145 0.1271  -0.0464 112 MET A C   
822 O O   . MET A 112 ? 0.5873 0.2273 0.3361 -0.1161 0.1578  -0.0573 112 MET A O   
823 C CB  . MET A 112 ? 0.4640 0.2397 0.3542 -0.0868 0.1232  -0.0491 112 MET A CB  
824 C CG  . MET A 112 ? 0.5455 0.3326 0.4647 -0.0711 0.1184  -0.0518 112 MET A CG  
825 S SD  . MET A 112 ? 0.6208 0.4581 0.6257 -0.0462 0.1269  -0.0652 112 MET A SD  
826 C CE  . MET A 112 ? 0.4563 0.3500 0.4879 -0.0434 0.0943  -0.0544 112 MET A CE  
827 N N   . ALA A 113 ? 0.5941 0.2419 0.3333 -0.1212 0.1122  -0.0421 113 ALA A N   
828 C CA  . ALA A 113 ? 0.6611 0.2391 0.3446 -0.1268 0.1292  -0.0523 113 ALA A CA  
829 C C   . ALA A 113 ? 0.6783 0.2551 0.3920 -0.1089 0.1310  -0.0566 113 ALA A C   
830 O O   . ALA A 113 ? 0.6263 0.2472 0.3831 -0.1008 0.1101  -0.0462 113 ALA A O   
831 C CB  . ALA A 113 ? 0.7126 0.2454 0.3230 -0.1539 0.1055  -0.0442 113 ALA A CB  
832 N N   . LEU A 114 ? 0.7073 0.2289 0.3940 -0.1014 0.1563  -0.0726 114 LEU A N   
833 C CA  . LEU A 114 ? 0.7599 0.2688 0.4730 -0.0790 0.1583  -0.0789 114 LEU A CA  
834 C C   . LEU A 114 ? 0.8079 0.2428 0.4508 -0.0937 0.1454  -0.0766 114 LEU A C   
835 O O   . LEU A 114 ? 0.8265 0.2013 0.3978 -0.1128 0.1538  -0.0840 114 LEU A O   
836 C CB  . LEU A 114 ? 0.8443 0.3529 0.5987 -0.0520 0.1973  -0.1023 114 LEU A CB  
837 C CG  . LEU A 114 ? 0.8632 0.3860 0.6782 -0.0183 0.1908  -0.1075 114 LEU A CG  
838 C CD1 . LEU A 114 ? 0.7861 0.3926 0.6877 -0.0023 0.1793  -0.1031 114 LEU A CD1 
839 C CD2 . LEU A 114 ? 0.9759 0.4620 0.8016 0.0057  0.2275  -0.1341 114 LEU A CD2 
840 N N   . GLY A 115 ? 0.7938 0.2282 0.4523 -0.0865 0.1232  -0.0660 115 GLY A N   
841 C CA  . GLY A 115 ? 0.8576 0.2247 0.4553 -0.1045 0.1060  -0.0599 115 GLY A CA  
842 C C   . GLY A 115 ? 0.9263 0.2525 0.5364 -0.0748 0.1093  -0.0669 115 GLY A C   
843 O O   . GLY A 115 ? 0.9122 0.2778 0.5876 -0.0411 0.1169  -0.0727 115 GLY A O   
844 N N   . ALA A 116 ? 0.9833 0.2287 0.5317 -0.0875 0.0997  -0.0661 116 ALA A N   
845 C CA  . ALA A 116 ? 1.0404 0.2277 0.5879 -0.0588 0.0984  -0.0720 116 ALA A CA  
846 C C   . ALA A 116 ? 1.0189 0.2281 0.5864 -0.0595 0.0663  -0.0454 116 ALA A C   
847 O O   . ALA A 116 ? 0.9982 0.2412 0.5555 -0.0926 0.0480  -0.0245 116 ALA A O   
848 C CB  . ALA A 116 ? 1.1670 0.2480 0.6313 -0.0745 0.1001  -0.0822 116 ALA A CB  
849 N N   . LYS A 117 ? 1.0749 0.2660 0.6711 -0.0221 0.0598  -0.0465 117 LYS A N   
850 C CA  . LYS A 117 ? 1.0415 0.2366 0.6389 -0.0229 0.0286  -0.0198 117 LYS A CA  
851 C C   . LYS A 117 ? 1.1388 0.2470 0.6547 -0.0581 0.0121  -0.0037 117 LYS A C   
852 O O   . LYS A 117 ? 1.2121 0.2385 0.6810 -0.0601 0.0203  -0.0181 117 LYS A O   
853 C CB  . LYS A 117 ? 1.0619 0.2531 0.7068 0.0288  0.0195  -0.0249 117 LYS A CB  
854 C CG  . LYS A 117 ? 0.9301 0.2209 0.6630 0.0548  0.0284  -0.0359 117 LYS A CG  
855 C CD  . LYS A 117 ? 0.9792 0.2721 0.7735 0.1086  0.0213  -0.0492 117 LYS A CD  
856 C CE  . LYS A 117 ? 0.9200 0.3177 0.8051 0.1260  0.0279  -0.0599 117 LYS A CE  
857 N NZ  . LYS A 117 ? 0.9804 0.3931 0.9400 0.1781  0.0160  -0.0742 117 LYS A NZ  
858 N N   . PRO A 118 ? 1.1511 0.2791 0.6498 -0.0897 -0.0081 0.0245  118 PRO A N   
859 C CA  . PRO A 118 ? 1.2595 0.3118 0.6883 -0.1279 -0.0243 0.0441  118 PRO A CA  
860 C C   . PRO A 118 ? 1.3483 0.2875 0.7344 -0.1029 -0.0343 0.0424  118 PRO A C   
861 O O   . PRO A 118 ? 1.4965 0.3488 0.8267 -0.1196 -0.0321 0.0331  118 PRO A O   
862 C CB  . PRO A 118 ? 1.2394 0.3469 0.6790 -0.1457 -0.0386 0.0730  118 PRO A CB  
863 C CG  . PRO A 118 ? 1.1033 0.3231 0.6084 -0.1373 -0.0279 0.0655  118 PRO A CG  
864 C CD  . PRO A 118 ? 1.0913 0.3205 0.6387 -0.0933 -0.0128 0.0378  118 PRO A CD  
# 
